data_2Y6R
#
_entry.id   2Y6R
#
_cell.length_a   67.416
_cell.length_b   78.870
_cell.length_c   86.609
_cell.angle_alpha   110.99
_cell.angle_beta   90.27
_cell.angle_gamma   92.87
#
_symmetry.space_group_name_H-M   'P 1'
#
loop_
_entity.id
_entity.type
_entity.pdbx_description
1 polymer 'TETX2 PROTEIN'
2 non-polymer 'FLAVIN-ADENINE DINUCLEOTIDE'
3 non-polymer 7-CHLOROTETRACYCLINE
4 non-polymer 'SULFATE ION'
5 water water
#
_entity_poly.entity_id   1
_entity_poly.type   'polypeptide(L)'
_entity_poly.pdbx_seq_one_letter_code
;MGSSHHHHHHSSGLVPRGSHMNLLSDKNVAIIGGGPVGLTMAKLLQQNGIDVSVYERDNDREARIFGGTLDLHKGSGQEA
MKKAGLLQTYYDLALPMGVNIADAAGNILSTKNVKPENRFDNPEINRNDLRAILLNSLENDTVIWDRKLVMLEPGKKKWT
LTFENKPSETADLVILANGGMSKVRKFVTDTEVEETGTFNIQADIHQPEINCPGFFQLCNGNRLMASHQGNLLFANPNNN
GALHFGISFKTPDEWKNQTQVDFQNRNSVVDFLLKEFSDWDERYKELIHTTLSFVGLATRIFPLEKPWKSKRPLPITMIG
DAAHLMPPFAGQGVNSGLVDALILSDNLADGKFNSIEEAVKNYEQQMFIYGKEAQEESTQNEIEMFKPDFTFQQLLNV
;
_entity_poly.pdbx_strand_id   A,B,C,D
#
# COMPACT_ATOMS: atom_id res chain seq x y z
N SER A 25 8.19 16.23 39.63
CA SER A 25 9.03 14.99 39.55
C SER A 25 10.55 15.26 39.73
N ASP A 26 11.16 14.57 40.69
CA ASP A 26 12.61 14.57 40.86
C ASP A 26 13.07 13.14 40.74
N LYS A 27 12.33 12.38 39.93
CA LYS A 27 12.43 10.93 39.87
C LYS A 27 12.82 10.43 38.48
N ASN A 28 12.63 9.14 38.22
CA ASN A 28 12.92 8.59 36.88
C ASN A 28 12.05 7.39 36.46
N VAL A 29 11.70 7.33 35.19
CA VAL A 29 10.86 6.24 34.68
C VAL A 29 11.66 5.18 33.93
N ALA A 30 11.16 3.93 33.94
CA ALA A 30 11.80 2.85 33.18
C ALA A 30 10.74 2.12 32.40
N ILE A 31 10.74 2.30 31.08
CA ILE A 31 9.80 1.64 30.19
C ILE A 31 10.48 0.38 29.75
N ILE A 32 9.86 -0.74 30.04
CA ILE A 32 10.34 -2.01 29.53
C ILE A 32 9.81 -2.32 28.11
N GLY A 33 10.68 -2.26 27.12
CA GLY A 33 10.26 -2.61 25.77
C GLY A 33 10.32 -1.46 24.80
N GLY A 34 11.13 -1.63 23.73
CA GLY A 34 11.27 -0.64 22.67
C GLY A 34 10.33 -0.84 21.50
N GLY A 35 9.06 -1.16 21.78
CA GLY A 35 8.08 -1.27 20.72
C GLY A 35 7.62 0.11 20.24
N PRO A 36 6.78 0.16 19.19
CA PRO A 36 6.19 1.42 18.81
C PRO A 36 5.44 2.00 20.00
N VAL A 37 4.69 1.21 20.74
CA VAL A 37 4.09 1.78 21.93
C VAL A 37 5.11 2.28 22.99
N GLY A 38 6.16 1.48 23.28
CA GLY A 38 7.16 1.87 24.29
C GLY A 38 7.91 3.14 23.91
N LEU A 39 8.50 3.15 22.72
CA LEU A 39 9.29 4.31 22.29
C LEU A 39 8.48 5.60 22.26
N THR A 40 7.21 5.48 21.88
CA THR A 40 6.34 6.64 21.90
C THR A 40 6.20 7.20 23.33
N MET A 41 5.80 6.33 24.26
CA MET A 41 5.71 6.67 25.65
C MET A 41 6.96 7.43 26.01
N ALA A 42 8.13 6.90 25.63
CA ALA A 42 9.43 7.54 25.92
C ALA A 42 9.57 9.01 25.41
N LYS A 43 9.19 9.22 24.16
CA LYS A 43 9.25 10.55 23.57
C LYS A 43 8.39 11.53 24.33
N LEU A 44 7.12 11.16 24.54
CA LEU A 44 6.14 12.07 25.12
C LEU A 44 6.52 12.45 26.52
N LEU A 45 7.22 11.56 27.21
CA LEU A 45 7.75 11.85 28.53
C LEU A 45 8.99 12.74 28.42
N GLN A 46 9.93 12.34 27.55
CA GLN A 46 11.24 12.99 27.46
C GLN A 46 11.12 14.46 27.06
N GLN A 47 10.25 14.73 26.09
CA GLN A 47 9.97 16.12 25.66
C GLN A 47 9.28 16.98 26.75
N ASN A 48 8.86 16.35 27.85
CA ASN A 48 8.37 17.12 28.99
C ASN A 48 9.41 17.23 30.06
N GLY A 49 10.60 16.69 29.82
CA GLY A 49 11.69 16.76 30.77
C GLY A 49 11.91 15.48 31.58
N ILE A 50 10.81 14.85 31.97
CA ILE A 50 10.84 13.62 32.74
C ILE A 50 11.98 12.69 32.33
N ASP A 51 12.88 12.40 33.26
CA ASP A 51 13.99 11.47 33.05
C ASP A 51 13.51 10.03 32.81
N VAL A 52 13.81 9.49 31.64
CA VAL A 52 13.21 8.22 31.20
C VAL A 52 14.22 7.26 30.55
N SER A 53 13.91 5.96 30.56
CA SER A 53 14.77 4.96 29.95
C SER A 53 13.99 3.84 29.29
N VAL A 54 14.52 3.32 28.20
CA VAL A 54 13.82 2.24 27.52
C VAL A 54 14.71 0.99 27.46
N TYR A 55 14.28 -0.07 28.14
CA TYR A 55 15.04 -1.28 28.18
C TYR A 55 14.51 -2.25 27.13
N GLU A 56 15.30 -2.48 26.10
CA GLU A 56 14.85 -3.28 25.01
C GLU A 56 15.62 -4.59 24.89
N ARG A 57 14.86 -5.66 24.69
CA ARG A 57 15.34 -7.01 24.49
C ARG A 57 16.31 -7.09 23.31
N ASP A 58 15.90 -6.56 22.17
CA ASP A 58 16.63 -6.68 20.90
C ASP A 58 18.10 -6.31 20.94
N ASN A 59 18.91 -7.04 20.19
CA ASN A 59 20.36 -7.02 20.37
C ASN A 59 21.05 -5.75 19.94
N ASP A 60 20.42 -4.99 19.04
CA ASP A 60 20.88 -3.68 18.58
C ASP A 60 19.73 -2.94 17.89
N ARG A 61 19.94 -1.71 17.44
CA ARG A 61 18.82 -0.94 16.82
C ARG A 61 18.43 -1.42 15.40
N GLU A 62 19.37 -2.07 14.72
CA GLU A 62 19.15 -2.57 13.36
C GLU A 62 18.63 -4.01 13.33
N ALA A 63 18.20 -4.51 14.50
CA ALA A 63 17.45 -5.78 14.59
C ALA A 63 16.17 -5.69 13.75
N ARG A 64 15.92 -6.71 12.93
CA ARG A 64 14.72 -6.73 12.04
C ARG A 64 13.43 -7.13 12.72
N ILE A 65 12.42 -6.29 12.58
CA ILE A 65 11.18 -6.54 13.26
C ILE A 65 10.24 -7.30 12.36
N PHE A 66 9.97 -8.54 12.71
CA PHE A 66 8.98 -9.34 11.98
C PHE A 66 7.52 -8.85 12.18
N GLY A 67 6.71 -9.02 11.12
CA GLY A 67 5.33 -8.55 11.12
C GLY A 67 4.93 -7.76 9.89
N GLY A 68 3.67 -7.34 9.85
CA GLY A 68 3.18 -6.59 8.72
C GLY A 68 3.60 -5.12 8.74
N THR A 69 2.81 -4.29 8.08
CA THR A 69 2.96 -2.89 8.25
C THR A 69 1.91 -2.41 9.26
N LEU A 70 2.06 -1.20 9.76
CA LEU A 70 1.10 -0.66 10.68
C LEU A 70 0.49 0.56 10.03
N ASP A 71 -0.73 0.88 10.44
CA ASP A 71 -1.42 2.05 9.93
C ASP A 71 -1.89 2.77 11.14
N LEU A 72 -1.55 4.04 11.22
CA LEU A 72 -1.99 4.89 12.32
C LEU A 72 -3.26 5.69 11.95
N HIS A 73 -4.38 5.33 12.61
CA HIS A 73 -5.67 5.99 12.41
C HIS A 73 -5.64 7.44 12.86
N LYS A 74 -6.34 8.29 12.08
CA LYS A 74 -6.34 9.73 12.30
C LYS A 74 -6.93 10.14 13.66
N GLY A 75 -7.88 9.36 14.17
CA GLY A 75 -8.41 9.62 15.51
C GLY A 75 -7.41 9.46 16.66
N SER A 76 -6.48 8.53 16.51
CA SER A 76 -5.76 7.99 17.68
C SER A 76 -4.26 7.90 17.47
N GLY A 77 -3.85 6.85 16.78
CA GLY A 77 -2.44 6.58 16.55
C GLY A 77 -1.78 7.83 16.04
N GLN A 78 -2.44 8.46 15.07
CA GLN A 78 -1.94 9.70 14.52
C GLN A 78 -1.79 10.82 15.55
N GLU A 79 -2.74 10.93 16.47
CA GLU A 79 -2.70 12.00 17.47
C GLU A 79 -1.39 11.98 18.26
N ALA A 80 -0.96 10.78 18.67
CA ALA A 80 0.25 10.66 19.46
C ALA A 80 1.44 11.17 18.67
N MET A 81 1.51 10.78 17.39
CA MET A 81 2.57 11.25 16.52
C MET A 81 2.57 12.80 16.43
N LYS A 82 1.39 13.36 16.21
CA LYS A 82 1.17 14.80 16.28
C LYS A 82 1.87 15.34 17.52
N LYS A 83 1.54 14.78 18.69
CA LYS A 83 2.01 15.36 19.95
C LYS A 83 3.51 15.16 20.15
N ALA A 84 4.12 14.31 19.32
CA ALA A 84 5.58 14.14 19.34
C ALA A 84 6.27 14.84 18.15
N GLY A 85 5.49 15.51 17.30
CA GLY A 85 6.04 16.30 16.20
C GLY A 85 6.49 15.44 15.03
N LEU A 86 6.00 14.21 15.05
CA LEU A 86 6.47 13.17 14.16
C LEU A 86 5.43 12.80 13.12
N LEU A 87 4.22 13.36 13.25
CA LEU A 87 3.15 13.08 12.31
C LEU A 87 3.65 13.25 10.87
N GLN A 88 4.29 14.38 10.62
CA GLN A 88 4.76 14.65 9.28
C GLN A 88 5.70 13.54 8.82
N THR A 89 6.77 13.33 9.59
CA THR A 89 7.75 12.30 9.31
C THR A 89 7.08 10.95 9.03
N TYR A 90 5.99 10.69 9.73
CA TYR A 90 5.25 9.44 9.58
C TYR A 90 4.67 9.31 8.17
N TYR A 91 4.05 10.38 7.68
CA TYR A 91 3.52 10.33 6.36
C TYR A 91 4.66 10.11 5.36
N ASP A 92 5.73 10.88 5.54
CA ASP A 92 6.87 10.86 4.63
C ASP A 92 7.31 9.46 4.30
N LEU A 93 7.13 8.54 5.23
CA LEU A 93 7.61 7.16 5.07
C LEU A 93 6.48 6.16 4.79
N ALA A 94 5.32 6.49 5.35
CA ALA A 94 4.10 5.72 5.20
C ALA A 94 3.69 5.67 3.75
N LEU A 95 3.03 4.59 3.34
CA LEU A 95 2.52 4.51 1.99
C LEU A 95 1.01 4.22 1.97
N PRO A 96 0.18 5.17 1.51
CA PRO A 96 -1.24 4.92 1.26
C PRO A 96 -1.42 3.70 0.36
N MET A 97 -2.38 2.84 0.69
CA MET A 97 -2.55 1.60 -0.06
C MET A 97 -4.00 1.16 -0.29
N GLY A 98 -4.34 0.95 -1.56
CA GLY A 98 -5.62 0.37 -1.94
C GLY A 98 -5.78 -1.06 -1.50
N VAL A 99 -7.02 -1.56 -1.57
CA VAL A 99 -7.39 -2.88 -1.07
C VAL A 99 -8.20 -3.63 -2.11
N ASN A 100 -7.67 -4.74 -2.58
CA ASN A 100 -8.40 -5.64 -3.48
C ASN A 100 -8.99 -6.79 -2.67
N ILE A 101 -10.21 -7.18 -2.97
CA ILE A 101 -10.81 -8.34 -2.30
C ILE A 101 -10.96 -9.43 -3.34
N ALA A 102 -10.73 -10.68 -2.94
CA ALA A 102 -10.59 -11.75 -3.92
C ALA A 102 -11.35 -13.06 -3.64
N ASP A 103 -11.80 -13.72 -4.71
CA ASP A 103 -12.26 -15.10 -4.66
C ASP A 103 -11.00 -15.95 -4.63
N ALA A 104 -11.12 -17.25 -4.38
CA ALA A 104 -10.01 -18.14 -4.65
C ALA A 104 -9.64 -18.11 -6.14
N ALA A 105 -10.60 -18.11 -7.05
CA ALA A 105 -10.27 -17.96 -8.47
C ALA A 105 -9.54 -16.62 -8.75
N GLY A 106 -10.24 -15.49 -8.65
CA GLY A 106 -9.67 -14.20 -9.08
C GLY A 106 -10.43 -13.05 -8.46
N ASN A 107 -10.40 -11.89 -9.09
CA ASN A 107 -10.75 -10.62 -8.42
C ASN A 107 -12.24 -10.42 -8.10
N ILE A 108 -12.54 -9.62 -7.08
CA ILE A 108 -13.93 -9.34 -6.71
C ILE A 108 -14.22 -7.85 -6.54
N LEU A 109 -13.51 -7.18 -5.64
CA LEU A 109 -13.64 -5.74 -5.47
C LEU A 109 -12.28 -5.11 -5.41
N SER A 110 -12.07 -4.09 -6.23
CA SER A 110 -10.91 -3.21 -6.10
C SER A 110 -11.34 -1.93 -5.38
N THR A 111 -10.40 -1.29 -4.72
CA THR A 111 -10.65 -0.04 -4.04
C THR A 111 -9.31 0.66 -4.06
N LYS A 112 -9.20 1.75 -4.81
CA LYS A 112 -8.00 2.57 -4.72
C LYS A 112 -8.14 3.60 -3.58
N ASN A 113 -7.08 4.36 -3.34
CA ASN A 113 -7.13 5.43 -2.36
C ASN A 113 -7.44 6.73 -3.06
N VAL A 114 -8.59 7.31 -2.73
CA VAL A 114 -8.94 8.61 -3.29
C VAL A 114 -8.13 9.70 -2.58
N LYS A 115 -7.60 10.65 -3.37
CA LYS A 115 -6.64 11.63 -2.86
C LYS A 115 -7.16 12.49 -1.71
N PRO A 116 -8.48 12.78 -1.68
CA PRO A 116 -9.13 13.32 -0.49
C PRO A 116 -8.78 12.62 0.84
N GLU A 117 -8.25 11.40 0.80
CA GLU A 117 -8.14 10.60 2.01
C GLU A 117 -6.83 9.86 2.22
N ASN A 118 -5.92 9.96 1.24
CA ASN A 118 -4.64 9.22 1.30
C ASN A 118 -3.72 9.58 2.46
N ARG A 119 -3.97 10.71 3.12
CA ARG A 119 -3.15 11.10 4.25
C ARG A 119 -3.79 10.68 5.58
N PHE A 120 -4.88 9.92 5.53
CA PHE A 120 -5.51 9.51 6.79
C PHE A 120 -5.67 8.03 6.94
N ASP A 121 -5.50 7.58 8.18
CA ASP A 121 -5.88 6.23 8.66
C ASP A 121 -5.49 5.04 7.74
N ASN A 122 -4.76 5.35 6.70
CA ASN A 122 -4.44 4.37 5.69
C ASN A 122 -2.94 4.10 5.76
N PRO A 123 -2.12 5.18 5.86
CA PRO A 123 -0.74 5.13 5.38
C PRO A 123 0.07 4.04 6.06
N GLU A 124 0.28 2.95 5.35
CA GLU A 124 0.92 1.76 5.85
C GLU A 124 2.44 1.97 5.99
N ILE A 125 2.94 1.89 7.21
CA ILE A 125 4.36 2.09 7.49
C ILE A 125 5.06 0.80 7.96
N ASN A 126 6.30 0.63 7.52
CA ASN A 126 7.13 -0.52 7.88
C ASN A 126 7.55 -0.47 9.35
N ARG A 127 7.47 -1.62 10.01
CA ARG A 127 7.60 -1.62 11.46
C ARG A 127 8.90 -0.98 11.88
N ASN A 128 10.00 -1.39 11.24
CA ASN A 128 11.34 -0.81 11.42
C ASN A 128 11.44 0.68 11.16
N ASP A 129 10.92 1.12 10.02
CA ASP A 129 10.77 2.54 9.71
C ASP A 129 10.17 3.33 10.90
N LEU A 130 9.07 2.85 11.44
CA LEU A 130 8.47 3.55 12.59
C LEU A 130 9.45 3.72 13.77
N ARG A 131 10.17 2.62 14.07
CA ARG A 131 11.18 2.61 15.13
C ARG A 131 12.33 3.56 14.82
N ALA A 132 12.71 3.60 13.55
CA ALA A 132 13.76 4.52 13.17
C ALA A 132 13.28 5.92 13.52
N ILE A 133 12.07 6.27 13.06
CA ILE A 133 11.48 7.59 13.32
C ILE A 133 11.41 7.85 14.82
N LEU A 134 11.08 6.82 15.59
CA LEU A 134 10.97 7.04 17.00
C LEU A 134 12.32 7.20 17.64
N LEU A 135 13.27 6.32 17.32
CA LEU A 135 14.62 6.39 17.93
C LEU A 135 15.32 7.73 17.71
N ASN A 136 15.14 8.29 16.50
CA ASN A 136 15.58 9.63 16.22
C ASN A 136 15.03 10.64 17.19
N SER A 137 13.75 10.55 17.48
CA SER A 137 13.08 11.58 18.26
C SER A 137 13.62 11.67 19.69
N LEU A 138 14.15 10.55 20.20
CA LEU A 138 14.64 10.47 21.58
C LEU A 138 16.09 10.91 21.68
N GLU A 139 16.49 11.56 22.79
CA GLU A 139 17.91 11.87 23.06
C GLU A 139 18.75 10.61 22.98
N ASN A 140 20.04 10.77 22.82
CA ASN A 140 20.88 9.59 22.67
C ASN A 140 20.91 8.76 23.95
N ASP A 141 21.15 7.45 23.84
CA ASP A 141 21.27 6.56 25.00
C ASP A 141 19.99 6.51 25.85
N THR A 142 18.87 6.90 25.25
CA THR A 142 17.60 6.76 25.92
C THR A 142 17.22 5.30 25.91
N VAL A 143 17.55 4.60 24.83
CA VAL A 143 17.27 3.19 24.77
C VAL A 143 18.51 2.40 25.13
N ILE A 144 18.40 1.54 26.13
CA ILE A 144 19.48 0.64 26.44
C ILE A 144 19.16 -0.69 25.74
N TRP A 145 19.95 -1.05 24.72
CA TRP A 145 19.77 -2.31 23.98
C TRP A 145 20.34 -3.53 24.69
N ASP A 146 19.91 -4.70 24.24
CA ASP A 146 20.24 -5.98 24.83
C ASP A 146 19.93 -5.96 26.31
N ARG A 147 18.70 -5.68 26.63
CA ARG A 147 18.29 -5.67 28.01
C ARG A 147 17.02 -6.46 28.10
N LYS A 148 17.11 -7.65 28.67
CA LYS A 148 15.94 -8.52 28.71
C LYS A 148 15.40 -8.63 30.11
N LEU A 149 14.41 -7.83 30.43
CA LEU A 149 13.90 -7.82 31.80
C LEU A 149 13.44 -9.23 32.23
N VAL A 150 14.18 -9.85 33.15
CA VAL A 150 13.81 -11.19 33.57
C VAL A 150 13.02 -11.18 34.86
N MET A 151 13.18 -10.12 35.64
CA MET A 151 12.53 -10.07 36.95
C MET A 151 12.40 -8.66 37.46
N LEU A 152 11.33 -8.44 38.17
CA LEU A 152 11.01 -7.14 38.69
C LEU A 152 10.79 -7.31 40.18
N GLU A 153 11.44 -6.46 40.99
CA GLU A 153 11.32 -6.59 42.45
C GLU A 153 11.35 -5.23 43.18
N PRO A 154 10.33 -4.96 44.03
CA PRO A 154 10.20 -3.64 44.65
C PRO A 154 10.96 -3.47 45.97
N GLY A 155 11.86 -2.50 46.01
CA GLY A 155 12.55 -2.16 47.24
C GLY A 155 11.88 -1.05 48.02
N LYS A 156 12.65 -0.45 48.93
CA LYS A 156 12.26 0.66 49.78
C LYS A 156 11.43 1.75 49.08
N LYS A 157 12.06 2.41 48.10
CA LYS A 157 11.50 3.54 47.34
C LYS A 157 11.67 3.33 45.83
N LYS A 158 12.49 2.36 45.44
CA LYS A 158 12.77 2.06 44.04
C LYS A 158 12.49 0.59 43.71
N TRP A 159 11.98 0.35 42.51
CA TRP A 159 11.94 -0.97 41.93
C TRP A 159 13.35 -1.40 41.59
N THR A 160 13.66 -2.69 41.73
CA THR A 160 14.89 -3.23 41.19
C THR A 160 14.65 -4.07 39.92
N LEU A 161 15.21 -3.59 38.80
CA LEU A 161 15.00 -4.21 37.52
C LEU A 161 16.15 -5.16 37.18
N THR A 162 15.83 -6.43 36.96
CA THR A 162 16.82 -7.48 36.68
C THR A 162 16.86 -7.89 35.21
N PHE A 163 18.03 -7.79 34.60
CA PHE A 163 18.16 -8.14 33.18
C PHE A 163 19.10 -9.32 33.03
N GLU A 164 18.77 -10.19 32.10
CA GLU A 164 19.57 -11.37 31.83
C GLU A 164 20.96 -10.90 31.53
N ASN A 165 21.93 -11.46 32.25
CA ASN A 165 23.35 -11.21 32.01
C ASN A 165 23.70 -9.75 31.72
N LYS A 166 23.10 -8.80 32.46
CA LYS A 166 23.51 -7.38 32.42
C LYS A 166 23.27 -6.79 33.81
N PRO A 167 23.89 -5.61 34.11
CA PRO A 167 23.67 -5.07 35.44
C PRO A 167 22.24 -4.68 35.63
N SER A 168 21.78 -4.78 36.87
CA SER A 168 20.47 -4.32 37.28
C SER A 168 20.47 -2.82 37.30
N GLU A 169 19.30 -2.25 37.16
CA GLU A 169 19.09 -0.81 37.32
C GLU A 169 17.90 -0.62 38.26
N THR A 170 17.64 0.62 38.66
CA THR A 170 16.51 0.94 39.52
C THR A 170 15.72 2.16 39.06
N ALA A 171 14.43 2.21 39.35
CA ALA A 171 13.61 3.40 39.04
C ALA A 171 12.39 3.57 39.94
N ASP A 172 11.79 4.77 39.84
CA ASP A 172 10.68 5.21 40.70
C ASP A 172 9.33 4.96 40.05
N LEU A 173 9.35 4.61 38.78
CA LEU A 173 8.17 4.18 38.07
C LEU A 173 8.60 3.22 36.96
N VAL A 174 8.00 2.03 36.96
CA VAL A 174 8.17 1.09 35.84
C VAL A 174 6.92 1.05 34.98
N ILE A 175 7.10 1.30 33.70
CA ILE A 175 6.01 1.19 32.77
C ILE A 175 6.26 -0.01 31.87
N LEU A 176 5.49 -1.06 32.11
CA LEU A 176 5.58 -2.26 31.32
C LEU A 176 4.96 -1.86 30.00
N ALA A 177 5.71 -2.13 28.91
CA ALA A 177 5.29 -1.78 27.56
C ALA A 177 5.95 -2.76 26.62
N ASN A 178 5.85 -4.06 26.96
CA ASN A 178 6.74 -5.04 26.40
C ASN A 178 6.08 -6.26 25.86
N GLY A 179 5.05 -6.06 25.06
CA GLY A 179 4.48 -7.20 24.33
C GLY A 179 3.32 -7.88 25.02
N GLY A 180 2.49 -8.54 24.21
CA GLY A 180 1.36 -9.29 24.74
C GLY A 180 1.74 -10.51 25.55
N MET A 181 3.00 -10.92 25.49
CA MET A 181 3.44 -12.10 26.22
C MET A 181 4.22 -11.76 27.49
N SER A 182 4.11 -10.51 27.94
CA SER A 182 4.81 -10.03 29.14
C SER A 182 4.81 -11.03 30.28
N LYS A 183 6.01 -11.43 30.70
CA LYS A 183 6.17 -12.47 31.73
C LYS A 183 6.14 -11.82 33.12
N VAL A 184 5.96 -10.50 33.18
CA VAL A 184 6.32 -9.73 34.36
C VAL A 184 5.17 -8.83 34.86
N ARG A 185 3.94 -9.24 34.53
CA ARG A 185 2.74 -8.48 34.86
C ARG A 185 2.31 -8.59 36.34
N LYS A 186 2.87 -9.54 37.09
CA LYS A 186 2.21 -10.02 38.34
C LYS A 186 1.80 -8.90 39.34
N PHE A 187 2.66 -7.89 39.44
CA PHE A 187 2.43 -6.76 40.35
C PHE A 187 1.26 -5.85 39.99
N VAL A 188 0.77 -5.98 38.75
CA VAL A 188 -0.34 -5.16 38.29
C VAL A 188 -1.64 -5.97 38.29
N THR A 189 -1.58 -7.18 37.77
CA THR A 189 -2.78 -7.95 37.57
C THR A 189 -2.47 -9.43 37.50
N ASP A 190 -3.43 -10.23 37.97
CA ASP A 190 -3.31 -11.67 37.92
C ASP A 190 -3.84 -12.25 36.64
N THR A 191 -4.57 -11.44 35.87
CA THR A 191 -5.05 -11.84 34.54
C THR A 191 -3.89 -12.40 33.71
N GLU A 192 -4.23 -13.38 32.89
CA GLU A 192 -3.27 -14.01 32.01
C GLU A 192 -3.87 -14.13 30.63
N VAL A 193 -2.99 -14.26 29.65
CA VAL A 193 -3.40 -14.32 28.28
C VAL A 193 -4.26 -15.55 28.03
N GLU A 194 -5.11 -15.49 27.01
CA GLU A 194 -5.92 -16.65 26.56
C GLU A 194 -5.92 -16.75 25.06
N GLU A 195 -5.91 -17.97 24.57
CA GLU A 195 -5.93 -18.18 23.15
C GLU A 195 -7.39 -18.02 22.75
N THR A 196 -7.63 -17.39 21.61
CA THR A 196 -9.00 -17.11 21.23
C THR A 196 -9.65 -18.31 20.54
N GLY A 197 -8.85 -19.07 19.79
CA GLY A 197 -9.35 -20.23 19.08
C GLY A 197 -9.03 -20.20 17.60
N THR A 198 -8.53 -19.09 17.11
CA THR A 198 -8.01 -19.07 15.75
C THR A 198 -6.48 -19.12 15.79
N PHE A 199 -5.88 -19.29 14.63
CA PHE A 199 -4.43 -19.35 14.51
C PHE A 199 -3.99 -18.57 13.25
N ASN A 200 -2.78 -18.04 13.26
CA ASN A 200 -2.29 -17.29 12.11
C ASN A 200 -0.95 -17.84 11.66
N ILE A 201 -0.74 -17.91 10.36
CA ILE A 201 0.55 -18.26 9.80
C ILE A 201 0.98 -17.07 8.97
N GLN A 202 2.22 -16.64 9.15
CA GLN A 202 2.73 -15.35 8.64
C GLN A 202 4.08 -15.55 7.99
N ALA A 203 4.31 -14.97 6.83
CA ALA A 203 5.56 -15.20 6.17
C ALA A 203 5.99 -14.01 5.33
N ASP A 204 7.25 -13.98 4.95
CA ASP A 204 7.69 -13.01 3.97
C ASP A 204 8.19 -13.66 2.70
N ILE A 205 7.94 -12.98 1.59
CA ILE A 205 8.57 -13.33 0.32
C ILE A 205 9.35 -12.10 -0.13
N HIS A 206 10.64 -12.26 -0.32
CA HIS A 206 11.43 -11.21 -0.93
C HIS A 206 11.41 -11.34 -2.42
N GLN A 207 11.57 -10.21 -3.11
CA GLN A 207 11.41 -10.13 -4.57
C GLN A 207 10.09 -10.79 -5.01
N PRO A 208 8.96 -10.31 -4.47
CA PRO A 208 7.71 -11.04 -4.72
C PRO A 208 7.46 -11.20 -6.22
N GLU A 209 7.73 -10.14 -6.97
CA GLU A 209 7.52 -10.15 -8.42
C GLU A 209 8.26 -11.26 -9.19
N ILE A 210 9.33 -11.81 -8.61
CA ILE A 210 10.01 -12.96 -9.24
C ILE A 210 9.55 -14.30 -8.65
N ASN A 211 9.39 -14.35 -7.34
CA ASN A 211 9.13 -15.60 -6.65
C ASN A 211 7.66 -15.95 -6.44
N CYS A 212 6.77 -14.99 -6.67
CA CYS A 212 5.37 -15.33 -6.78
C CYS A 212 4.66 -14.33 -7.70
N PRO A 213 4.99 -14.38 -9.01
CA PRO A 213 4.48 -13.39 -9.96
C PRO A 213 2.96 -13.40 -9.97
N GLY A 214 2.42 -14.61 -10.10
CA GLY A 214 0.97 -14.81 -10.09
C GLY A 214 0.32 -14.04 -8.97
N PHE A 215 0.80 -14.27 -7.75
CA PHE A 215 0.18 -13.63 -6.60
C PHE A 215 0.46 -12.14 -6.57
N PHE A 216 1.70 -11.74 -6.91
CA PHE A 216 2.06 -10.34 -6.90
C PHE A 216 1.09 -9.54 -7.74
N GLN A 217 0.75 -10.08 -8.89
CA GLN A 217 -0.02 -9.33 -9.88
C GLN A 217 -1.45 -9.23 -9.53
N LEU A 218 -1.93 -10.18 -8.75
CA LEU A 218 -3.29 -10.14 -8.19
C LEU A 218 -3.43 -9.02 -7.18
N CYS A 219 -2.34 -8.73 -6.46
CA CYS A 219 -2.30 -7.62 -5.52
C CYS A 219 -2.29 -6.27 -6.21
N ASN A 220 -1.50 -6.17 -7.28
CA ASN A 220 -1.47 -4.98 -8.10
C ASN A 220 -1.24 -3.72 -7.27
N GLY A 221 -0.16 -3.74 -6.47
CA GLY A 221 0.25 -2.64 -5.59
C GLY A 221 -0.74 -2.34 -4.48
N ASN A 222 -1.61 -3.29 -4.21
CA ASN A 222 -2.67 -3.07 -3.27
C ASN A 222 -2.72 -4.24 -2.34
N ARG A 223 -3.16 -4.02 -1.10
CA ARG A 223 -3.34 -5.10 -0.12
C ARG A 223 -4.41 -6.03 -0.64
N LEU A 224 -4.45 -7.23 -0.10
CA LEU A 224 -5.34 -8.24 -0.61
C LEU A 224 -5.91 -9.08 0.53
N MET A 225 -7.23 -9.25 0.54
CA MET A 225 -7.87 -10.14 1.48
C MET A 225 -8.80 -11.07 0.71
N ALA A 226 -8.72 -12.37 0.99
CA ALA A 226 -9.59 -13.35 0.35
C ALA A 226 -9.95 -14.37 1.40
N SER A 227 -11.16 -14.90 1.32
CA SER A 227 -11.66 -15.84 2.30
C SER A 227 -12.40 -16.98 1.61
N HIS A 228 -12.19 -18.21 2.10
CA HIS A 228 -12.82 -19.40 1.51
C HIS A 228 -12.81 -20.61 2.44
N GLN A 229 -14.00 -20.93 2.94
CA GLN A 229 -14.25 -22.09 3.80
C GLN A 229 -13.55 -21.99 5.14
N GLY A 230 -13.70 -20.86 5.82
CA GLY A 230 -13.06 -20.66 7.12
C GLY A 230 -11.55 -20.73 7.04
N ASN A 231 -11.02 -20.26 5.92
CA ASN A 231 -9.59 -20.01 5.71
C ASN A 231 -9.37 -18.60 5.16
N LEU A 232 -8.70 -17.74 5.91
CA LEU A 232 -8.47 -16.35 5.45
C LEU A 232 -7.04 -16.07 5.04
N LEU A 233 -6.88 -15.48 3.86
CA LEU A 233 -5.55 -15.04 3.43
C LEU A 233 -5.54 -13.54 3.31
N PHE A 234 -4.52 -12.92 3.89
CA PHE A 234 -4.34 -11.47 3.75
C PHE A 234 -2.98 -11.30 3.11
N ALA A 235 -2.79 -10.23 2.35
CA ALA A 235 -1.43 -9.91 1.91
C ALA A 235 -1.17 -8.44 1.72
N ASN A 236 0.01 -8.01 2.11
CA ASN A 236 0.53 -6.74 1.66
C ASN A 236 1.62 -7.05 0.65
N PRO A 237 1.55 -6.48 -0.56
CA PRO A 237 2.49 -6.92 -1.56
C PRO A 237 3.75 -6.06 -1.57
N ASN A 238 3.70 -4.95 -0.83
CA ASN A 238 4.80 -4.00 -0.84
C ASN A 238 5.13 -3.46 0.57
N ASN A 239 5.73 -4.34 1.39
CA ASN A 239 6.25 -3.94 2.69
C ASN A 239 7.75 -3.78 2.57
N ASN A 240 8.18 -2.54 2.30
CA ASN A 240 9.58 -2.24 1.97
C ASN A 240 10.15 -3.26 0.99
N GLY A 241 9.38 -3.48 -0.07
CA GLY A 241 9.81 -4.32 -1.16
C GLY A 241 9.73 -5.79 -0.85
N ALA A 242 9.03 -6.16 0.21
CA ALA A 242 8.75 -7.58 0.43
C ALA A 242 7.28 -7.82 0.70
N LEU A 243 6.80 -8.94 0.20
CA LEU A 243 5.42 -9.30 0.37
C LEU A 243 5.34 -9.98 1.73
N HIS A 244 4.37 -9.56 2.54
CA HIS A 244 4.07 -10.21 3.81
C HIS A 244 2.65 -10.70 3.73
N PHE A 245 2.43 -11.99 3.93
CA PHE A 245 1.07 -12.52 3.92
C PHE A 245 0.71 -13.21 5.22
N GLY A 246 -0.58 -13.33 5.46
CA GLY A 246 -1.10 -14.06 6.61
C GLY A 246 -2.18 -15.05 6.20
N ILE A 247 -2.14 -16.28 6.74
CA ILE A 247 -3.25 -17.21 6.55
C ILE A 247 -3.93 -17.40 7.90
N SER A 248 -5.24 -17.57 7.95
CA SER A 248 -5.94 -17.68 9.25
C SER A 248 -7.12 -18.65 9.24
N PHE A 249 -7.35 -19.25 10.40
CA PHE A 249 -8.28 -20.31 10.56
C PHE A 249 -8.56 -20.56 12.01
N LYS A 250 -9.75 -21.09 12.32
CA LYS A 250 -10.01 -21.63 13.65
C LYS A 250 -8.93 -22.69 13.93
N THR A 251 -8.39 -22.70 15.15
CA THR A 251 -7.39 -23.71 15.51
C THR A 251 -7.99 -25.09 15.36
N PRO A 252 -7.31 -25.96 14.59
CA PRO A 252 -7.68 -27.35 14.44
C PRO A 252 -7.75 -28.09 15.80
N ASP A 253 -8.87 -28.79 16.05
CA ASP A 253 -8.99 -29.64 17.22
C ASP A 253 -7.89 -30.69 17.24
N GLU A 254 -7.43 -31.07 16.04
CA GLU A 254 -6.30 -31.96 15.90
C GLU A 254 -5.09 -31.50 16.76
N TRP A 255 -5.10 -30.21 17.14
CA TRP A 255 -4.01 -29.57 17.87
C TRP A 255 -4.42 -29.24 19.30
N THR A 259 -0.21 -27.01 17.42
CA THR A 259 0.34 -28.25 17.98
C THR A 259 1.01 -29.12 16.89
N GLN A 260 0.32 -30.15 16.37
CA GLN A 260 0.98 -31.21 15.53
C GLN A 260 1.41 -30.76 14.11
N VAL A 261 1.84 -29.50 13.98
CA VAL A 261 2.60 -29.04 12.82
C VAL A 261 3.90 -28.39 13.31
N ASP A 262 5.02 -28.81 12.75
CA ASP A 262 6.31 -28.30 13.18
C ASP A 262 6.68 -27.04 12.43
N PHE A 263 6.70 -25.92 13.15
CA PHE A 263 7.03 -24.65 12.51
C PHE A 263 8.52 -24.49 12.30
N GLN A 264 9.25 -25.54 12.63
CA GLN A 264 10.68 -25.62 12.35
C GLN A 264 10.96 -26.27 11.00
N ASN A 265 10.27 -27.38 10.73
CA ASN A 265 10.31 -28.06 9.44
CA ASN A 265 10.38 -28.00 9.43
C ASN A 265 9.36 -27.41 8.45
N ARG A 266 9.89 -26.65 7.48
CA ARG A 266 9.05 -25.93 6.51
C ARG A 266 8.22 -26.87 5.69
N ASN A 267 8.74 -28.06 5.44
CA ASN A 267 8.02 -29.09 4.70
C ASN A 267 6.74 -29.48 5.43
N SER A 268 6.84 -29.60 6.76
CA SER A 268 5.70 -29.91 7.61
C SER A 268 4.61 -28.85 7.57
N VAL A 269 5.02 -27.59 7.48
CA VAL A 269 4.05 -26.48 7.40
C VAL A 269 3.44 -26.43 6.01
N VAL A 270 4.28 -26.50 4.97
CA VAL A 270 3.81 -26.49 3.59
C VAL A 270 2.78 -27.57 3.33
N ASP A 271 3.05 -28.78 3.82
CA ASP A 271 2.14 -29.92 3.64
C ASP A 271 0.77 -29.68 4.24
N PHE A 272 0.71 -29.04 5.40
CA PHE A 272 -0.57 -28.71 6.05
C PHE A 272 -1.34 -27.63 5.27
N LEU A 273 -0.64 -26.61 4.80
CA LEU A 273 -1.29 -25.50 4.12
C LEU A 273 -1.81 -25.91 2.77
N LEU A 274 -1.15 -26.88 2.15
CA LEU A 274 -1.56 -27.36 0.84
C LEU A 274 -2.78 -28.25 0.96
N LYS A 275 -2.88 -29.01 2.05
CA LYS A 275 -4.09 -29.81 2.31
C LYS A 275 -5.28 -28.90 2.58
N GLU A 276 -5.06 -27.82 3.33
CA GLU A 276 -6.12 -26.85 3.61
C GLU A 276 -6.44 -26.02 2.40
N PHE A 277 -5.44 -25.74 1.57
CA PHE A 277 -5.61 -24.79 0.47
C PHE A 277 -5.79 -25.43 -0.90
N SER A 278 -6.07 -26.73 -0.92
CA SER A 278 -6.13 -27.49 -2.16
C SER A 278 -7.09 -26.83 -3.13
N ASP A 279 -8.24 -26.40 -2.62
CA ASP A 279 -9.27 -25.75 -3.42
C ASP A 279 -8.88 -24.49 -4.20
N TRP A 280 -7.92 -23.75 -3.67
CA TRP A 280 -7.58 -22.41 -4.16
C TRP A 280 -6.76 -22.43 -5.44
N ASP A 281 -6.80 -21.30 -6.16
CA ASP A 281 -6.09 -21.14 -7.41
C ASP A 281 -4.60 -21.45 -7.36
N GLU A 282 -4.06 -21.85 -8.51
CA GLU A 282 -2.65 -22.16 -8.72
C GLU A 282 -1.77 -21.01 -8.21
N ARG A 283 -2.26 -19.78 -8.35
CA ARG A 283 -1.53 -18.59 -7.97
C ARG A 283 -1.18 -18.54 -6.46
N TYR A 284 -2.15 -18.88 -5.60
CA TYR A 284 -1.98 -18.82 -4.15
C TYR A 284 -1.11 -19.95 -3.64
N LYS A 285 -1.13 -21.06 -4.36
CA LYS A 285 -0.37 -22.21 -3.94
C LYS A 285 1.11 -21.95 -4.17
N GLU A 286 1.40 -21.16 -5.19
CA GLU A 286 2.75 -20.68 -5.44
C GLU A 286 3.30 -20.00 -4.18
N LEU A 287 2.52 -19.05 -3.69
CA LEU A 287 2.82 -18.34 -2.46
C LEU A 287 3.25 -19.30 -1.31
N ILE A 288 2.46 -20.32 -1.04
CA ILE A 288 2.82 -21.30 -0.02
C ILE A 288 4.14 -22.01 -0.36
N HIS A 289 4.19 -22.59 -1.56
CA HIS A 289 5.29 -23.42 -2.04
C HIS A 289 6.60 -22.60 -2.15
N THR A 290 6.49 -21.29 -2.18
CA THR A 290 7.67 -20.42 -2.29
C THR A 290 8.21 -19.93 -0.95
N THR A 291 7.32 -19.65 0.00
CA THR A 291 7.75 -19.20 1.30
C THR A 291 8.86 -20.08 1.84
N LEU A 292 9.96 -19.44 2.24
CA LEU A 292 11.09 -20.15 2.82
C LEU A 292 10.80 -20.58 4.27
N SER A 293 10.24 -19.69 5.08
CA SER A 293 9.89 -20.05 6.44
C SER A 293 8.68 -19.29 6.99
N PHE A 294 7.95 -19.95 7.91
CA PHE A 294 6.66 -19.51 8.39
C PHE A 294 6.76 -19.19 9.86
N VAL A 295 5.84 -18.39 10.37
CA VAL A 295 5.79 -18.04 11.78
C VAL A 295 4.37 -18.24 12.25
N GLY A 296 4.13 -19.41 12.83
CA GLY A 296 2.80 -19.70 13.35
C GLY A 296 2.57 -19.35 14.82
N LEU A 297 1.88 -18.24 15.07
CA LEU A 297 1.45 -17.98 16.45
C LEU A 297 -0.09 -17.93 16.57
N ALA A 298 -0.65 -18.49 17.65
CA ALA A 298 -2.10 -18.47 17.88
C ALA A 298 -2.62 -17.08 18.20
N THR A 299 -3.87 -16.78 17.85
CA THR A 299 -4.48 -15.52 18.24
C THR A 299 -4.70 -15.56 19.76
N ARG A 300 -4.26 -14.50 20.42
CA ARG A 300 -4.37 -14.43 21.88
C ARG A 300 -5.05 -13.14 22.25
N ILE A 301 -5.73 -13.17 23.41
CA ILE A 301 -6.24 -11.97 24.08
C ILE A 301 -5.75 -11.89 25.53
N PHE A 302 -5.42 -10.67 25.97
CA PHE A 302 -5.20 -10.38 27.38
C PHE A 302 -6.34 -9.50 27.83
N PRO A 303 -7.44 -10.13 28.29
CA PRO A 303 -8.73 -9.48 28.50
C PRO A 303 -8.71 -8.44 29.60
N LEU A 304 -9.40 -7.34 29.34
CA LEU A 304 -9.66 -6.31 30.33
C LEU A 304 -10.92 -6.67 31.14
N GLU A 305 -10.82 -7.80 31.83
CA GLU A 305 -11.94 -8.40 32.60
C GLU A 305 -12.12 -7.89 34.05
N LYS A 306 -11.19 -8.20 34.94
CA LYS A 306 -11.18 -7.67 36.33
C LYS A 306 -10.48 -6.30 36.37
N PRO A 307 -10.86 -5.44 37.33
CA PRO A 307 -9.99 -4.29 37.60
C PRO A 307 -8.63 -4.79 38.04
N TRP A 308 -7.59 -4.00 37.80
CA TRP A 308 -6.23 -4.39 38.19
C TRP A 308 -5.97 -4.16 39.69
N LYS A 309 -4.91 -4.78 40.20
CA LYS A 309 -4.59 -4.69 41.61
C LYS A 309 -4.55 -3.26 42.10
N SER A 310 -5.33 -2.98 43.14
CA SER A 310 -5.45 -1.62 43.68
C SER A 310 -4.57 -1.36 44.89
N LYS A 311 -3.79 -2.36 45.31
CA LYS A 311 -2.70 -2.15 46.25
C LYS A 311 -1.42 -2.62 45.59
N ARG A 312 -0.46 -1.71 45.40
CA ARG A 312 0.82 -2.01 44.70
C ARG A 312 2.01 -1.42 45.45
N PRO A 313 3.06 -2.24 45.65
CA PRO A 313 4.19 -1.88 46.51
C PRO A 313 4.81 -0.53 46.14
N LEU A 314 4.89 -0.29 44.83
CA LEU A 314 5.41 0.95 44.31
C LEU A 314 4.58 1.32 43.09
N PRO A 315 4.92 2.43 42.42
CA PRO A 315 4.10 2.76 41.25
C PRO A 315 4.53 2.00 40.00
N ILE A 316 3.56 1.40 39.33
CA ILE A 316 3.77 0.50 38.16
C ILE A 316 2.52 0.48 37.27
N THR A 317 2.72 0.45 35.95
CA THR A 317 1.58 0.42 35.04
C THR A 317 1.92 -0.28 33.71
N MET A 318 0.93 -0.35 32.80
CA MET A 318 1.13 -1.07 31.54
C MET A 318 0.43 -0.36 30.42
N ILE A 319 1.14 -0.27 29.28
CA ILE A 319 0.62 0.26 28.03
C ILE A 319 0.95 -0.65 26.86
N GLY A 320 0.22 -0.44 25.76
CA GLY A 320 0.35 -1.28 24.56
C GLY A 320 -0.28 -2.64 24.78
N ASP A 321 0.41 -3.66 24.30
CA ASP A 321 -0.12 -5.03 24.35
C ASP A 321 0.08 -5.65 25.69
N ALA A 322 1.04 -5.15 26.46
CA ALA A 322 1.19 -5.56 27.85
C ALA A 322 -0.07 -5.24 28.65
N ALA A 323 -0.86 -4.32 28.14
CA ALA A 323 -2.06 -3.89 28.79
C ALA A 323 -3.26 -4.67 28.21
N HIS A 324 -3.46 -4.62 26.91
CA HIS A 324 -4.70 -5.14 26.36
C HIS A 324 -4.50 -5.87 25.00
N LEU A 325 -3.54 -6.79 24.96
CA LEU A 325 -3.33 -7.67 23.81
C LEU A 325 -4.65 -8.19 23.23
N MET A 326 -4.90 -7.95 21.94
CA MET A 326 -6.16 -8.29 21.32
C MET A 326 -5.98 -8.75 19.85
N PRO A 327 -6.91 -9.60 19.33
CA PRO A 327 -6.79 -10.17 18.00
C PRO A 327 -6.51 -9.13 16.91
N PRO A 328 -5.53 -9.41 16.01
CA PRO A 328 -5.03 -8.46 15.01
C PRO A 328 -6.03 -8.18 13.90
N PHE A 329 -7.28 -8.61 14.08
CA PHE A 329 -8.29 -8.56 13.01
C PHE A 329 -9.07 -7.23 12.88
N ALA A 330 -8.50 -6.14 13.41
CA ALA A 330 -9.22 -4.84 13.43
C ALA A 330 -8.31 -3.61 13.32
N GLY A 331 -7.00 -3.80 13.28
CA GLY A 331 -6.07 -2.67 13.26
C GLY A 331 -6.08 -1.83 14.53
N GLN A 332 -6.88 -2.26 15.50
CA GLN A 332 -6.65 -1.87 16.88
C GLN A 332 -5.42 -2.69 17.27
N GLY A 333 -4.70 -2.18 18.26
CA GLY A 333 -3.44 -2.76 18.57
C GLY A 333 -2.54 -1.59 18.77
N VAL A 334 -1.79 -1.23 17.73
CA VAL A 334 -0.78 -0.19 17.87
C VAL A 334 -1.46 1.11 18.18
N ASN A 335 -2.66 1.30 17.62
CA ASN A 335 -3.41 2.54 17.75
C ASN A 335 -3.90 2.80 19.15
N SER A 336 -4.69 1.87 19.68
CA SER A 336 -5.04 1.93 21.09
C SER A 336 -3.81 2.11 21.99
N GLY A 337 -2.75 1.39 21.66
CA GLY A 337 -1.50 1.40 22.45
C GLY A 337 -0.77 2.72 22.44
N LEU A 338 -0.87 3.45 21.33
CA LEU A 338 -0.29 4.77 21.21
C LEU A 338 -1.16 5.73 21.99
N VAL A 339 -2.47 5.59 21.88
CA VAL A 339 -3.40 6.35 22.73
C VAL A 339 -3.01 6.19 24.21
N ASP A 340 -2.65 4.96 24.58
CA ASP A 340 -2.16 4.68 25.92
C ASP A 340 -1.03 5.60 26.36
N ALA A 341 -0.08 5.79 25.47
CA ALA A 341 1.06 6.65 25.73
C ALA A 341 0.60 8.10 25.85
N LEU A 342 -0.27 8.50 24.94
CA LEU A 342 -0.69 9.86 24.92
C LEU A 342 -1.31 10.23 26.24
N ILE A 343 -2.13 9.32 26.77
CA ILE A 343 -2.92 9.59 27.98
C ILE A 343 -2.08 9.54 29.26
N LEU A 344 -1.37 8.43 29.45
CA LEU A 344 -0.47 8.29 30.59
C LEU A 344 0.60 9.37 30.57
N SER A 345 1.09 9.75 29.40
CA SER A 345 2.17 10.72 29.37
C SER A 345 1.65 12.07 29.79
N ASP A 346 0.48 12.45 29.29
CA ASP A 346 -0.14 13.70 29.71
C ASP A 346 -0.28 13.68 31.22
N ASN A 347 -0.96 12.65 31.72
CA ASN A 347 -1.16 12.50 33.15
C ASN A 347 0.12 12.69 33.98
N LEU A 348 1.23 12.18 33.45
CA LEU A 348 2.46 12.21 34.19
C LEU A 348 3.22 13.51 34.04
N ALA A 349 2.60 14.54 33.45
CA ALA A 349 3.33 15.78 33.22
C ALA A 349 2.58 17.06 33.55
N ASP A 350 1.26 17.04 33.38
CA ASP A 350 0.43 18.26 33.46
C ASP A 350 0.40 18.89 34.85
N GLY A 351 0.59 18.06 35.88
CA GLY A 351 0.52 18.53 37.26
C GLY A 351 -0.91 18.76 37.72
N LYS A 352 -1.84 17.96 37.18
CA LYS A 352 -3.25 18.02 37.58
C LYS A 352 -3.61 16.83 38.49
N PHE A 353 -2.57 16.20 39.04
CA PHE A 353 -2.72 15.05 39.97
C PHE A 353 -1.86 15.24 41.23
N ASN A 354 -2.28 14.62 42.32
CA ASN A 354 -1.63 14.86 43.60
C ASN A 354 -0.49 13.88 43.89
N SER A 355 -0.53 12.71 43.25
CA SER A 355 0.53 11.72 43.40
C SER A 355 0.63 10.92 42.13
N ILE A 356 1.74 10.22 41.92
CA ILE A 356 1.91 9.35 40.76
C ILE A 356 0.83 8.30 40.75
N GLU A 357 0.60 7.66 41.89
CA GLU A 357 -0.49 6.70 42.10
C GLU A 357 -1.76 7.16 41.41
N GLU A 358 -2.21 8.36 41.78
CA GLU A 358 -3.44 8.94 41.22
C GLU A 358 -3.39 9.15 39.71
N ALA A 359 -2.22 9.46 39.15
CA ALA A 359 -2.12 9.78 37.74
C ALA A 359 -2.24 8.53 36.88
N VAL A 360 -1.58 7.47 37.33
CA VAL A 360 -1.69 6.15 36.75
C VAL A 360 -3.11 5.64 36.95
N LYS A 361 -3.56 5.54 38.21
CA LYS A 361 -4.90 5.07 38.50
C LYS A 361 -5.99 5.75 37.66
N ASN A 362 -5.69 6.95 37.14
CA ASN A 362 -6.62 7.64 36.28
C ASN A 362 -6.48 7.20 34.83
N TYR A 363 -5.25 7.18 34.33
CA TYR A 363 -5.02 6.70 32.97
C TYR A 363 -5.69 5.32 32.81
N GLU A 364 -5.51 4.46 33.80
CA GLU A 364 -6.01 3.08 33.73
C GLU A 364 -7.56 3.02 33.63
N GLN A 365 -8.25 3.98 34.25
CA GLN A 365 -9.70 4.11 34.11
C GLN A 365 -10.10 4.34 32.66
N GLN A 366 -9.45 5.29 32.00
CA GLN A 366 -9.79 5.65 30.63
C GLN A 366 -9.49 4.50 29.70
N MET A 367 -8.35 3.85 29.90
CA MET A 367 -7.95 2.77 29.02
C MET A 367 -8.89 1.58 29.15
N PHE A 368 -9.28 1.24 30.38
CA PHE A 368 -10.22 0.16 30.58
C PHE A 368 -11.49 0.39 29.79
N ILE A 369 -11.70 1.64 29.34
CA ILE A 369 -12.91 1.99 28.61
C ILE A 369 -12.72 1.83 27.10
N TYR A 370 -11.85 2.63 26.50
CA TYR A 370 -11.63 2.49 25.06
C TYR A 370 -10.92 1.17 24.76
N GLY A 371 -10.25 0.64 25.78
CA GLY A 371 -9.59 -0.64 25.67
C GLY A 371 -10.59 -1.75 25.53
N LYS A 372 -11.53 -1.84 26.46
CA LYS A 372 -12.51 -2.89 26.36
C LYS A 372 -13.33 -2.75 25.09
N GLU A 373 -13.61 -1.52 24.68
CA GLU A 373 -14.23 -1.24 23.37
C GLU A 373 -13.44 -1.86 22.19
N ALA A 374 -12.15 -1.54 22.12
CA ALA A 374 -11.29 -2.04 21.07
C ALA A 374 -11.28 -3.56 21.04
N GLN A 375 -11.22 -4.17 22.21
CA GLN A 375 -11.24 -5.62 22.32
C GLN A 375 -12.59 -6.16 21.89
N GLU A 376 -13.68 -5.62 22.41
CA GLU A 376 -15.00 -6.16 22.03
C GLU A 376 -15.13 -6.13 20.50
N GLU A 377 -14.66 -5.04 19.92
CA GLU A 377 -14.70 -4.87 18.50
C GLU A 377 -13.90 -5.99 17.83
N SER A 378 -12.65 -6.18 18.26
CA SER A 378 -11.74 -7.16 17.63
C SER A 378 -12.24 -8.59 17.72
N THR A 379 -12.64 -8.98 18.94
CA THR A 379 -13.23 -10.27 19.22
C THR A 379 -14.37 -10.43 18.23
N GLN A 380 -15.18 -9.38 18.10
CA GLN A 380 -16.40 -9.45 17.31
C GLN A 380 -16.08 -9.68 15.84
N ASN A 381 -15.05 -8.98 15.36
CA ASN A 381 -14.63 -9.16 13.99
C ASN A 381 -14.05 -10.54 13.77
N GLU A 382 -13.33 -11.02 14.77
CA GLU A 382 -12.84 -12.37 14.75
C GLU A 382 -13.97 -13.39 14.51
N ILE A 383 -15.03 -13.32 15.33
CA ILE A 383 -16.13 -14.26 15.20
C ILE A 383 -16.73 -14.24 13.81
N GLU A 384 -16.94 -13.05 13.26
CA GLU A 384 -17.63 -12.90 11.99
C GLU A 384 -16.89 -13.47 10.80
N MET A 385 -15.58 -13.27 10.77
CA MET A 385 -14.74 -13.69 9.64
C MET A 385 -14.64 -15.20 9.42
N PHE A 386 -14.63 -15.95 10.52
CA PHE A 386 -14.46 -17.40 10.49
C PHE A 386 -15.79 -18.15 10.48
N LYS A 387 -16.89 -17.39 10.60
CA LYS A 387 -18.23 -17.93 10.40
C LYS A 387 -18.21 -18.59 9.02
N PRO A 388 -18.79 -19.82 8.91
CA PRO A 388 -18.74 -20.66 7.71
C PRO A 388 -18.69 -19.86 6.41
N ASP A 389 -19.71 -19.03 6.19
CA ASP A 389 -19.90 -18.32 4.93
C ASP A 389 -19.68 -16.81 5.11
N PHE A 390 -18.44 -16.40 4.95
CA PHE A 390 -18.05 -15.00 5.13
C PHE A 390 -17.53 -14.42 3.82
N THR A 391 -17.92 -13.18 3.55
CA THR A 391 -17.26 -12.36 2.55
C THR A 391 -16.98 -10.97 3.14
N PHE A 392 -15.83 -10.41 2.77
CA PHE A 392 -15.46 -9.04 3.14
C PHE A 392 -16.41 -8.03 2.49
N GLN A 393 -17.36 -8.54 1.71
CA GLN A 393 -18.41 -7.72 1.11
C GLN A 393 -19.78 -8.24 1.50
N SER B 25 -37.74 6.41 9.79
CA SER B 25 -38.68 6.17 8.66
C SER B 25 -40.16 6.52 9.00
N ASP B 26 -40.75 7.41 8.21
CA ASP B 26 -42.18 7.67 8.27
C ASP B 26 -42.75 7.35 6.89
N LYS B 27 -42.15 6.35 6.25
CA LYS B 27 -42.39 6.10 4.83
C LYS B 27 -42.91 4.67 4.60
N ASN B 28 -42.86 4.19 3.36
CA ASN B 28 -43.26 2.81 3.04
C ASN B 28 -42.52 2.16 1.85
N VAL B 29 -42.27 0.86 1.95
CA VAL B 29 -41.53 0.17 0.91
C VAL B 29 -42.46 -0.70 0.06
N ALA B 30 -42.09 -0.95 -1.19
CA ALA B 30 -42.87 -1.80 -2.05
C ALA B 30 -41.93 -2.76 -2.74
N ILE B 31 -42.05 -4.05 -2.37
CA ILE B 31 -41.20 -5.07 -2.94
C ILE B 31 -41.98 -5.64 -4.06
N ILE B 32 -41.39 -5.68 -5.23
CA ILE B 32 -41.99 -6.26 -6.40
C ILE B 32 -41.59 -7.77 -6.51
N GLY B 33 -42.53 -8.66 -6.24
CA GLY B 33 -42.22 -10.08 -6.40
C GLY B 33 -42.29 -10.92 -5.13
N GLY B 34 -43.18 -11.91 -5.12
CA GLY B 34 -43.36 -12.80 -4.00
C GLY B 34 -42.43 -14.01 -4.02
N GLY B 35 -41.18 -13.78 -4.46
CA GLY B 35 -40.16 -14.83 -4.47
C GLY B 35 -39.68 -15.21 -3.06
N PRO B 36 -38.91 -16.32 -2.93
CA PRO B 36 -38.30 -16.57 -1.66
C PRO B 36 -37.46 -15.35 -1.30
N VAL B 37 -36.75 -14.79 -2.26
CA VAL B 37 -36.01 -13.57 -1.94
C VAL B 37 -36.89 -12.36 -1.52
N GLY B 38 -38.00 -12.13 -2.22
CA GLY B 38 -38.85 -10.99 -1.94
C GLY B 38 -39.45 -11.14 -0.57
N LEU B 39 -40.14 -12.25 -0.34
CA LEU B 39 -40.95 -12.42 0.88
C LEU B 39 -40.07 -12.37 2.10
N THR B 40 -38.81 -12.81 1.95
CA THR B 40 -37.88 -12.74 3.04
C THR B 40 -37.61 -11.27 3.34
N MET B 41 -37.29 -10.52 2.28
CA MET B 41 -37.03 -9.09 2.39
C MET B 41 -38.17 -8.46 3.18
N ALA B 42 -39.41 -8.75 2.77
CA ALA B 42 -40.61 -8.29 3.49
C ALA B 42 -40.64 -8.63 4.99
N LYS B 43 -40.28 -9.85 5.35
CA LYS B 43 -40.29 -10.28 6.76
C LYS B 43 -39.30 -9.49 7.57
N LEU B 44 -38.07 -9.43 7.07
CA LEU B 44 -36.99 -8.78 7.77
C LEU B 44 -37.20 -7.27 7.96
N LEU B 45 -37.97 -6.67 7.05
CA LEU B 45 -38.40 -5.28 7.19
C LEU B 45 -39.58 -5.14 8.16
N GLN B 46 -40.59 -6.00 7.98
CA GLN B 46 -41.84 -5.88 8.73
C GLN B 46 -41.61 -6.08 10.21
N GLN B 47 -40.80 -7.07 10.56
CA GLN B 47 -40.41 -7.30 11.95
C GLN B 47 -39.58 -6.16 12.56
N ASN B 48 -39.20 -5.18 11.76
CA ASN B 48 -38.55 -3.98 12.27
C ASN B 48 -39.50 -2.81 12.33
N GLY B 49 -40.75 -3.05 11.94
CA GLY B 49 -41.77 -2.01 11.96
C GLY B 49 -42.05 -1.39 10.60
N ILE B 50 -40.99 -1.20 9.83
CA ILE B 50 -41.05 -0.62 8.50
C ILE B 50 -42.30 -1.09 7.75
N ASP B 51 -43.13 -0.14 7.36
CA ASP B 51 -44.32 -0.43 6.55
C ASP B 51 -43.91 -0.93 5.16
N VAL B 52 -44.33 -2.13 4.81
CA VAL B 52 -43.91 -2.78 3.56
C VAL B 52 -45.05 -3.52 2.84
N SER B 53 -44.88 -3.72 1.53
CA SER B 53 -45.87 -4.42 0.69
C SER B 53 -45.22 -5.32 -0.35
N VAL B 54 -45.86 -6.43 -0.65
CA VAL B 54 -45.29 -7.28 -1.66
C VAL B 54 -46.31 -7.44 -2.80
N TYR B 55 -45.95 -6.94 -3.97
CA TYR B 55 -46.81 -7.07 -5.13
C TYR B 55 -46.37 -8.28 -5.89
N GLU B 56 -47.23 -9.28 -5.94
CA GLU B 56 -46.92 -10.50 -6.62
C GLU B 56 -47.80 -10.70 -7.83
N ARG B 57 -47.15 -11.08 -8.94
CA ARG B 57 -47.78 -11.54 -10.20
C ARG B 57 -48.79 -12.69 -10.00
N ASP B 58 -48.41 -13.76 -9.30
CA ASP B 58 -49.24 -14.96 -9.19
C ASP B 58 -50.68 -14.75 -8.75
N ASN B 59 -51.58 -15.54 -9.32
CA ASN B 59 -53.00 -15.27 -9.19
C ASN B 59 -53.62 -15.46 -7.82
N ASP B 60 -53.00 -16.30 -6.99
CA ASP B 60 -53.39 -16.50 -5.57
C ASP B 60 -52.23 -17.14 -4.81
N ARG B 61 -52.37 -17.39 -3.51
CA ARG B 61 -51.24 -17.95 -2.74
C ARG B 61 -50.97 -19.44 -2.99
N GLU B 62 -51.97 -20.13 -3.53
CA GLU B 62 -51.88 -21.57 -3.79
C GLU B 62 -51.48 -21.89 -5.23
N ALA B 63 -51.07 -20.85 -5.97
CA ALA B 63 -50.44 -21.01 -7.28
C ALA B 63 -49.18 -21.87 -7.15
N ARG B 64 -49.02 -22.85 -8.05
CA ARG B 64 -47.93 -23.84 -7.97
C ARG B 64 -46.63 -23.34 -8.56
N ILE B 65 -45.54 -23.46 -7.80
CA ILE B 65 -44.29 -22.91 -8.25
C ILE B 65 -43.50 -23.99 -8.93
N PHE B 66 -43.33 -23.88 -10.23
CA PHE B 66 -42.44 -24.77 -10.96
C PHE B 66 -40.92 -24.59 -10.62
N GLY B 67 -40.21 -25.73 -10.63
CA GLY B 67 -38.80 -25.74 -10.27
C GLY B 67 -38.44 -26.88 -9.34
N GLY B 68 -37.15 -26.95 -8.98
CA GLY B 68 -36.65 -27.99 -8.12
C GLY B 68 -36.92 -27.65 -6.68
N THR B 69 -36.09 -28.21 -5.82
CA THR B 69 -36.15 -27.86 -4.42
C THR B 69 -34.98 -26.92 -4.19
N LEU B 70 -35.03 -26.21 -3.07
CA LEU B 70 -33.98 -25.27 -2.74
C LEU B 70 -33.27 -25.78 -1.50
N ASP B 71 -32.01 -25.38 -1.34
CA ASP B 71 -31.26 -25.80 -0.17
C ASP B 71 -30.61 -24.57 0.35
N LEU B 72 -30.84 -24.29 1.62
CA LEU B 72 -30.28 -23.09 2.24
C LEU B 72 -28.97 -23.41 2.97
N HIS B 73 -27.87 -22.86 2.46
CA HIS B 73 -26.56 -23.10 3.04
C HIS B 73 -26.45 -22.48 4.42
N LYS B 74 -25.73 -23.16 5.31
CA LYS B 74 -25.60 -22.72 6.69
C LYS B 74 -24.89 -21.38 6.84
N GLY B 75 -23.98 -21.05 5.95
CA GLY B 75 -23.39 -19.71 5.99
C GLY B 75 -24.34 -18.53 5.71
N SER B 76 -25.32 -18.73 4.83
CA SER B 76 -25.97 -17.62 4.13
C SER B 76 -27.50 -17.67 4.16
N GLY B 77 -28.08 -18.44 3.24
CA GLY B 77 -29.52 -18.59 3.16
C GLY B 77 -30.07 -18.88 4.55
N GLN B 78 -29.46 -19.84 5.24
CA GLN B 78 -29.86 -20.17 6.60
C GLN B 78 -29.86 -18.98 7.55
N GLU B 79 -28.86 -18.09 7.42
CA GLU B 79 -28.75 -16.96 8.35
C GLU B 79 -29.99 -16.08 8.27
N ALA B 80 -30.50 -15.86 7.07
CA ALA B 80 -31.67 -15.01 6.89
C ALA B 80 -32.87 -15.60 7.60
N MET B 81 -33.04 -16.90 7.45
CA MET B 81 -34.11 -17.61 8.14
C MET B 81 -33.95 -17.45 9.67
N LYS B 82 -32.75 -17.75 10.19
CA LYS B 82 -32.42 -17.45 11.59
C LYS B 82 -32.97 -16.09 11.99
N LYS B 83 -32.59 -15.03 11.25
CA LYS B 83 -32.95 -13.64 11.59
C LYS B 83 -34.45 -13.37 11.41
N ALA B 84 -35.15 -14.27 10.74
CA ALA B 84 -36.59 -14.17 10.71
C ALA B 84 -37.28 -15.18 11.64
N GLY B 85 -36.50 -15.94 12.40
CA GLY B 85 -37.03 -16.88 13.39
C GLY B 85 -37.68 -18.10 12.76
N LEU B 86 -37.33 -18.31 11.49
CA LEU B 86 -37.92 -19.32 10.64
C LEU B 86 -36.99 -20.49 10.37
N LEU B 87 -35.75 -20.39 10.85
CA LEU B 87 -34.77 -21.43 10.64
C LEU B 87 -35.34 -22.78 11.05
N GLN B 88 -35.87 -22.84 12.28
CA GLN B 88 -36.42 -24.07 12.79
C GLN B 88 -37.50 -24.63 11.89
N THR B 89 -38.53 -23.83 11.64
CA THR B 89 -39.59 -24.19 10.71
C THR B 89 -39.05 -24.71 9.34
N TYR B 90 -37.94 -24.12 8.88
CA TYR B 90 -37.31 -24.51 7.64
C TYR B 90 -36.84 -25.94 7.70
N TYR B 91 -36.12 -26.29 8.76
CA TYR B 91 -35.71 -27.68 8.89
C TYR B 91 -36.93 -28.60 8.89
N ASP B 92 -37.91 -28.26 9.73
CA ASP B 92 -39.12 -29.06 9.96
C ASP B 92 -39.70 -29.59 8.67
N LEU B 93 -39.53 -28.82 7.59
CA LEU B 93 -40.14 -29.15 6.30
C LEU B 93 -39.10 -29.65 5.31
N ALA B 94 -37.88 -29.12 5.43
CA ALA B 94 -36.76 -29.48 4.58
C ALA B 94 -36.41 -30.96 4.77
N LEU B 95 -35.94 -31.59 3.71
CA LEU B 95 -35.53 -32.98 3.81
C LEU B 95 -34.05 -33.15 3.42
N PRO B 96 -33.20 -33.56 4.37
CA PRO B 96 -31.81 -33.91 4.07
C PRO B 96 -31.74 -35.01 3.00
N MET B 97 -30.85 -34.85 2.03
CA MET B 97 -30.80 -35.80 0.91
C MET B 97 -29.39 -36.20 0.46
N GLY B 98 -29.16 -37.53 0.37
CA GLY B 98 -27.95 -38.09 -0.22
C GLY B 98 -27.89 -37.89 -1.72
N VAL B 99 -26.70 -38.10 -2.29
CA VAL B 99 -26.44 -37.83 -3.70
C VAL B 99 -25.78 -39.04 -4.35
N ASN B 100 -26.45 -39.66 -5.31
CA ASN B 100 -25.82 -40.72 -6.10
C ASN B 100 -25.28 -40.14 -7.39
N ILE B 101 -24.11 -40.60 -7.83
CA ILE B 101 -23.57 -40.16 -9.11
C ILE B 101 -23.56 -41.35 -10.06
N ALA B 102 -23.81 -41.11 -11.35
CA ALA B 102 -24.14 -42.22 -12.25
C ALA B 102 -23.50 -42.21 -13.63
N ASP B 103 -23.17 -43.41 -14.12
CA ASP B 103 -22.85 -43.65 -15.53
C ASP B 103 -24.20 -43.68 -16.28
N ALA B 104 -24.16 -43.67 -17.60
CA ALA B 104 -25.35 -43.98 -18.35
C ALA B 104 -25.80 -45.40 -18.06
N ALA B 105 -24.89 -46.35 -17.96
CA ALA B 105 -25.27 -47.71 -17.56
C ALA B 105 -25.89 -47.74 -16.17
N GLY B 106 -25.07 -47.58 -15.14
CA GLY B 106 -25.52 -47.73 -13.75
C GLY B 106 -24.67 -46.96 -12.78
N ASN B 107 -24.71 -47.36 -11.51
CA ASN B 107 -24.22 -46.52 -10.40
C ASN B 107 -22.71 -46.30 -10.40
N ILE B 108 -22.26 -45.21 -9.79
CA ILE B 108 -20.82 -44.91 -9.66
C ILE B 108 -20.40 -44.53 -8.23
N LEU B 109 -21.03 -43.51 -7.66
CA LEU B 109 -20.77 -43.13 -6.28
C LEU B 109 -22.08 -42.84 -5.54
N SER B 110 -22.26 -43.50 -4.40
CA SER B 110 -23.31 -43.13 -3.49
C SER B 110 -22.68 -42.25 -2.39
N THR B 111 -23.52 -41.44 -1.77
CA THR B 111 -23.13 -40.60 -0.65
C THR B 111 -24.40 -40.41 0.13
N LYS B 112 -24.46 -40.95 1.34
CA LYS B 112 -25.59 -40.66 2.20
C LYS B 112 -25.30 -39.42 3.04
N ASN B 113 -26.28 -39.01 3.83
CA ASN B 113 -26.09 -37.87 4.72
C ASN B 113 -25.71 -38.36 6.12
N VAL B 114 -24.49 -38.03 6.54
CA VAL B 114 -24.03 -38.39 7.89
C VAL B 114 -24.80 -37.47 8.86
N LYS B 115 -25.31 -38.07 9.94
CA LYS B 115 -26.13 -37.34 10.92
C LYS B 115 -25.43 -36.12 11.54
N PRO B 116 -24.09 -36.17 11.73
CA PRO B 116 -23.33 -34.96 12.03
C PRO B 116 -23.64 -33.73 11.15
N GLU B 117 -24.26 -33.93 9.99
CA GLU B 117 -24.35 -32.83 9.02
C GLU B 117 -25.72 -32.62 8.37
N ASN B 118 -26.68 -33.49 8.67
CA ASN B 118 -27.99 -33.46 8.02
C ASN B 118 -28.82 -32.18 8.26
N ARG B 119 -28.43 -31.38 9.25
CA ARG B 119 -29.15 -30.15 9.51
C ARG B 119 -28.46 -28.95 8.86
N PHE B 120 -27.47 -29.20 8.01
CA PHE B 120 -26.77 -28.06 7.40
C PHE B 120 -26.70 -28.15 5.91
N ASP B 121 -26.81 -26.98 5.27
CA ASP B 121 -26.54 -26.77 3.83
C ASP B 121 -27.02 -27.88 2.87
N ASN B 122 -27.86 -28.77 3.38
CA ASN B 122 -28.34 -29.90 2.63
C ASN B 122 -29.86 -29.82 2.47
N PRO B 123 -30.59 -29.50 3.57
CA PRO B 123 -32.01 -29.84 3.68
C PRO B 123 -32.84 -29.25 2.56
N GLU B 124 -33.23 -30.13 1.64
CA GLU B 124 -33.91 -29.79 0.40
C GLU B 124 -35.41 -29.49 0.64
N ILE B 125 -35.80 -28.23 0.41
CA ILE B 125 -37.17 -27.75 0.64
C ILE B 125 -37.92 -27.40 -0.64
N ASN B 126 -39.21 -27.73 -0.66
CA ASN B 126 -40.09 -27.55 -1.82
C ASN B 126 -40.45 -26.11 -1.92
N ARG B 127 -40.34 -25.60 -3.14
CA ARG B 127 -40.42 -24.17 -3.36
C ARG B 127 -41.65 -23.57 -2.72
N ASN B 128 -42.82 -24.10 -3.05
CA ASN B 128 -44.06 -23.77 -2.34
C ASN B 128 -43.98 -23.78 -0.81
N ASP B 129 -43.57 -24.91 -0.21
CA ASP B 129 -43.39 -25.02 1.26
C ASP B 129 -42.64 -23.80 1.80
N LEU B 130 -41.64 -23.34 1.08
CA LEU B 130 -40.85 -22.21 1.55
C LEU B 130 -41.69 -20.95 1.58
N ARG B 131 -42.48 -20.77 0.54
CA ARG B 131 -43.35 -19.63 0.42
C ARG B 131 -44.47 -19.67 1.48
N ALA B 132 -44.98 -20.87 1.75
CA ALA B 132 -45.93 -21.06 2.82
C ALA B 132 -45.30 -20.56 4.11
N ILE B 133 -44.12 -21.09 4.47
CA ILE B 133 -43.41 -20.66 5.68
C ILE B 133 -43.25 -19.15 5.73
N LEU B 134 -42.88 -18.55 4.60
CA LEU B 134 -42.68 -17.13 4.57
C LEU B 134 -43.98 -16.36 4.70
N LEU B 135 -45.02 -16.74 3.94
CA LEU B 135 -46.32 -16.03 3.99
C LEU B 135 -46.95 -15.99 5.37
N ASN B 136 -46.76 -17.08 6.12
CA ASN B 136 -47.14 -17.13 7.51
C ASN B 136 -46.45 -16.07 8.31
N SER B 137 -45.15 -15.90 8.10
CA SER B 137 -44.35 -15.02 8.93
C SER B 137 -44.77 -13.56 8.82
N LEU B 138 -45.34 -13.18 7.67
CA LEU B 138 -45.78 -11.80 7.41
C LEU B 138 -47.17 -11.53 8.00
N GLU B 139 -47.43 -10.28 8.42
CA GLU B 139 -48.80 -9.85 8.78
C GLU B 139 -49.75 -10.08 7.63
N ASN B 140 -51.05 -10.15 7.90
CA ASN B 140 -52.02 -10.42 6.83
C ASN B 140 -52.02 -9.26 5.83
N ASP B 141 -52.36 -9.56 4.57
CA ASP B 141 -52.46 -8.53 3.54
C ASP B 141 -51.15 -7.79 3.28
N THR B 142 -50.04 -8.42 3.65
CA THR B 142 -48.73 -7.89 3.29
C THR B 142 -48.49 -8.14 1.82
N VAL B 143 -48.98 -9.26 1.33
CA VAL B 143 -48.81 -9.57 -0.07
C VAL B 143 -50.10 -9.32 -0.80
N ILE B 144 -50.01 -8.49 -1.84
CA ILE B 144 -51.16 -8.18 -2.65
C ILE B 144 -51.05 -9.06 -3.88
N TRP B 145 -51.94 -10.04 -4.05
CA TRP B 145 -51.81 -11.02 -5.15
C TRP B 145 -52.38 -10.43 -6.43
N ASP B 146 -52.11 -11.12 -7.55
CA ASP B 146 -52.51 -10.68 -8.89
C ASP B 146 -52.11 -9.22 -9.15
N ARG B 147 -50.84 -8.94 -8.96
CA ARG B 147 -50.32 -7.62 -9.22
C ARG B 147 -49.12 -7.74 -10.11
N LYS B 148 -49.27 -7.40 -11.37
CA LYS B 148 -48.18 -7.64 -12.29
C LYS B 148 -47.56 -6.33 -12.66
N LEU B 149 -46.50 -5.95 -11.98
CA LEU B 149 -45.92 -4.63 -12.22
C LEU B 149 -45.54 -4.47 -13.67
N VAL B 150 -46.21 -3.57 -14.37
CA VAL B 150 -45.96 -3.37 -15.80
C VAL B 150 -45.09 -2.19 -16.06
N MET B 151 -45.15 -1.23 -15.17
CA MET B 151 -44.41 -0.01 -15.38
C MET B 151 -44.11 0.71 -14.10
N LEU B 152 -42.97 1.37 -14.10
CA LEU B 152 -42.52 2.07 -12.93
C LEU B 152 -42.19 3.50 -13.32
N GLU B 153 -42.69 4.47 -12.57
CA GLU B 153 -42.52 5.88 -12.94
C GLU B 153 -42.43 6.77 -11.71
N PRO B 154 -41.35 7.57 -11.61
CA PRO B 154 -41.07 8.36 -10.42
C PRO B 154 -41.72 9.76 -10.42
N GLY B 155 -42.53 10.02 -9.39
CA GLY B 155 -43.11 11.34 -9.19
C GLY B 155 -42.28 12.24 -8.30
N LYS B 156 -42.93 13.30 -7.82
CA LYS B 156 -42.40 14.28 -6.87
C LYS B 156 -41.56 13.67 -5.75
N LYS B 157 -42.22 12.88 -4.90
CA LYS B 157 -41.62 12.25 -3.71
C LYS B 157 -41.88 10.72 -3.69
N LYS B 158 -42.80 10.26 -4.53
CA LYS B 158 -43.20 8.86 -4.55
C LYS B 158 -43.07 8.28 -5.96
N TRP B 159 -42.66 7.02 -6.03
CA TRP B 159 -42.75 6.25 -7.26
C TRP B 159 -44.23 5.97 -7.52
N THR B 160 -44.62 5.91 -8.80
CA THR B 160 -45.94 5.39 -9.19
C THR B 160 -45.87 4.00 -9.81
N LEU B 161 -46.41 3.03 -9.08
CA LEU B 161 -46.34 1.66 -9.50
C LEU B 161 -47.58 1.23 -10.28
N THR B 162 -47.39 0.78 -11.54
CA THR B 162 -48.47 0.47 -12.48
C THR B 162 -48.64 -1.01 -12.64
N PHE B 163 -49.83 -1.51 -12.35
CA PHE B 163 -50.07 -2.94 -12.48
C PHE B 163 -51.10 -3.18 -13.59
N GLU B 164 -50.92 -4.29 -14.31
CA GLU B 164 -51.83 -4.66 -15.37
C GLU B 164 -53.18 -4.78 -14.75
N ASN B 165 -54.15 -4.10 -15.33
CA ASN B 165 -55.57 -4.20 -14.94
C ASN B 165 -55.82 -4.23 -13.41
N LYS B 166 -55.09 -3.43 -12.64
CA LYS B 166 -55.37 -3.23 -11.21
C LYS B 166 -54.99 -1.81 -10.83
N PRO B 167 -55.49 -1.29 -9.69
CA PRO B 167 -55.15 0.10 -9.38
C PRO B 167 -53.67 0.28 -9.14
N SER B 168 -53.17 1.45 -9.49
CA SER B 168 -51.82 1.83 -9.18
C SER B 168 -51.68 2.10 -7.69
N GLU B 169 -50.46 1.98 -7.20
CA GLU B 169 -50.14 2.33 -5.84
C GLU B 169 -48.87 3.17 -5.88
N THR B 170 -48.47 3.71 -4.74
CA THR B 170 -47.27 4.51 -4.68
C THR B 170 -46.41 4.13 -3.48
N ALA B 171 -45.11 4.38 -3.56
CA ALA B 171 -44.23 4.22 -2.40
C ALA B 171 -42.95 5.07 -2.43
N ASP B 172 -42.28 5.10 -1.28
CA ASP B 172 -41.08 5.95 -1.07
C ASP B 172 -39.78 5.19 -1.35
N LEU B 173 -39.89 3.87 -1.45
CA LEU B 173 -38.78 3.00 -1.83
C LEU B 173 -39.35 1.79 -2.58
N VAL B 174 -38.89 1.55 -3.80
CA VAL B 174 -39.21 0.32 -4.52
C VAL B 174 -38.03 -0.62 -4.52
N ILE B 175 -38.28 -1.86 -4.09
CA ILE B 175 -37.28 -2.89 -4.13
C ILE B 175 -37.68 -3.94 -5.15
N LEU B 176 -37.05 -3.90 -6.31
CA LEU B 176 -37.26 -4.88 -7.32
C LEU B 176 -36.69 -6.14 -6.76
N ALA B 177 -37.51 -7.19 -6.74
CA ALA B 177 -37.11 -8.53 -6.27
C ALA B 177 -37.93 -9.54 -7.04
N ASN B 178 -37.89 -9.40 -8.36
CA ASN B 178 -38.90 -10.04 -9.19
C ASN B 178 -38.34 -10.85 -10.34
N GLY B 179 -37.38 -11.70 -10.05
CA GLY B 179 -36.90 -12.62 -11.07
C GLY B 179 -35.77 -12.12 -11.97
N GLY B 180 -35.08 -13.08 -12.59
CA GLY B 180 -33.97 -12.77 -13.47
C GLY B 180 -34.39 -12.11 -14.78
N MET B 181 -35.70 -12.14 -15.09
CA MET B 181 -36.21 -11.58 -16.33
C MET B 181 -36.88 -10.20 -16.14
N SER B 182 -36.63 -9.59 -14.99
CA SER B 182 -37.22 -8.30 -14.67
C SER B 182 -37.23 -7.35 -15.87
N LYS B 183 -38.43 -6.91 -16.23
CA LYS B 183 -38.63 -6.02 -17.36
C LYS B 183 -38.45 -4.56 -16.93
N VAL B 184 -38.18 -4.31 -15.65
CA VAL B 184 -38.38 -2.97 -15.09
C VAL B 184 -37.13 -2.41 -14.35
N ARG B 185 -35.96 -2.86 -14.82
CA ARG B 185 -34.65 -2.54 -14.21
C ARG B 185 -34.11 -1.15 -14.59
N LYS B 186 -34.72 -0.49 -15.57
CA LYS B 186 -34.05 0.63 -16.28
C LYS B 186 -33.49 1.73 -15.37
N PHE B 187 -34.23 2.04 -14.32
CA PHE B 187 -33.86 3.10 -13.40
C PHE B 187 -32.63 2.80 -12.53
N VAL B 188 -32.27 1.53 -12.43
CA VAL B 188 -31.12 1.12 -11.62
C VAL B 188 -29.92 0.86 -12.51
N THR B 189 -30.11 0.12 -13.60
CA THR B 189 -29.00 -0.25 -14.46
C THR B 189 -29.42 -0.46 -15.90
N ASP B 190 -28.46 -0.30 -16.81
CA ASP B 190 -28.71 -0.52 -18.21
C ASP B 190 -28.35 -1.93 -18.60
N THR B 191 -27.62 -2.61 -17.73
CA THR B 191 -27.24 -4.00 -17.95
C THR B 191 -28.47 -4.83 -18.29
N GLU B 192 -28.27 -5.81 -19.16
CA GLU B 192 -29.32 -6.68 -19.60
C GLU B 192 -28.84 -8.10 -19.56
N VAL B 193 -29.78 -9.01 -19.47
CA VAL B 193 -29.48 -10.41 -19.35
C VAL B 193 -28.75 -10.91 -20.59
N GLU B 194 -27.99 -11.98 -20.44
CA GLU B 194 -27.30 -12.62 -21.57
C GLU B 194 -27.44 -14.11 -21.42
N GLU B 195 -27.53 -14.79 -22.56
CA GLU B 195 -27.61 -16.23 -22.55
C GLU B 195 -26.20 -16.73 -22.39
N THR B 196 -26.00 -17.75 -21.56
CA THR B 196 -24.64 -18.21 -21.34
C THR B 196 -24.14 -19.14 -22.43
N GLY B 197 -25.04 -19.93 -23.01
CA GLY B 197 -24.68 -20.79 -24.09
C GLY B 197 -25.07 -22.21 -23.84
N THR B 198 -25.51 -22.50 -22.62
CA THR B 198 -26.12 -23.80 -22.34
C THR B 198 -27.65 -23.65 -22.29
N PHE B 199 -28.34 -24.77 -22.19
CA PHE B 199 -29.78 -24.79 -22.17
C PHE B 199 -30.23 -25.90 -21.23
N ASN B 200 -31.39 -25.72 -20.61
CA ASN B 200 -31.89 -26.69 -19.65
C ASN B 200 -33.28 -27.15 -20.04
N ILE B 201 -33.57 -28.41 -19.89
CA ILE B 201 -34.92 -28.88 -20.03
C ILE B 201 -35.34 -29.50 -18.70
N GLN B 202 -36.52 -29.13 -18.20
CA GLN B 202 -36.92 -29.43 -16.82
C GLN B 202 -38.30 -30.01 -16.85
N ALA B 203 -38.56 -31.05 -16.08
CA ALA B 203 -39.89 -31.68 -16.08
C ALA B 203 -40.28 -32.26 -14.73
N ASP B 204 -41.56 -32.54 -14.54
CA ASP B 204 -41.98 -33.31 -13.39
C ASP B 204 -42.62 -34.62 -13.77
N ILE B 205 -42.37 -35.63 -12.95
CA ILE B 205 -43.07 -36.90 -13.05
C ILE B 205 -43.79 -37.14 -11.72
N HIS B 206 -45.11 -37.25 -11.77
CA HIS B 206 -45.85 -37.57 -10.56
C HIS B 206 -45.86 -39.06 -10.46
N GLN B 207 -46.06 -39.57 -9.25
CA GLN B 207 -45.96 -41.01 -8.95
C GLN B 207 -44.73 -41.67 -9.60
N PRO B 208 -43.53 -41.11 -9.33
CA PRO B 208 -42.36 -41.54 -10.09
C PRO B 208 -42.24 -43.06 -10.05
N GLU B 209 -42.47 -43.64 -8.87
CA GLU B 209 -42.30 -45.07 -8.64
C GLU B 209 -43.18 -45.95 -9.56
N ILE B 210 -44.25 -45.39 -10.13
CA ILE B 210 -45.07 -46.13 -11.10
C ILE B 210 -44.64 -45.79 -12.52
N ASN B 211 -44.46 -44.49 -12.77
CA ASN B 211 -44.26 -44.01 -14.14
C ASN B 211 -42.82 -44.01 -14.64
N CYS B 212 -41.86 -44.12 -13.73
CA CYS B 212 -40.49 -44.42 -14.14
C CYS B 212 -39.78 -45.24 -13.06
N PRO B 213 -40.21 -46.50 -12.86
CA PRO B 213 -39.68 -47.35 -11.78
C PRO B 213 -38.16 -47.49 -11.90
N GLY B 214 -37.72 -47.89 -13.09
CA GLY B 214 -36.31 -47.99 -13.39
C GLY B 214 -35.55 -46.78 -12.88
N PHE B 215 -35.98 -45.60 -13.30
CA PHE B 215 -35.25 -44.42 -12.87
C PHE B 215 -35.40 -44.15 -11.38
N PHE B 216 -36.62 -44.29 -10.88
CA PHE B 216 -36.87 -44.05 -9.45
C PHE B 216 -35.86 -44.81 -8.59
N GLN B 217 -35.67 -46.09 -8.91
CA GLN B 217 -34.87 -46.98 -8.09
C GLN B 217 -33.38 -46.74 -8.14
N LEU B 218 -32.91 -46.21 -9.27
CA LEU B 218 -31.52 -45.70 -9.39
C LEU B 218 -31.21 -44.57 -8.40
N CYS B 219 -32.20 -43.69 -8.20
CA CYS B 219 -32.12 -42.57 -7.26
C CYS B 219 -32.06 -43.07 -5.82
N ASN B 220 -32.89 -44.06 -5.52
CA ASN B 220 -32.92 -44.67 -4.21
C ASN B 220 -32.99 -43.61 -3.10
N GLY B 221 -34.00 -42.75 -3.20
CA GLY B 221 -34.30 -41.70 -2.19
C GLY B 221 -33.24 -40.64 -2.11
N ASN B 222 -32.43 -40.58 -3.15
CA ASN B 222 -31.29 -39.70 -3.19
C ASN B 222 -31.27 -38.94 -4.50
N ARG B 223 -30.73 -37.73 -4.50
CA ARG B 223 -30.59 -36.96 -5.75
C ARG B 223 -29.63 -37.66 -6.67
N LEU B 224 -29.66 -37.34 -7.95
CA LEU B 224 -28.87 -38.08 -8.92
C LEU B 224 -28.35 -37.17 -9.99
N MET B 225 -27.07 -37.26 -10.25
CA MET B 225 -26.43 -36.49 -11.34
C MET B 225 -25.62 -37.46 -12.16
N ALA B 226 -25.79 -37.37 -13.46
CA ALA B 226 -25.07 -38.21 -14.38
C ALA B 226 -24.68 -37.33 -15.55
N SER B 227 -23.52 -37.58 -16.12
CA SER B 227 -23.05 -36.82 -17.28
C SER B 227 -22.49 -37.76 -18.37
N HIS B 228 -22.74 -37.43 -19.64
CA HIS B 228 -22.26 -38.26 -20.78
C HIS B 228 -22.29 -37.54 -22.12
N GLN B 229 -21.10 -37.16 -22.58
CA GLN B 229 -20.87 -36.52 -23.89
C GLN B 229 -21.50 -35.13 -23.94
N GLY B 230 -21.15 -34.27 -22.99
CA GLY B 230 -21.70 -32.92 -22.94
C GLY B 230 -23.22 -32.89 -22.84
N ASN B 231 -23.79 -33.93 -22.20
CA ASN B 231 -25.21 -33.97 -21.79
C ASN B 231 -25.33 -34.24 -20.29
N LEU B 232 -25.98 -33.36 -19.56
CA LEU B 232 -26.08 -33.56 -18.13
C LEU B 232 -27.49 -33.83 -17.68
N LEU B 233 -27.67 -34.88 -16.87
CA LEU B 233 -28.98 -35.16 -16.26
C LEU B 233 -28.89 -35.05 -14.75
N PHE B 234 -29.78 -34.28 -14.16
CA PHE B 234 -29.86 -34.20 -12.73
C PHE B 234 -31.25 -34.67 -12.34
N ALA B 235 -31.41 -35.22 -11.14
CA ALA B 235 -32.77 -35.54 -10.68
C ALA B 235 -32.91 -35.50 -9.18
N ASN B 236 -34.02 -34.95 -8.70
CA ASN B 236 -34.44 -35.19 -7.34
C ASN B 236 -35.63 -36.12 -7.41
N PRO B 237 -35.61 -37.24 -6.65
CA PRO B 237 -36.66 -38.24 -6.82
C PRO B 237 -37.84 -38.03 -5.88
N ASN B 238 -37.68 -37.12 -4.94
CA ASN B 238 -38.70 -36.86 -3.96
C ASN B 238 -38.82 -35.37 -3.67
N ASN B 239 -39.43 -34.65 -4.61
CA ASN B 239 -39.85 -33.27 -4.38
C ASN B 239 -41.34 -33.29 -4.12
N ASN B 240 -41.69 -33.31 -2.82
CA ASN B 240 -43.07 -33.51 -2.36
C ASN B 240 -43.77 -34.61 -3.16
N GLY B 241 -43.09 -35.73 -3.27
CA GLY B 241 -43.65 -36.90 -3.89
C GLY B 241 -43.65 -36.87 -5.40
N ALA B 242 -42.93 -35.92 -5.98
CA ALA B 242 -42.79 -35.92 -7.43
C ALA B 242 -41.36 -35.80 -7.80
N LEU B 243 -40.99 -36.53 -8.84
CA LEU B 243 -39.65 -36.51 -9.35
C LEU B 243 -39.50 -35.29 -10.24
N HIS B 244 -38.48 -34.47 -9.97
CA HIS B 244 -38.13 -33.36 -10.83
C HIS B 244 -36.76 -33.65 -11.43
N PHE B 245 -36.67 -33.68 -12.75
CA PHE B 245 -35.37 -33.81 -13.38
C PHE B 245 -34.95 -32.64 -14.30
N GLY B 246 -33.64 -32.44 -14.47
CA GLY B 246 -33.15 -31.50 -15.47
C GLY B 246 -32.20 -32.17 -16.48
N ILE B 247 -32.32 -31.82 -17.77
CA ILE B 247 -31.29 -32.22 -18.74
C ILE B 247 -30.53 -30.97 -19.21
N SER B 248 -29.22 -31.05 -19.41
CA SER B 248 -28.46 -29.85 -19.78
C SER B 248 -27.35 -30.06 -20.82
N PHE B 249 -27.16 -29.04 -21.65
CA PHE B 249 -26.28 -29.16 -22.81
C PHE B 249 -25.95 -27.79 -23.31
N LYS B 250 -24.79 -27.65 -23.97
CA LYS B 250 -24.49 -26.42 -24.73
C LYS B 250 -25.63 -26.23 -25.73
N THR B 251 -26.10 -24.99 -25.88
CA THR B 251 -27.16 -24.69 -26.84
C THR B 251 -26.68 -25.10 -28.22
N PRO B 252 -27.48 -25.94 -28.91
CA PRO B 252 -27.22 -26.36 -30.30
C PRO B 252 -27.15 -25.16 -31.29
N ASP B 253 -26.17 -25.15 -32.16
CA ASP B 253 -25.88 -23.92 -32.91
C ASP B 253 -26.83 -23.57 -34.08
N GLU B 254 -28.14 -23.81 -33.92
CA GLU B 254 -29.16 -23.30 -34.89
C GLU B 254 -30.34 -22.73 -34.12
N TRP B 255 -30.06 -22.11 -32.99
CA TRP B 255 -31.14 -21.69 -32.11
C TRP B 255 -31.17 -20.18 -31.87
N THR B 259 -35.03 -22.79 -29.70
CA THR B 259 -35.53 -22.38 -31.04
C THR B 259 -36.18 -23.54 -31.86
N GLN B 260 -35.43 -24.24 -32.73
CA GLN B 260 -36.10 -25.21 -33.65
C GLN B 260 -36.55 -26.52 -32.96
N VAL B 261 -36.88 -26.43 -31.68
CA VAL B 261 -37.66 -27.46 -30.97
C VAL B 261 -38.86 -26.77 -30.31
N ASP B 262 -40.05 -27.32 -30.56
CA ASP B 262 -41.27 -26.71 -30.03
C ASP B 262 -41.60 -27.21 -28.63
N PHE B 263 -41.48 -26.33 -27.65
CA PHE B 263 -41.73 -26.73 -26.25
C PHE B 263 -43.21 -26.82 -25.94
N GLN B 264 -44.04 -26.58 -26.97
CA GLN B 264 -45.49 -26.76 -26.91
C GLN B 264 -45.88 -28.17 -27.33
N ASN B 265 -45.30 -28.64 -28.44
CA ASN B 265 -45.46 -30.02 -28.90
CA ASN B 265 -45.48 -30.01 -28.87
C ASN B 265 -44.51 -30.97 -28.18
N ARG B 266 -45.04 -31.75 -27.23
CA ARG B 266 -44.23 -32.67 -26.43
C ARG B 266 -43.52 -33.67 -27.30
N ASN B 267 -44.17 -34.06 -28.38
CA ASN B 267 -43.59 -35.00 -29.33
C ASN B 267 -42.31 -34.43 -29.90
N SER B 268 -42.34 -33.15 -30.25
CA SER B 268 -41.17 -32.46 -30.77
C SER B 268 -40.01 -32.46 -29.78
N VAL B 269 -40.32 -32.31 -28.49
CA VAL B 269 -39.26 -32.30 -27.46
C VAL B 269 -38.74 -33.71 -27.24
N VAL B 270 -39.63 -34.66 -27.03
CA VAL B 270 -39.26 -36.06 -26.87
C VAL B 270 -38.32 -36.52 -28.00
N ASP B 271 -38.66 -36.16 -29.23
CA ASP B 271 -37.88 -36.62 -30.39
C ASP B 271 -36.46 -36.10 -30.35
N PHE B 272 -36.28 -34.86 -29.91
CA PHE B 272 -34.94 -34.27 -29.77
C PHE B 272 -34.14 -34.94 -28.66
N LEU B 273 -34.79 -35.22 -27.53
CA LEU B 273 -34.10 -35.74 -26.36
C LEU B 273 -33.70 -37.17 -26.59
N LEU B 274 -34.50 -37.90 -27.39
CA LEU B 274 -34.18 -39.30 -27.70
C LEU B 274 -33.04 -39.43 -28.71
N LYS B 275 -32.91 -38.48 -29.64
CA LYS B 275 -31.75 -38.39 -30.53
C LYS B 275 -30.47 -38.07 -29.75
N GLU B 276 -30.56 -37.16 -28.78
CA GLU B 276 -29.42 -36.83 -27.94
C GLU B 276 -29.09 -37.91 -26.93
N PHE B 277 -30.11 -38.64 -26.48
CA PHE B 277 -29.94 -39.59 -25.39
C PHE B 277 -29.91 -41.05 -25.83
N SER B 278 -29.77 -41.29 -27.13
CA SER B 278 -29.81 -42.63 -27.71
C SER B 278 -28.87 -43.58 -27.01
N ASP B 279 -27.66 -43.09 -26.71
CA ASP B 279 -26.61 -43.84 -26.02
C ASP B 279 -26.96 -44.39 -24.62
N TRP B 280 -27.78 -43.63 -23.88
CA TRP B 280 -28.08 -43.89 -22.45
C TRP B 280 -29.01 -45.08 -22.19
N ASP B 281 -28.92 -45.62 -20.98
CA ASP B 281 -29.68 -46.80 -20.58
C ASP B 281 -31.18 -46.68 -20.80
N GLU B 282 -31.81 -47.85 -20.96
CA GLU B 282 -33.26 -48.00 -21.14
C GLU B 282 -34.02 -47.29 -20.01
N ARG B 283 -33.45 -47.33 -18.79
CA ARG B 283 -34.03 -46.63 -17.63
C ARG B 283 -34.26 -45.12 -17.80
N TYR B 284 -33.28 -44.38 -18.33
CA TYR B 284 -33.37 -42.90 -18.49
C TYR B 284 -34.34 -42.51 -19.61
N LYS B 285 -34.41 -43.36 -20.63
CA LYS B 285 -35.24 -43.08 -21.79
C LYS B 285 -36.71 -43.16 -21.38
N GLU B 286 -37.00 -44.07 -20.46
CA GLU B 286 -38.30 -44.17 -19.83
C GLU B 286 -38.71 -42.78 -19.32
N LEU B 287 -37.81 -42.18 -18.56
CA LEU B 287 -37.98 -40.86 -18.01
C LEU B 287 -38.49 -39.88 -19.08
N ILE B 288 -37.73 -39.74 -20.17
CA ILE B 288 -38.11 -38.85 -21.25
C ILE B 288 -39.49 -39.24 -21.84
N HIS B 289 -39.64 -40.52 -22.17
CA HIS B 289 -40.84 -41.04 -22.82
C HIS B 289 -42.06 -40.90 -21.92
N THR B 290 -41.84 -40.76 -20.61
CA THR B 290 -42.94 -40.63 -19.67
C THR B 290 -43.35 -39.17 -19.38
N THR B 291 -42.38 -38.26 -19.36
CA THR B 291 -42.68 -36.86 -19.11
C THR B 291 -43.85 -36.40 -19.96
N LEU B 292 -44.88 -35.85 -19.31
CA LEU B 292 -46.02 -35.31 -20.01
C LEU B 292 -45.67 -33.98 -20.70
N SER B 293 -44.98 -33.08 -19.99
CA SER B 293 -44.57 -31.82 -20.59
C SER B 293 -43.27 -31.28 -20.02
N PHE B 294 -42.56 -30.53 -20.85
CA PHE B 294 -41.21 -30.05 -20.57
C PHE B 294 -41.15 -28.52 -20.46
N VAL B 295 -40.15 -27.99 -19.78
CA VAL B 295 -39.99 -26.54 -19.68
C VAL B 295 -38.57 -26.16 -20.07
N GLY B 296 -38.39 -25.77 -21.33
CA GLY B 296 -37.06 -25.43 -21.84
C GLY B 296 -36.69 -23.96 -21.76
N LEU B 297 -35.93 -23.59 -20.74
CA LEU B 297 -35.35 -22.24 -20.68
C LEU B 297 -33.81 -22.22 -20.71
N ALA B 298 -33.23 -21.31 -21.50
CA ALA B 298 -31.78 -21.17 -21.64
C ALA B 298 -31.14 -20.71 -20.36
N THR B 299 -29.88 -21.07 -20.12
CA THR B 299 -29.16 -20.56 -18.99
C THR B 299 -28.84 -19.10 -19.29
N ARG B 300 -29.13 -18.22 -18.32
CA ARG B 300 -28.96 -16.78 -18.48
C ARG B 300 -28.17 -16.24 -17.33
N ILE B 301 -27.42 -15.16 -17.57
CA ILE B 301 -26.75 -14.41 -16.49
C ILE B 301 -27.10 -12.94 -16.59
N PHE B 302 -27.36 -12.29 -15.46
CA PHE B 302 -27.46 -10.84 -15.40
C PHE B 302 -26.21 -10.26 -14.72
N PRO B 303 -25.14 -10.06 -15.49
CA PRO B 303 -23.81 -9.86 -14.95
C PRO B 303 -23.62 -8.60 -14.09
N LEU B 304 -22.89 -8.77 -13.01
CA LEU B 304 -22.44 -7.65 -12.19
C LEU B 304 -21.15 -7.02 -12.75
N GLU B 305 -21.27 -6.53 -14.00
CA GLU B 305 -20.18 -5.93 -14.79
C GLU B 305 -19.91 -4.45 -14.45
N LYS B 306 -20.83 -3.56 -14.85
CA LYS B 306 -20.73 -2.10 -14.58
C LYS B 306 -21.26 -1.78 -13.20
N PRO B 307 -20.74 -0.70 -12.57
CA PRO B 307 -21.47 -0.16 -11.43
C PRO B 307 -22.84 0.32 -11.89
N TRP B 308 -23.81 0.29 -10.98
CA TRP B 308 -25.16 0.67 -11.32
C TRP B 308 -25.30 2.20 -11.34
N LYS B 309 -26.38 2.68 -11.93
CA LYS B 309 -26.63 4.11 -12.02
C LYS B 309 -26.50 4.83 -10.69
N SER B 310 -25.63 5.84 -10.65
CA SER B 310 -25.38 6.55 -9.40
C SER B 310 -26.14 7.89 -9.29
N LYS B 311 -26.98 8.19 -10.29
CA LYS B 311 -27.98 9.28 -10.17
C LYS B 311 -29.33 8.62 -10.41
N ARG B 312 -30.21 8.63 -9.41
CA ARG B 312 -31.56 8.02 -9.50
C ARG B 312 -32.65 8.97 -8.97
N PRO B 313 -33.75 9.11 -9.72
CA PRO B 313 -34.78 10.10 -9.42
C PRO B 313 -35.33 9.96 -8.00
N LEU B 314 -35.47 8.71 -7.55
CA LEU B 314 -35.92 8.40 -6.20
C LEU B 314 -35.13 7.20 -5.70
N PRO B 315 -35.42 6.75 -4.47
CA PRO B 315 -34.68 5.58 -4.03
C PRO B 315 -35.26 4.23 -4.57
N ILE B 316 -34.36 3.42 -5.13
CA ILE B 316 -34.72 2.16 -5.78
C ILE B 316 -33.51 1.19 -5.73
N THR B 317 -33.80 -0.10 -5.57
CA THR B 317 -32.75 -1.09 -5.53
C THR B 317 -33.23 -2.43 -6.03
N MET B 318 -32.34 -3.43 -5.99
CA MET B 318 -32.66 -4.79 -6.48
C MET B 318 -32.00 -5.86 -5.62
N ILE B 319 -32.77 -6.91 -5.34
CA ILE B 319 -32.30 -8.12 -4.66
C ILE B 319 -32.72 -9.43 -5.35
N GLY B 320 -32.06 -10.53 -4.98
CA GLY B 320 -32.31 -11.84 -5.58
C GLY B 320 -31.88 -11.83 -7.05
N ASP B 321 -32.67 -12.43 -7.93
CA ASP B 321 -32.20 -12.61 -9.31
C ASP B 321 -32.33 -11.35 -10.12
N ALA B 322 -33.19 -10.44 -9.67
CA ALA B 322 -33.33 -9.11 -10.29
C ALA B 322 -31.99 -8.38 -10.17
N ALA B 323 -31.19 -8.82 -9.20
CA ALA B 323 -29.91 -8.22 -9.01
C ALA B 323 -28.83 -8.98 -9.75
N HIS B 324 -28.76 -10.30 -9.58
CA HIS B 324 -27.58 -11.05 -10.07
C HIS B 324 -27.88 -12.50 -10.55
N LEU B 325 -28.97 -12.60 -11.32
CA LEU B 325 -29.34 -13.84 -12.00
C LEU B 325 -28.09 -14.56 -12.51
N MET B 326 -27.93 -15.82 -12.16
CA MET B 326 -26.71 -16.57 -12.49
C MET B 326 -27.02 -18.06 -12.72
N PRO B 327 -26.24 -18.72 -13.58
CA PRO B 327 -26.46 -20.13 -13.89
C PRO B 327 -26.69 -21.04 -12.68
N PRO B 328 -27.75 -21.87 -12.71
CA PRO B 328 -28.22 -22.73 -11.61
C PRO B 328 -27.28 -23.88 -11.21
N PHE B 329 -26.04 -23.83 -11.73
CA PHE B 329 -25.09 -24.94 -11.58
C PHE B 329 -24.25 -24.97 -10.28
N ALA B 330 -24.63 -24.16 -9.29
CA ALA B 330 -23.81 -24.06 -8.07
C ALA B 330 -24.61 -23.89 -6.77
N GLY B 331 -25.94 -23.81 -6.86
CA GLY B 331 -26.77 -23.64 -5.65
C GLY B 331 -26.62 -22.26 -5.02
N GLN B 332 -25.80 -21.44 -5.66
CA GLN B 332 -25.96 -20.02 -5.51
C GLN B 332 -27.25 -19.70 -6.28
N GLY B 333 -27.87 -18.62 -5.86
CA GLY B 333 -29.15 -18.26 -6.39
C GLY B 333 -29.92 -17.80 -5.19
N VAL B 334 -30.66 -18.72 -4.61
CA VAL B 334 -31.56 -18.36 -3.56
C VAL B 334 -30.75 -17.89 -2.35
N ASN B 335 -29.60 -18.51 -2.17
CA ASN B 335 -28.73 -18.18 -1.02
C ASN B 335 -28.15 -16.75 -1.06
N SER B 336 -27.40 -16.44 -2.11
CA SER B 336 -26.96 -15.07 -2.32
C SER B 336 -28.09 -14.08 -2.24
N GLY B 337 -29.23 -14.45 -2.78
CA GLY B 337 -30.40 -13.55 -2.75
C GLY B 337 -31.05 -13.34 -1.38
N LEU B 338 -31.01 -14.38 -0.55
CA LEU B 338 -31.45 -14.23 0.83
C LEU B 338 -30.45 -13.37 1.62
N VAL B 339 -29.15 -13.63 1.46
CA VAL B 339 -28.15 -12.72 1.99
C VAL B 339 -28.44 -11.29 1.55
N ASP B 340 -28.91 -11.12 0.33
CA ASP B 340 -29.28 -9.80 -0.17
C ASP B 340 -30.26 -9.11 0.73
N ALA B 341 -31.31 -9.84 1.08
CA ALA B 341 -32.33 -9.33 2.00
C ALA B 341 -31.72 -9.01 3.37
N LEU B 342 -30.91 -9.93 3.89
CA LEU B 342 -30.39 -9.79 5.23
C LEU B 342 -29.60 -8.49 5.32
N ILE B 343 -28.87 -8.18 4.28
CA ILE B 343 -28.01 -7.00 4.30
C ILE B 343 -28.77 -5.69 4.11
N LEU B 344 -29.57 -5.63 3.06
CA LEU B 344 -30.34 -4.43 2.80
C LEU B 344 -31.32 -4.20 3.93
N SER B 345 -31.90 -5.25 4.48
CA SER B 345 -32.88 -5.06 5.55
C SER B 345 -32.22 -4.46 6.80
N ASP B 346 -31.08 -5.01 7.20
CA ASP B 346 -30.32 -4.42 8.30
C ASP B 346 -30.05 -2.95 8.03
N ASN B 347 -29.43 -2.66 6.88
CA ASN B 347 -29.13 -1.28 6.49
C ASN B 347 -30.33 -0.37 6.58
N LEU B 348 -31.51 -0.89 6.22
CA LEU B 348 -32.72 -0.09 6.26
C LEU B 348 -33.37 0.03 7.64
N ALA B 349 -32.74 -0.43 8.71
CA ALA B 349 -33.39 -0.40 10.01
C ALA B 349 -32.51 0.07 11.13
N ASP B 350 -31.21 -0.23 11.05
CA ASP B 350 -30.26 -0.03 12.17
C ASP B 350 -30.08 1.42 12.61
N GLY B 351 -30.24 2.35 11.65
CA GLY B 351 -30.05 3.77 11.88
C GLY B 351 -28.57 4.15 11.90
N LYS B 352 -27.77 3.43 11.12
CA LYS B 352 -26.35 3.70 11.02
C LYS B 352 -26.03 4.38 9.68
N PHE B 353 -27.07 4.94 9.06
CA PHE B 353 -26.95 5.67 7.78
C PHE B 353 -27.72 6.98 7.84
N ASN B 354 -27.32 7.93 6.99
CA ASN B 354 -27.85 9.28 7.08
C ASN B 354 -29.05 9.52 6.15
N SER B 355 -29.14 8.71 5.11
CA SER B 355 -30.26 8.78 4.18
C SER B 355 -30.48 7.41 3.55
N ILE B 356 -31.67 7.19 3.02
CA ILE B 356 -31.99 5.92 2.36
C ILE B 356 -30.98 5.65 1.25
N GLU B 357 -30.75 6.66 0.42
CA GLU B 357 -29.76 6.61 -0.65
C GLU B 357 -28.50 5.91 -0.16
N GLU B 358 -27.92 6.44 0.92
CA GLU B 358 -26.70 5.91 1.50
C GLU B 358 -26.81 4.47 1.96
N ALA B 359 -27.98 4.05 2.41
CA ALA B 359 -28.12 2.71 2.97
C ALA B 359 -28.18 1.67 1.87
N VAL B 360 -28.84 2.05 0.78
CA VAL B 360 -28.92 1.21 -0.41
C VAL B 360 -27.53 1.22 -1.03
N LYS B 361 -27.01 2.42 -1.33
CA LYS B 361 -25.69 2.57 -1.94
C LYS B 361 -24.64 1.72 -1.24
N ASN B 362 -24.90 1.38 0.01
CA ASN B 362 -23.97 0.58 0.78
C ASN B 362 -24.20 -0.89 0.63
N TYR B 363 -25.45 -1.32 0.75
CA TYR B 363 -25.81 -2.71 0.51
C TYR B 363 -25.29 -3.14 -0.86
N GLU B 364 -25.47 -2.25 -1.85
CA GLU B 364 -25.10 -2.55 -3.23
C GLU B 364 -23.59 -2.79 -3.39
N GLN B 365 -22.77 -2.10 -2.58
CA GLN B 365 -21.32 -2.31 -2.58
C GLN B 365 -20.96 -3.73 -2.17
N GLN B 366 -21.55 -4.16 -1.06
CA GLN B 366 -21.28 -5.46 -0.50
C GLN B 366 -21.77 -6.55 -1.43
N MET B 367 -22.95 -6.36 -2.01
CA MET B 367 -23.49 -7.35 -2.94
C MET B 367 -22.64 -7.47 -4.19
N PHE B 368 -22.22 -6.35 -4.74
CA PHE B 368 -21.33 -6.39 -5.90
C PHE B 368 -20.10 -7.23 -5.64
N ILE B 369 -19.85 -7.55 -4.37
CA ILE B 369 -18.66 -8.31 -3.99
C ILE B 369 -18.91 -9.80 -3.86
N TYR B 370 -19.72 -10.24 -2.91
CA TYR B 370 -20.08 -11.67 -2.85
C TYR B 370 -20.95 -12.09 -4.02
N GLY B 371 -21.58 -11.12 -4.67
CA GLY B 371 -22.35 -11.39 -5.85
C GLY B 371 -21.47 -11.78 -7.00
N LYS B 372 -20.48 -10.94 -7.31
CA LYS B 372 -19.56 -11.24 -8.39
C LYS B 372 -18.82 -12.57 -8.14
N GLU B 373 -18.49 -12.82 -6.88
CA GLU B 373 -17.94 -14.11 -6.43
C GLU B 373 -18.85 -15.29 -6.78
N ALA B 374 -20.11 -15.20 -6.35
CA ALA B 374 -21.10 -16.26 -6.67
C ALA B 374 -21.21 -16.53 -8.18
N GLN B 375 -21.35 -15.46 -8.95
CA GLN B 375 -21.39 -15.55 -10.40
C GLN B 375 -20.12 -16.14 -10.97
N GLU B 376 -18.95 -15.63 -10.58
CA GLU B 376 -17.71 -16.16 -11.14
C GLU B 376 -17.68 -17.68 -10.90
N GLU B 377 -18.12 -18.08 -9.70
CA GLU B 377 -18.11 -19.47 -9.30
C GLU B 377 -19.04 -20.26 -10.21
N SER B 378 -20.25 -19.75 -10.42
CA SER B 378 -21.28 -20.45 -11.21
C SER B 378 -20.87 -20.59 -12.65
N THR B 379 -20.51 -19.45 -13.25
CA THR B 379 -19.93 -19.43 -14.58
C THR B 379 -18.89 -20.53 -14.68
N GLN B 380 -17.98 -20.56 -13.71
CA GLN B 380 -16.85 -21.47 -13.77
C GLN B 380 -17.30 -22.92 -13.76
N ASN B 381 -18.28 -23.22 -12.90
CA ASN B 381 -18.77 -24.57 -12.82
C ASN B 381 -19.44 -24.93 -14.12
N GLU B 382 -20.19 -23.98 -14.66
CA GLU B 382 -20.81 -24.14 -15.94
C GLU B 382 -19.78 -24.62 -16.95
N ILE B 383 -18.70 -23.86 -17.11
CA ILE B 383 -17.68 -24.22 -18.09
C ILE B 383 -17.19 -25.67 -17.90
N GLU B 384 -16.92 -26.04 -16.66
CA GLU B 384 -16.26 -27.32 -16.38
C GLU B 384 -17.11 -28.51 -16.73
N MET B 385 -18.40 -28.42 -16.45
CA MET B 385 -19.33 -29.56 -16.60
C MET B 385 -19.56 -29.99 -18.05
N PHE B 386 -19.60 -29.01 -18.94
CA PHE B 386 -19.90 -29.23 -20.34
C PHE B 386 -18.65 -29.46 -21.15
N LYS B 387 -17.49 -29.28 -20.51
CA LYS B 387 -16.22 -29.70 -21.11
C LYS B 387 -16.38 -31.15 -21.58
N PRO B 388 -15.89 -31.48 -22.80
CA PRO B 388 -16.11 -32.79 -23.42
C PRO B 388 -16.16 -33.93 -22.39
N ASP B 389 -15.06 -34.10 -21.64
CA ASP B 389 -14.86 -35.24 -20.75
C ASP B 389 -14.97 -34.82 -19.29
N PHE B 390 -16.19 -34.81 -18.78
CA PHE B 390 -16.46 -34.41 -17.41
C PHE B 390 -17.01 -35.59 -16.59
N THR B 391 -16.52 -35.71 -15.35
CA THR B 391 -17.17 -36.53 -14.33
C THR B 391 -17.30 -35.72 -13.05
N PHE B 392 -18.44 -35.87 -12.36
CA PHE B 392 -18.65 -35.29 -11.03
C PHE B 392 -17.65 -35.84 -10.00
N GLN B 393 -16.83 -36.82 -10.42
CA GLN B 393 -15.77 -37.40 -9.58
C GLN B 393 -14.39 -37.21 -10.23
N SER C 25 0.83 13.11 -26.19
CA SER C 25 0.81 14.57 -26.51
C SER C 25 1.76 14.94 -27.68
N ASP C 26 1.20 15.57 -28.71
CA ASP C 26 1.98 16.17 -29.80
C ASP C 26 1.65 17.66 -29.80
N LYS C 27 1.41 18.19 -28.61
CA LYS C 27 0.84 19.51 -28.47
C LYS C 27 1.74 20.44 -27.63
N ASN C 28 1.19 21.55 -27.14
CA ASN C 28 1.94 22.47 -26.29
C ASN C 28 1.09 23.27 -25.28
N VAL C 29 1.65 23.49 -24.10
CA VAL C 29 0.93 24.15 -23.02
C VAL C 29 1.43 25.57 -22.86
N ALA C 30 0.55 26.44 -22.39
CA ALA C 30 0.94 27.83 -22.07
C ALA C 30 0.46 28.21 -20.67
N ILE C 31 1.40 28.38 -19.75
CA ILE C 31 1.07 28.77 -18.39
C ILE C 31 1.16 30.25 -18.32
N ILE C 32 0.07 30.88 -17.91
CA ILE C 32 0.09 32.32 -17.78
C ILE C 32 0.56 32.66 -16.35
N GLY C 33 1.78 33.17 -16.20
CA GLY C 33 2.21 33.65 -14.90
C GLY C 33 3.42 32.94 -14.33
N GLY C 34 4.49 33.69 -14.12
CA GLY C 34 5.71 33.13 -13.54
C GLY C 34 5.74 33.14 -12.03
N GLY C 35 4.63 32.72 -11.40
CA GLY C 35 4.56 32.65 -9.94
C GLY C 35 5.26 31.39 -9.42
N PRO C 36 5.47 31.29 -8.08
CA PRO C 36 5.97 30.02 -7.59
C PRO C 36 5.05 28.92 -8.11
N VAL C 37 3.74 29.12 -8.08
CA VAL C 37 2.85 28.08 -8.60
C VAL C 37 2.96 27.82 -10.11
N GLY C 38 3.06 28.91 -10.89
CA GLY C 38 3.26 28.78 -12.32
C GLY C 38 4.54 28.03 -12.70
N LEU C 39 5.68 28.53 -12.23
CA LEU C 39 6.98 27.99 -12.60
C LEU C 39 7.14 26.53 -12.20
N THR C 40 6.47 26.15 -11.11
CA THR C 40 6.53 24.78 -10.65
C THR C 40 5.79 23.90 -11.67
N MET C 41 4.54 24.29 -11.97
CA MET C 41 3.73 23.64 -13.00
C MET C 41 4.58 23.42 -14.24
N ALA C 42 5.34 24.45 -14.66
CA ALA C 42 6.25 24.39 -15.80
C ALA C 42 7.35 23.34 -15.63
N LYS C 43 8.00 23.32 -14.47
CA LYS C 43 9.03 22.31 -14.23
C LYS C 43 8.49 20.90 -14.37
N LEU C 44 7.42 20.61 -13.63
CA LEU C 44 6.83 19.28 -13.56
C LEU C 44 6.30 18.77 -14.90
N LEU C 45 5.91 19.71 -15.77
CA LEU C 45 5.53 19.36 -17.13
C LEU C 45 6.77 19.13 -17.99
N GLN C 46 7.71 20.07 -17.91
CA GLN C 46 8.90 20.04 -18.77
C GLN C 46 9.75 18.78 -18.59
N GLN C 47 9.96 18.40 -17.33
CA GLN C 47 10.70 17.18 -17.01
C GLN C 47 10.00 15.91 -17.47
N ASN C 48 8.77 16.04 -17.98
CA ASN C 48 8.05 14.92 -18.57
C ASN C 48 8.07 14.98 -20.09
N GLY C 49 8.74 15.97 -20.64
CA GLY C 49 8.86 16.09 -22.09
C GLY C 49 7.89 17.08 -22.69
N ILE C 50 6.70 17.15 -22.11
CA ILE C 50 5.64 18.10 -22.51
C ILE C 50 6.14 19.52 -22.84
N ASP C 51 5.95 19.94 -24.09
CA ASP C 51 6.34 21.27 -24.56
C ASP C 51 5.52 22.34 -23.83
N VAL C 52 6.19 23.25 -23.13
CA VAL C 52 5.50 24.23 -22.27
C VAL C 52 6.12 25.62 -22.33
N SER C 53 5.33 26.65 -22.02
CA SER C 53 5.83 28.02 -21.99
C SER C 53 5.23 28.78 -20.85
N VAL C 54 6.00 29.72 -20.30
CA VAL C 54 5.50 30.54 -19.21
C VAL C 54 5.54 32.01 -19.60
N TYR C 55 4.36 32.62 -19.67
CA TYR C 55 4.25 34.01 -20.03
C TYR C 55 4.15 34.86 -18.76
N GLU C 56 5.20 35.63 -18.51
CA GLU C 56 5.23 36.40 -17.29
C GLU C 56 5.17 37.89 -17.53
N ARG C 57 4.34 38.56 -16.73
CA ARG C 57 4.11 40.00 -16.75
C ARG C 57 5.41 40.79 -16.49
N ASP C 58 6.18 40.35 -15.49
CA ASP C 58 7.36 41.08 -15.04
C ASP C 58 8.40 41.38 -16.12
N ASN C 59 9.01 42.55 -16.00
CA ASN C 59 9.80 43.09 -17.07
C ASN C 59 11.10 42.37 -17.36
N ASP C 60 11.66 41.69 -16.36
CA ASP C 60 12.82 40.80 -16.52
C ASP C 60 12.88 39.78 -15.35
N ARG C 61 13.90 38.92 -15.30
CA ARG C 61 13.95 37.93 -14.19
C ARG C 61 14.37 38.48 -12.82
N GLU C 62 15.06 39.61 -12.85
CA GLU C 62 15.57 40.25 -11.63
C GLU C 62 14.60 41.30 -11.05
N ALA C 63 13.39 41.38 -11.62
CA ALA C 63 12.29 42.15 -11.03
C ALA C 63 12.07 41.68 -9.58
N ARG C 64 11.91 42.63 -8.66
CA ARG C 64 11.78 42.32 -7.23
C ARG C 64 10.36 41.98 -6.84
N ILE C 65 10.20 40.86 -6.14
CA ILE C 65 8.87 40.37 -5.76
C ILE C 65 8.51 40.85 -4.38
N PHE C 66 7.55 41.76 -4.31
CA PHE C 66 7.01 42.20 -3.02
C PHE C 66 6.20 41.13 -2.25
N GLY C 67 6.27 41.19 -0.93
CA GLY C 67 5.63 40.19 -0.09
C GLY C 67 6.59 39.61 0.94
N GLY C 68 6.07 38.71 1.77
CA GLY C 68 6.84 38.15 2.87
C GLY C 68 7.71 37.03 2.37
N THR C 69 8.01 36.11 3.27
CA THR C 69 8.66 34.87 2.86
C THR C 69 7.58 33.79 2.75
N LEU C 70 7.92 32.68 2.12
CA LEU C 70 7.02 31.55 1.99
C LEU C 70 7.60 30.38 2.77
N ASP C 71 6.73 29.49 3.23
CA ASP C 71 7.17 28.29 3.91
C ASP C 71 6.45 27.15 3.26
N LEU C 72 7.21 26.16 2.81
CA LEU C 72 6.61 25.01 2.18
C LEU C 72 6.42 23.90 3.21
N HIS C 73 5.15 23.54 3.44
CA HIS C 73 4.81 22.51 4.42
C HIS C 73 5.25 21.15 3.89
N LYS C 74 5.71 20.29 4.80
CA LYS C 74 6.24 19.00 4.43
C LYS C 74 5.21 18.09 3.75
N GLY C 75 3.92 18.24 4.09
CA GLY C 75 2.87 17.44 3.46
C GLY C 75 2.63 17.74 1.99
N SER C 76 2.82 19.00 1.63
CA SER C 76 2.26 19.51 0.39
C SER C 76 3.26 20.24 -0.50
N GLY C 77 3.52 21.50 -0.18
CA GLY C 77 4.41 22.34 -0.96
C GLY C 77 5.73 21.65 -1.15
N GLN C 78 6.23 21.08 -0.05
CA GLN C 78 7.49 20.35 -0.10
C GLN C 78 7.45 19.20 -1.10
N GLU C 79 6.34 18.47 -1.14
CA GLU C 79 6.21 17.33 -2.07
C GLU C 79 6.48 17.73 -3.54
N ALA C 80 5.95 18.88 -3.96
CA ALA C 80 6.13 19.31 -5.32
C ALA C 80 7.62 19.55 -5.61
N MET C 81 8.31 20.19 -4.67
CA MET C 81 9.75 20.41 -4.81
C MET C 81 10.51 19.09 -4.93
N LYS C 82 10.21 18.15 -4.03
CA LYS C 82 10.69 16.77 -4.13
C LYS C 82 10.57 16.26 -5.56
N LYS C 83 9.36 16.35 -6.12
CA LYS C 83 9.08 15.78 -7.45
C LYS C 83 9.79 16.59 -8.54
N ALA C 84 10.31 17.76 -8.20
CA ALA C 84 11.09 18.51 -9.16
C ALA C 84 12.59 18.47 -8.85
N GLY C 85 12.96 17.72 -7.81
CA GLY C 85 14.38 17.50 -7.45
C GLY C 85 14.99 18.73 -6.80
N LEU C 86 14.11 19.61 -6.37
CA LEU C 86 14.47 20.93 -5.86
C LEU C 86 14.33 21.05 -4.35
N LEU C 87 13.76 20.01 -3.72
CA LEU C 87 13.59 19.99 -2.27
C LEU C 87 14.90 20.39 -1.57
N GLN C 88 15.99 19.76 -1.97
CA GLN C 88 17.27 20.02 -1.33
C GLN C 88 17.63 21.49 -1.43
N THR C 89 17.73 21.96 -2.67
CA THR C 89 18.00 23.36 -2.99
C THR C 89 17.15 24.32 -2.15
N TYR C 90 15.86 23.99 -2.02
CA TYR C 90 14.93 24.75 -1.19
C TYR C 90 15.44 24.91 0.25
N TYR C 91 15.85 23.82 0.89
CA TYR C 91 16.36 23.92 2.26
C TYR C 91 17.58 24.82 2.29
N ASP C 92 18.53 24.53 1.39
CA ASP C 92 19.77 25.28 1.23
C ASP C 92 19.59 26.81 1.34
N LEU C 93 18.44 27.31 0.90
CA LEU C 93 18.19 28.74 0.86
C LEU C 93 17.21 29.20 1.93
N ALA C 94 16.29 28.29 2.24
CA ALA C 94 15.29 28.48 3.29
C ALA C 94 15.95 28.66 4.64
N LEU C 95 15.31 29.44 5.50
CA LEU C 95 15.81 29.62 6.85
C LEU C 95 14.75 29.24 7.90
N PRO C 96 15.00 28.15 8.65
CA PRO C 96 14.16 27.83 9.79
C PRO C 96 14.01 29.04 10.71
N MET C 97 12.82 29.27 11.24
CA MET C 97 12.58 30.46 12.07
C MET C 97 11.65 30.25 13.26
N GLY C 98 12.12 30.65 14.44
CA GLY C 98 11.30 30.70 15.65
C GLY C 98 10.25 31.80 15.61
N VAL C 99 9.30 31.73 16.54
CA VAL C 99 8.15 32.62 16.57
C VAL C 99 7.95 33.19 17.97
N ASN C 100 8.12 34.50 18.14
CA ASN C 100 7.80 35.16 19.42
C ASN C 100 6.41 35.75 19.35
N ILE C 101 5.62 35.58 20.42
CA ILE C 101 4.32 36.23 20.48
C ILE C 101 4.38 37.37 21.48
N ALA C 102 3.63 38.45 21.23
CA ALA C 102 3.86 39.70 21.95
C ALA C 102 2.64 40.50 22.40
N ASP C 103 2.77 41.11 23.57
CA ASP C 103 1.83 42.13 24.03
C ASP C 103 2.22 43.41 23.31
N ALA C 104 1.39 44.43 23.37
CA ALA C 104 1.82 45.75 22.93
C ALA C 104 3.02 46.21 23.77
N ALA C 105 2.98 46.00 25.08
CA ALA C 105 4.14 46.30 25.93
C ALA C 105 5.39 45.49 25.48
N GLY C 106 5.43 44.21 25.84
CA GLY C 106 6.60 43.39 25.55
C GLY C 106 6.28 41.93 25.29
N ASN C 107 7.24 41.07 25.60
CA ASN C 107 7.20 39.65 25.25
C ASN C 107 6.16 38.80 26.02
N ILE C 108 5.66 37.74 25.38
CA ILE C 108 4.69 36.80 25.98
C ILE C 108 5.12 35.33 25.84
N LEU C 109 5.31 34.86 24.61
CA LEU C 109 5.80 33.51 24.37
C LEU C 109 6.90 33.50 23.31
N SER C 110 8.02 32.89 23.65
CA SER C 110 9.04 32.59 22.67
C SER C 110 8.89 31.12 22.30
N THR C 111 9.38 30.75 21.14
CA THR C 111 9.38 29.39 20.66
C THR C 111 10.54 29.36 19.71
N LYS C 112 11.55 28.57 20.02
CA LYS C 112 12.62 28.38 19.04
C LYS C 112 12.30 27.18 18.16
N ASN C 113 13.16 26.91 17.20
CA ASN C 113 13.03 25.73 16.36
C ASN C 113 13.88 24.57 16.91
N VAL C 114 13.21 23.51 17.36
CA VAL C 114 13.91 22.31 17.83
C VAL C 114 14.51 21.64 16.60
N LYS C 115 15.77 21.20 16.71
CA LYS C 115 16.51 20.60 15.59
C LYS C 115 15.82 19.36 14.99
N PRO C 116 15.15 18.53 15.82
CA PRO C 116 14.25 17.50 15.28
C PRO C 116 13.28 17.96 14.17
N GLU C 117 13.07 19.27 14.02
CA GLU C 117 11.99 19.74 13.16
C GLU C 117 12.35 20.88 12.21
N ASN C 118 13.57 21.42 12.34
CA ASN C 118 13.97 22.60 11.54
C ASN C 118 13.98 22.43 10.01
N ARG C 119 13.91 21.19 9.54
CA ARG C 119 13.87 20.93 8.11
C ARG C 119 12.45 20.68 7.63
N PHE C 120 11.45 20.91 8.48
CA PHE C 120 10.07 20.72 8.04
C PHE C 120 9.16 21.93 8.21
N ASP C 121 8.27 22.11 7.23
CA ASP C 121 7.12 23.03 7.28
C ASP C 121 7.39 24.44 7.85
N ASN C 122 8.65 24.71 8.15
CA ASN C 122 9.06 25.94 8.78
C ASN C 122 9.88 26.80 7.82
N PRO C 123 10.84 26.18 7.07
CA PRO C 123 11.95 26.92 6.47
C PRO C 123 11.52 28.08 5.55
N GLU C 124 11.65 29.29 6.08
CA GLU C 124 11.14 30.51 5.45
C GLU C 124 12.06 31.02 4.31
N ILE C 125 11.56 30.93 3.07
CA ILE C 125 12.34 31.27 1.89
C ILE C 125 11.90 32.58 1.26
N ASN C 126 12.85 33.33 0.71
CA ASN C 126 12.57 34.61 0.10
C ASN C 126 11.90 34.40 -1.25
N ARG C 127 10.87 35.19 -1.53
CA ARG C 127 10.06 34.96 -2.73
C ARG C 127 10.88 34.92 -4.00
N ASN C 128 11.77 35.89 -4.17
CA ASN C 128 12.77 35.85 -5.23
C ASN C 128 13.65 34.60 -5.30
N ASP C 129 14.34 34.27 -4.19
CA ASP C 129 15.11 33.04 -4.07
C ASP C 129 14.40 31.81 -4.62
N LEU C 130 13.11 31.67 -4.31
CA LEU C 130 12.34 30.54 -4.82
C LEU C 130 12.23 30.57 -6.33
N ARG C 131 12.01 31.76 -6.86
CA ARG C 131 11.87 31.93 -8.29
C ARG C 131 13.21 31.63 -8.94
N ALA C 132 14.28 32.07 -8.29
CA ALA C 132 15.57 31.83 -8.84
C ALA C 132 15.74 30.31 -8.95
N ILE C 133 15.47 29.59 -7.85
CA ILE C 133 15.57 28.12 -7.82
C ILE C 133 14.73 27.50 -8.95
N LEU C 134 13.51 28.00 -9.14
CA LEU C 134 12.64 27.47 -10.15
C LEU C 134 13.13 27.78 -11.57
N LEU C 135 13.53 29.01 -11.84
CA LEU C 135 13.99 29.39 -13.19
C LEU C 135 15.18 28.60 -13.66
N ASN C 136 16.09 28.31 -12.73
CA ASN C 136 17.18 27.38 -12.96
C ASN C 136 16.70 26.04 -13.45
N SER C 137 15.69 25.49 -12.76
CA SER C 137 15.22 24.15 -13.06
C SER C 137 14.66 23.98 -14.48
N LEU C 138 14.16 25.06 -15.08
CA LEU C 138 13.56 25.01 -16.42
C LEU C 138 14.64 25.16 -17.48
N GLU C 139 14.44 24.57 -18.65
CA GLU C 139 15.30 24.83 -19.83
C GLU C 139 15.27 26.32 -20.16
N ASN C 140 16.27 26.78 -20.90
CA ASN C 140 16.36 28.21 -21.22
C ASN C 140 15.20 28.62 -22.11
N ASP C 141 14.80 29.89 -22.03
CA ASP C 141 13.69 30.44 -22.83
C ASP C 141 12.34 29.74 -22.63
N THR C 142 12.20 29.07 -21.50
CA THR C 142 10.93 28.52 -21.11
C THR C 142 10.05 29.66 -20.62
N VAL C 143 10.63 30.64 -19.96
CA VAL C 143 9.85 31.78 -19.57
C VAL C 143 10.06 32.96 -20.53
N ILE C 144 8.96 33.46 -21.07
CA ILE C 144 9.01 34.62 -21.91
C ILE C 144 8.65 35.80 -21.00
N TRP C 145 9.59 36.73 -20.83
CA TRP C 145 9.36 37.87 -19.93
C TRP C 145 8.63 39.00 -20.66
N ASP C 146 8.16 39.97 -19.88
CA ASP C 146 7.38 41.11 -20.40
C ASP C 146 6.24 40.64 -21.27
N ARG C 147 5.45 39.73 -20.73
CA ARG C 147 4.30 39.22 -21.44
C ARG C 147 3.07 39.40 -20.57
N LYS C 148 2.24 40.37 -20.91
CA LYS C 148 1.13 40.64 -20.05
C LYS C 148 -0.16 40.18 -20.72
N LEU C 149 -0.59 38.97 -20.40
CA LEU C 149 -1.78 38.44 -21.06
C LEU C 149 -2.94 39.41 -20.87
N VAL C 150 -3.40 40.03 -21.97
CA VAL C 150 -4.52 40.97 -21.90
C VAL C 150 -5.82 40.32 -22.29
N MET C 151 -5.73 39.30 -23.15
CA MET C 151 -6.93 38.69 -23.71
C MET C 151 -6.72 37.28 -24.22
N LEU C 152 -7.77 36.49 -24.12
CA LEU C 152 -7.67 35.09 -24.41
C LEU C 152 -8.87 34.78 -25.30
N GLU C 153 -8.59 34.10 -26.42
CA GLU C 153 -9.62 33.85 -27.41
C GLU C 153 -9.41 32.51 -28.13
N PRO C 154 -10.45 31.65 -28.14
CA PRO C 154 -10.29 30.30 -28.67
C PRO C 154 -10.61 30.15 -30.15
N GLY C 155 -9.65 29.66 -30.92
CA GLY C 155 -9.85 29.43 -32.34
C GLY C 155 -10.23 27.99 -32.59
N LYS C 156 -10.01 27.57 -33.84
CA LYS C 156 -10.31 26.22 -34.35
C LYS C 156 -9.86 25.08 -33.44
N LYS C 157 -8.54 24.97 -33.24
CA LYS C 157 -7.90 23.92 -32.46
C LYS C 157 -6.94 24.55 -31.43
N LYS C 158 -6.65 25.83 -31.59
CA LYS C 158 -5.72 26.55 -30.71
C LYS C 158 -6.33 27.78 -30.05
N TRP C 159 -5.97 28.04 -28.78
CA TRP C 159 -6.24 29.32 -28.15
C TRP C 159 -5.35 30.39 -28.80
N THR C 160 -5.84 31.61 -28.93
CA THR C 160 -4.99 32.76 -29.27
C THR C 160 -4.74 33.68 -28.04
N LEU C 161 -3.48 33.71 -27.62
CA LEU C 161 -3.09 34.45 -26.47
C LEU C 161 -2.62 35.82 -26.91
N THR C 162 -3.24 36.87 -26.36
CA THR C 162 -2.95 38.29 -26.68
C THR C 162 -2.18 38.98 -25.58
N PHE C 163 -1.01 39.52 -25.90
CA PHE C 163 -0.19 40.19 -24.90
C PHE C 163 -0.02 41.64 -25.23
N GLU C 164 0.03 42.48 -24.20
CA GLU C 164 0.12 43.91 -24.38
C GLU C 164 1.38 44.19 -25.16
N ASN C 165 1.25 44.94 -26.25
CA ASN C 165 2.39 45.37 -27.04
C ASN C 165 3.44 44.28 -27.30
N LYS C 166 3.02 43.04 -27.52
CA LYS C 166 3.92 41.97 -27.95
C LYS C 166 3.22 41.05 -28.97
N PRO C 167 3.97 40.22 -29.72
CA PRO C 167 3.25 39.33 -30.61
C PRO C 167 2.38 38.35 -29.83
N SER C 168 1.28 37.94 -30.47
CA SER C 168 0.40 36.93 -29.96
C SER C 168 1.11 35.60 -30.14
N GLU C 169 0.72 34.63 -29.32
CA GLU C 169 1.15 33.25 -29.45
C GLU C 169 -0.09 32.36 -29.37
N THR C 170 0.07 31.06 -29.64
CA THR C 170 -1.06 30.13 -29.58
C THR C 170 -0.66 28.88 -28.82
N ALA C 171 -1.64 28.19 -28.24
CA ALA C 171 -1.39 26.86 -27.65
C ALA C 171 -2.63 25.93 -27.59
N ASP C 172 -2.36 24.67 -27.24
CA ASP C 172 -3.40 23.64 -27.22
C ASP C 172 -3.96 23.43 -25.81
N LEU C 173 -3.28 24.01 -24.83
CA LEU C 173 -3.79 24.05 -23.49
C LEU C 173 -3.29 25.32 -22.81
N VAL C 174 -4.24 26.10 -22.27
CA VAL C 174 -3.86 27.26 -21.44
C VAL C 174 -4.10 26.96 -19.96
N ILE C 175 -3.05 27.16 -19.16
CA ILE C 175 -3.14 27.03 -17.72
C ILE C 175 -2.99 28.43 -17.09
N LEU C 176 -4.10 28.97 -16.62
CA LEU C 176 -4.06 30.20 -15.93
C LEU C 176 -3.45 29.83 -14.62
N ALA C 177 -2.39 30.56 -14.27
CA ALA C 177 -1.67 30.46 -12.99
C ALA C 177 -1.12 31.85 -12.65
N ASN C 178 -1.99 32.86 -12.73
CA ASN C 178 -1.54 34.25 -12.77
C ASN C 178 -2.13 35.19 -11.71
N GLY C 179 -2.14 34.73 -10.46
CA GLY C 179 -2.56 35.63 -9.36
C GLY C 179 -4.05 35.61 -9.06
N GLY C 180 -4.39 35.97 -7.84
CA GLY C 180 -5.78 36.00 -7.41
C GLY C 180 -6.63 37.04 -8.12
N MET C 181 -6.00 37.96 -8.84
CA MET C 181 -6.73 39.01 -9.50
C MET C 181 -6.89 38.77 -11.00
N SER C 182 -6.62 37.55 -11.44
CA SER C 182 -6.73 37.20 -12.85
C SER C 182 -7.96 37.78 -13.56
N LYS C 183 -7.65 38.57 -14.60
CA LYS C 183 -8.65 39.30 -15.36
C LYS C 183 -9.27 38.40 -16.44
N VAL C 184 -8.81 37.14 -16.52
CA VAL C 184 -9.01 36.32 -17.72
C VAL C 184 -9.56 34.93 -17.37
N ARG C 185 -10.37 34.88 -16.33
CA ARG C 185 -10.98 33.65 -15.85
C ARG C 185 -12.26 33.22 -16.63
N LYS C 186 -12.83 34.11 -17.44
CA LYS C 186 -14.24 33.96 -17.89
C LYS C 186 -14.54 32.59 -18.50
N PHE C 187 -13.60 32.03 -19.25
CA PHE C 187 -13.83 30.78 -19.93
C PHE C 187 -13.92 29.57 -19.01
N VAL C 188 -13.43 29.74 -17.79
CA VAL C 188 -13.46 28.66 -16.80
C VAL C 188 -14.63 28.80 -15.82
N THR C 189 -14.81 30.01 -15.30
CA THR C 189 -15.81 30.24 -14.29
C THR C 189 -16.25 31.69 -14.29
N ASP C 190 -17.49 31.88 -13.84
CA ASP C 190 -18.08 33.20 -13.75
C ASP C 190 -17.84 33.78 -12.38
N THR C 191 -17.44 32.93 -11.44
CA THR C 191 -17.13 33.36 -10.07
C THR C 191 -16.17 34.53 -10.15
N GLU C 192 -16.32 35.43 -9.19
CA GLU C 192 -15.46 36.57 -9.11
C GLU C 192 -15.02 36.73 -7.68
N VAL C 193 -13.89 37.40 -7.53
CA VAL C 193 -13.29 37.64 -6.24
C VAL C 193 -14.25 38.41 -5.29
N GLU C 194 -14.09 38.22 -3.98
CA GLU C 194 -14.83 39.01 -2.99
C GLU C 194 -13.89 39.49 -1.90
N GLU C 195 -14.15 40.69 -1.41
CA GLU C 195 -13.39 41.18 -0.28
C GLU C 195 -13.95 40.48 0.96
N THR C 196 -13.09 40.07 1.87
CA THR C 196 -13.58 39.33 3.03
C THR C 196 -14.09 40.26 4.14
N GLY C 197 -13.47 41.44 4.25
CA GLY C 197 -13.89 42.41 5.26
C GLY C 197 -12.75 42.86 6.13
N THR C 198 -11.60 42.21 6.01
CA THR C 198 -10.38 42.70 6.64
C THR C 198 -9.50 43.37 5.60
N PHE C 199 -8.45 44.02 6.06
CA PHE C 199 -7.53 44.75 5.23
C PHE C 199 -6.12 44.52 5.77
N ASN C 200 -5.11 44.60 4.90
CA ASN C 200 -3.73 44.41 5.32
C ASN C 200 -2.90 45.57 4.86
N ILE C 201 -1.96 46.00 5.69
CA ILE C 201 -0.99 46.98 5.25
C ILE C 201 0.38 46.31 5.43
N GLN C 202 1.20 46.37 4.38
CA GLN C 202 2.44 45.62 4.32
C GLN C 202 3.63 46.53 3.96
N ALA C 203 4.76 46.39 4.62
CA ALA C 203 5.88 47.24 4.26
C ALA C 203 7.24 46.59 4.47
N ASP C 204 8.26 47.16 3.84
CA ASP C 204 9.62 46.74 4.14
C ASP C 204 10.44 47.81 4.82
N ILE C 205 11.28 47.36 5.75
CA ILE C 205 12.32 48.19 6.31
C ILE C 205 13.63 47.52 5.99
N HIS C 206 14.48 48.21 5.24
CA HIS C 206 15.87 47.80 5.06
C HIS C 206 16.75 48.24 6.25
N GLN C 207 17.84 47.52 6.49
CA GLN C 207 18.67 47.71 7.68
C GLN C 207 17.81 47.86 8.95
N PRO C 208 16.97 46.85 9.23
CA PRO C 208 16.04 46.98 10.34
C PRO C 208 16.74 47.38 11.62
N GLU C 209 17.90 46.76 11.86
CA GLU C 209 18.69 46.98 13.08
C GLU C 209 19.12 48.43 13.32
N ILE C 210 19.18 49.24 12.26
CA ILE C 210 19.46 50.66 12.41
C ILE C 210 18.18 51.48 12.46
N ASN C 211 17.24 51.16 11.57
CA ASN C 211 16.06 52.00 11.40
C ASN C 211 14.90 51.68 12.31
N CYS C 212 14.89 50.48 12.90
CA CYS C 212 13.95 50.20 13.98
C CYS C 212 14.58 49.22 14.96
N PRO C 213 15.57 49.71 15.71
CA PRO C 213 16.33 48.87 16.62
C PRO C 213 15.40 48.25 17.64
N GLY C 214 14.57 49.09 18.27
CA GLY C 214 13.60 48.65 19.27
C GLY C 214 12.81 47.46 18.77
N PHE C 215 12.20 47.61 17.60
CA PHE C 215 11.41 46.53 17.05
C PHE C 215 12.26 45.34 16.63
N PHE C 216 13.42 45.60 16.02
CA PHE C 216 14.29 44.51 15.58
C PHE C 216 14.59 43.54 16.74
N GLN C 217 14.89 44.11 17.90
CA GLN C 217 15.36 43.35 19.05
C GLN C 217 14.27 42.58 19.74
N LEU C 218 13.04 43.08 19.65
CA LEU C 218 11.87 42.33 20.10
C LEU C 218 11.70 41.05 19.30
N CYS C 219 12.05 41.10 18.03
CA CYS C 219 11.93 39.93 17.16
C CYS C 219 13.00 38.90 17.47
N ASN C 220 14.21 39.38 17.74
CA ASN C 220 15.33 38.55 18.17
C ASN C 220 15.53 37.36 17.21
N GLY C 221 15.63 37.67 15.92
CA GLY C 221 15.87 36.70 14.85
C GLY C 221 14.72 35.75 14.63
N ASN C 222 13.56 36.13 15.14
CA ASN C 222 12.40 35.27 15.13
C ASN C 222 11.24 36.08 14.61
N ARG C 223 10.31 35.42 13.94
CA ARG C 223 9.07 36.06 13.50
C ARG C 223 8.32 36.55 14.72
N LEU C 224 7.41 37.50 14.51
CA LEU C 224 6.69 38.11 15.61
C LEU C 224 5.23 38.38 15.26
N MET C 225 4.32 37.94 16.11
CA MET C 225 2.91 38.23 15.95
C MET C 225 2.38 38.82 17.25
N ALA C 226 1.68 39.94 17.13
CA ALA C 226 1.13 40.61 18.28
C ALA C 226 -0.28 41.03 17.92
N SER C 227 -1.20 40.97 18.88
CA SER C 227 -2.59 41.38 18.65
C SER C 227 -3.13 42.24 19.78
N HIS C 228 -3.90 43.29 19.43
CA HIS C 228 -4.47 44.20 20.43
C HIS C 228 -5.63 45.05 19.90
N GLN C 229 -6.84 44.71 20.34
CA GLN C 229 -8.07 45.46 20.02
C GLN C 229 -8.46 45.36 18.55
N GLY C 230 -8.53 44.15 18.02
CA GLY C 230 -8.82 43.96 16.60
C GLY C 230 -7.83 44.65 15.65
N ASN C 231 -6.57 44.70 16.08
CA ASN C 231 -5.44 45.15 15.27
C ASN C 231 -4.33 44.12 15.34
N LEU C 232 -3.92 43.57 14.19
CA LEU C 232 -2.88 42.54 14.16
C LEU C 232 -1.57 42.95 13.50
N LEU C 233 -0.46 42.75 14.19
CA LEU C 233 0.82 43.03 13.60
C LEU C 233 1.61 41.73 13.50
N PHE C 234 2.11 41.46 12.31
CA PHE C 234 3.00 40.33 12.13
C PHE C 234 4.30 40.91 11.63
N ALA C 235 5.41 40.19 11.86
CA ALA C 235 6.70 40.62 11.33
C ALA C 235 7.67 39.48 11.15
N ASN C 236 8.37 39.49 10.03
CA ASN C 236 9.57 38.72 9.89
C ASN C 236 10.74 39.70 9.92
N PRO C 237 11.73 39.46 10.78
CA PRO C 237 12.78 40.44 10.95
C PRO C 237 13.95 40.21 10.02
N ASN C 238 13.95 39.06 9.36
CA ASN C 238 15.06 38.70 8.48
C ASN C 238 14.59 38.05 7.18
N ASN C 239 14.07 38.88 6.28
CA ASN C 239 13.74 38.45 4.93
C ASN C 239 14.81 38.97 4.00
N ASN C 240 15.81 38.14 3.75
CA ASN C 240 17.03 38.54 3.05
C ASN C 240 17.57 39.88 3.55
N GLY C 241 17.67 39.99 4.86
CA GLY C 241 18.22 41.16 5.51
C GLY C 241 17.31 42.36 5.55
N ALA C 242 16.03 42.15 5.27
CA ALA C 242 15.06 43.22 5.40
C ALA C 242 13.89 42.77 6.20
N LEU C 243 13.40 43.67 7.05
CA LEU C 243 12.23 43.41 7.87
C LEU C 243 10.99 43.62 7.04
N HIS C 244 10.14 42.61 7.00
CA HIS C 244 8.84 42.75 6.35
C HIS C 244 7.77 42.61 7.41
N PHE C 245 6.94 43.64 7.59
CA PHE C 245 5.82 43.54 8.53
C PHE C 245 4.42 43.67 7.88
N GLY C 246 3.41 43.15 8.57
CA GLY C 246 2.01 43.36 8.17
C GLY C 246 1.14 43.81 9.32
N ILE C 247 0.30 44.80 9.08
CA ILE C 247 -0.74 45.18 10.05
C ILE C 247 -2.12 44.77 9.51
N SER C 248 -2.99 44.25 10.35
CA SER C 248 -4.31 43.81 9.88
C SER C 248 -5.49 44.19 10.80
N PHE C 249 -6.64 44.37 10.17
CA PHE C 249 -7.82 44.91 10.84
C PHE C 249 -9.06 44.67 9.98
N LYS C 250 -10.23 44.57 10.62
CA LYS C 250 -11.49 44.62 9.86
C LYS C 250 -11.48 45.94 9.09
N THR C 251 -11.85 45.90 7.82
CA THR C 251 -11.96 47.11 7.01
C THR C 251 -12.88 48.10 7.72
N PRO C 252 -12.37 49.32 7.94
CA PRO C 252 -13.17 50.41 8.50
C PRO C 252 -14.42 50.77 7.67
N ASP C 253 -15.52 51.01 8.39
CA ASP C 253 -16.76 51.51 7.78
C ASP C 253 -16.59 52.98 7.37
N GLN C 260 -10.74 55.87 2.14
CA GLN C 260 -10.31 57.25 2.41
C GLN C 260 -8.96 57.36 3.14
N VAL C 261 -8.01 56.49 2.77
CA VAL C 261 -6.56 56.63 3.06
C VAL C 261 -5.77 56.48 1.74
N ASP C 262 -4.90 57.44 1.48
CA ASP C 262 -4.13 57.47 0.24
C ASP C 262 -2.83 56.70 0.39
N PHE C 263 -2.76 55.56 -0.28
CA PHE C 263 -1.57 54.72 -0.19
C PHE C 263 -0.44 55.25 -1.04
N GLN C 264 -0.67 56.42 -1.65
CA GLN C 264 0.37 57.14 -2.37
C GLN C 264 1.08 58.16 -1.47
N ASN C 265 0.29 58.90 -0.69
CA ASN C 265 0.79 59.82 0.32
C ASN C 265 1.12 59.04 1.60
N ARG C 266 2.42 58.83 1.85
CA ARG C 266 2.89 58.06 3.03
C ARG C 266 2.41 58.71 4.32
N ASN C 267 2.37 60.04 4.32
CA ASN C 267 1.91 60.81 5.47
C ASN C 267 0.48 60.43 5.83
N SER C 268 -0.36 60.33 4.81
CA SER C 268 -1.74 59.90 4.97
C SER C 268 -1.87 58.50 5.60
N VAL C 269 -0.99 57.57 5.21
CA VAL C 269 -1.02 56.22 5.77
C VAL C 269 -0.52 56.23 7.20
N VAL C 270 0.62 56.88 7.43
CA VAL C 270 1.23 57.02 8.77
C VAL C 270 0.25 57.59 9.78
N ASP C 271 -0.45 58.65 9.38
CA ASP C 271 -1.43 59.31 10.25
C ASP C 271 -2.58 58.41 10.67
N PHE C 272 -3.04 57.54 9.76
CA PHE C 272 -4.07 56.55 10.09
C PHE C 272 -3.56 55.49 11.07
N LEU C 273 -2.35 54.98 10.80
CA LEU C 273 -1.79 53.88 11.59
C LEU C 273 -1.41 54.33 12.98
N LEU C 274 -1.02 55.60 13.11
CA LEU C 274 -0.73 56.18 14.42
C LEU C 274 -1.99 56.40 15.27
N LYS C 275 -3.10 56.79 14.65
CA LYS C 275 -4.40 56.90 15.34
C LYS C 275 -4.88 55.53 15.83
N GLU C 276 -4.75 54.52 14.99
CA GLU C 276 -5.09 53.14 15.34
C GLU C 276 -4.13 52.55 16.38
N PHE C 277 -2.85 52.92 16.30
CA PHE C 277 -1.82 52.28 17.11
C PHE C 277 -1.35 53.08 18.31
N SER C 278 -2.08 54.15 18.64
CA SER C 278 -1.71 55.05 19.73
C SER C 278 -1.38 54.30 21.03
N ASP C 279 -2.23 53.33 21.38
CA ASP C 279 -2.04 52.49 22.57
C ASP C 279 -0.72 51.72 22.69
N TRP C 280 -0.17 51.31 21.54
CA TRP C 280 0.98 50.38 21.46
C TRP C 280 2.31 51.01 21.83
N ASP C 281 3.26 50.17 22.22
CA ASP C 281 4.57 50.62 22.71
C ASP C 281 5.31 51.54 21.76
N GLU C 282 6.21 52.34 22.32
CA GLU C 282 7.08 53.27 21.59
C GLU C 282 7.84 52.53 20.48
N ARG C 283 8.22 51.29 20.74
CA ARG C 283 8.96 50.46 19.78
C ARG C 283 8.24 50.21 18.44
N TYR C 284 6.95 49.90 18.49
CA TYR C 284 6.14 49.59 17.31
C TYR C 284 5.83 50.83 16.50
N LYS C 285 5.70 51.96 17.17
CA LYS C 285 5.39 53.22 16.49
C LYS C 285 6.60 53.69 15.69
N GLU C 286 7.79 53.34 16.16
CA GLU C 286 9.02 53.54 15.42
C GLU C 286 8.84 52.88 14.05
N LEU C 287 8.47 51.61 14.07
CA LEU C 287 8.22 50.83 12.87
C LEU C 287 7.34 51.58 11.84
N ILE C 288 6.21 52.09 12.29
CA ILE C 288 5.32 52.86 11.42
C ILE C 288 5.98 54.15 10.91
N HIS C 289 6.52 54.92 11.84
CA HIS C 289 7.14 56.22 11.56
C HIS C 289 8.40 56.08 10.67
N THR C 290 8.97 54.87 10.58
CA THR C 290 10.16 54.64 9.78
C THR C 290 9.87 54.14 8.40
N THR C 291 8.81 53.34 8.24
CA THR C 291 8.47 52.79 6.94
C THR C 291 8.43 53.88 5.89
N LEU C 292 9.15 53.68 4.78
CA LEU C 292 9.15 54.68 3.74
C LEU C 292 7.86 54.64 2.90
N SER C 293 7.40 53.43 2.55
CA SER C 293 6.11 53.30 1.84
C SER C 293 5.40 52.00 2.17
N PHE C 294 4.07 52.07 2.05
CA PHE C 294 3.16 51.02 2.48
C PHE C 294 2.39 50.46 1.29
N VAL C 295 1.94 49.22 1.39
CA VAL C 295 1.17 48.56 0.34
C VAL C 295 -0.12 48.03 0.93
N GLY C 296 -1.20 48.78 0.74
CA GLY C 296 -2.48 48.41 1.35
C GLY C 296 -3.44 47.69 0.42
N LEU C 297 -3.54 46.37 0.56
CA LEU C 297 -4.50 45.60 -0.21
C LEU C 297 -5.46 44.83 0.69
N ALA C 298 -6.74 44.87 0.36
CA ALA C 298 -7.78 44.17 1.13
C ALA C 298 -7.63 42.66 1.07
N THR C 299 -8.11 41.96 2.09
CA THR C 299 -8.13 40.51 2.04
C THR C 299 -9.24 40.09 1.10
N ARG C 300 -8.89 39.21 0.17
CA ARG C 300 -9.81 38.77 -0.87
C ARG C 300 -9.93 37.26 -0.88
N ILE C 301 -11.10 36.76 -1.28
CA ILE C 301 -11.28 35.35 -1.56
C ILE C 301 -11.86 35.13 -2.94
N PHE C 302 -11.36 34.11 -3.64
CA PHE C 302 -11.98 33.63 -4.86
C PHE C 302 -12.62 32.27 -4.58
N PRO C 303 -13.85 32.27 -4.09
CA PRO C 303 -14.47 31.10 -3.49
C PRO C 303 -14.71 29.91 -4.43
N LEU C 304 -14.45 28.73 -3.91
CA LEU C 304 -14.75 27.50 -4.64
C LEU C 304 -16.20 27.07 -4.35
N GLU C 305 -17.12 27.95 -4.78
CA GLU C 305 -18.56 27.84 -4.50
C GLU C 305 -19.29 26.95 -5.50
N LYS C 306 -19.41 27.43 -6.75
CA LYS C 306 -20.06 26.69 -7.84
C LYS C 306 -19.05 25.76 -8.51
N PRO C 307 -19.52 24.64 -9.09
CA PRO C 307 -18.67 23.92 -10.02
C PRO C 307 -18.37 24.83 -11.20
N TRP C 308 -17.19 24.65 -11.80
CA TRP C 308 -16.76 25.48 -12.93
C TRP C 308 -17.43 25.05 -14.22
N LYS C 309 -17.36 25.91 -15.24
CA LYS C 309 -18.03 25.65 -16.50
C LYS C 309 -17.65 24.31 -17.09
N SER C 310 -18.66 23.48 -17.34
CA SER C 310 -18.46 22.12 -17.85
C SER C 310 -18.56 21.99 -19.39
N LYS C 311 -18.82 23.11 -20.07
CA LYS C 311 -18.66 23.19 -21.51
C LYS C 311 -17.63 24.28 -21.78
N ARG C 312 -16.51 23.92 -22.40
CA ARG C 312 -15.44 24.88 -22.71
C ARG C 312 -14.91 24.70 -24.11
N PRO C 313 -14.76 25.80 -24.86
CA PRO C 313 -14.44 25.76 -26.30
C PRO C 313 -13.18 24.96 -26.61
N LEU C 314 -12.18 25.08 -25.73
CA LEU C 314 -10.94 24.32 -25.83
C LEU C 314 -10.52 23.91 -24.44
N PRO C 315 -9.35 23.26 -24.31
CA PRO C 315 -8.94 22.88 -22.95
C PRO C 315 -8.27 24.02 -22.18
N ILE C 316 -8.78 24.30 -20.98
CA ILE C 316 -8.31 25.42 -20.14
C ILE C 316 -8.54 25.09 -18.66
N THR C 317 -7.60 25.52 -17.82
CA THR C 317 -7.73 25.30 -16.38
C THR C 317 -7.00 26.36 -15.56
N MET C 318 -7.05 26.21 -14.24
CA MET C 318 -6.45 27.19 -13.34
C MET C 318 -5.79 26.53 -12.14
N ILE C 319 -4.60 27.01 -11.78
CA ILE C 319 -3.91 26.60 -10.58
C ILE C 319 -3.42 27.81 -9.79
N GLY C 320 -3.04 27.56 -8.53
CA GLY C 320 -2.60 28.59 -7.60
C GLY C 320 -3.75 29.49 -7.16
N ASP C 321 -3.48 30.79 -7.13
CA ASP C 321 -4.44 31.76 -6.66
C ASP C 321 -5.45 32.08 -7.70
N ALA C 322 -5.11 31.87 -8.98
CA ALA C 322 -6.11 31.96 -10.05
C ALA C 322 -7.23 30.94 -9.86
N ALA C 323 -6.96 29.92 -9.07
CA ALA C 323 -7.94 28.92 -8.80
C ALA C 323 -8.66 29.21 -7.49
N HIS C 324 -7.92 29.43 -6.40
CA HIS C 324 -8.57 29.48 -5.09
C HIS C 324 -7.95 30.50 -4.11
N LEU C 325 -7.68 31.71 -4.61
CA LEU C 325 -7.26 32.85 -3.79
C LEU C 325 -7.99 32.84 -2.44
N MET C 326 -7.21 32.91 -1.36
CA MET C 326 -7.76 32.78 0.00
C MET C 326 -6.93 33.64 1.00
N PRO C 327 -7.58 34.10 2.09
CA PRO C 327 -6.93 34.94 3.08
C PRO C 327 -5.58 34.38 3.56
N PRO C 328 -4.54 35.21 3.61
CA PRO C 328 -3.16 34.83 3.92
C PRO C 328 -2.92 34.40 5.37
N PHE C 329 -4.01 34.19 6.12
CA PHE C 329 -3.93 33.98 7.58
C PHE C 329 -3.69 32.54 8.01
N ALA C 330 -3.22 31.69 7.10
CA ALA C 330 -3.08 30.26 7.41
C ALA C 330 -1.88 29.55 6.77
N GLY C 331 -1.12 30.26 5.95
CA GLY C 331 0.02 29.64 5.23
C GLY C 331 -0.41 28.66 4.15
N GLN C 332 -1.73 28.49 4.01
CA GLN C 332 -2.30 27.96 2.80
C GLN C 332 -2.16 29.09 1.78
N GLY C 333 -2.08 28.71 0.52
CA GLY C 333 -1.79 29.66 -0.52
C GLY C 333 -0.78 28.95 -1.38
N VAL C 334 0.49 29.25 -1.16
CA VAL C 334 1.51 28.73 -2.03
C VAL C 334 1.48 27.22 -1.98
N ASN C 335 1.15 26.68 -0.81
CA ASN C 335 1.22 25.27 -0.61
C ASN C 335 0.13 24.53 -1.40
N SER C 336 -1.12 24.87 -1.13
CA SER C 336 -2.23 24.29 -1.89
C SER C 336 -2.00 24.47 -3.38
N GLY C 337 -1.45 25.61 -3.77
CA GLY C 337 -1.19 25.90 -5.19
C GLY C 337 -0.13 25.03 -5.81
N LEU C 338 0.88 24.67 -5.01
CA LEU C 338 1.95 23.79 -5.48
C LEU C 338 1.35 22.42 -5.65
N VAL C 339 0.61 21.96 -4.66
CA VAL C 339 -0.15 20.71 -4.79
C VAL C 339 -0.95 20.72 -6.09
N ASP C 340 -1.53 21.87 -6.43
CA ASP C 340 -2.26 21.98 -7.67
C ASP C 340 -1.40 21.53 -8.83
N ALA C 341 -0.18 22.05 -8.89
CA ALA C 341 0.73 21.70 -9.97
C ALA C 341 1.03 20.21 -9.96
N LEU C 342 1.33 19.69 -8.78
CA LEU C 342 1.73 18.30 -8.65
C LEU C 342 0.65 17.38 -9.20
N ILE C 343 -0.60 17.73 -8.93
CA ILE C 343 -1.74 16.92 -9.35
C ILE C 343 -2.06 17.05 -10.84
N LEU C 344 -2.28 18.27 -11.31
CA LEU C 344 -2.54 18.47 -12.72
C LEU C 344 -1.37 18.00 -13.57
N SER C 345 -0.13 18.17 -13.08
CA SER C 345 1.05 17.77 -13.87
C SER C 345 1.10 16.26 -14.02
N ASP C 346 0.88 15.56 -12.92
CA ASP C 346 0.79 14.11 -13.01
C ASP C 346 -0.27 13.74 -14.04
N ASN C 347 -1.49 14.25 -13.83
CA ASN C 347 -2.60 13.96 -14.72
C ASN C 347 -2.25 14.15 -16.17
N LEU C 348 -1.48 15.19 -16.47
CA LEU C 348 -1.17 15.51 -17.84
C LEU C 348 -0.01 14.70 -18.43
N ALA C 349 0.49 13.70 -17.70
CA ALA C 349 1.65 12.95 -18.19
C ALA C 349 1.53 11.44 -18.09
N ASP C 350 0.82 10.97 -17.07
CA ASP C 350 0.82 9.53 -16.73
C ASP C 350 0.24 8.62 -17.82
N GLY C 351 -0.69 9.16 -18.60
CA GLY C 351 -1.39 8.40 -19.63
C GLY C 351 -2.47 7.52 -19.04
N LYS C 352 -3.06 7.98 -17.93
CA LYS C 352 -4.15 7.24 -17.29
C LYS C 352 -5.49 7.92 -17.57
N PHE C 353 -5.51 8.77 -18.60
CA PHE C 353 -6.71 9.50 -19.04
C PHE C 353 -6.87 9.44 -20.54
N ASN C 354 -8.11 9.58 -21.00
CA ASN C 354 -8.43 9.34 -22.41
C ASN C 354 -8.38 10.61 -23.27
N SER C 355 -8.57 11.75 -22.63
CA SER C 355 -8.45 13.03 -23.32
C SER C 355 -7.99 14.07 -22.33
N ILE C 356 -7.45 15.17 -22.84
CA ILE C 356 -7.01 16.27 -21.99
C ILE C 356 -8.16 16.74 -21.10
N GLU C 357 -9.32 16.92 -21.71
CA GLU C 357 -10.56 17.29 -21.02
C GLU C 357 -10.72 16.50 -19.74
N GLU C 358 -10.64 15.19 -19.85
CA GLU C 358 -10.80 14.29 -18.72
C GLU C 358 -9.73 14.48 -17.65
N ALA C 359 -8.52 14.84 -18.05
CA ALA C 359 -7.38 14.90 -17.12
C ALA C 359 -7.49 16.11 -16.25
N VAL C 360 -7.89 17.22 -16.89
CA VAL C 360 -8.20 18.47 -16.22
C VAL C 360 -9.45 18.29 -15.36
N LYS C 361 -10.54 17.86 -15.98
CA LYS C 361 -11.79 17.68 -15.25
C LYS C 361 -11.57 16.87 -13.99
N ASN C 362 -10.50 16.08 -13.95
CA ASN C 362 -10.20 15.23 -12.78
C ASN C 362 -9.37 15.94 -11.72
N TYR C 363 -8.32 16.60 -12.15
CA TYR C 363 -7.55 17.45 -11.24
C TYR C 363 -8.52 18.41 -10.51
N GLU C 364 -9.44 19.01 -11.27
CA GLU C 364 -10.36 20.00 -10.72
C GLU C 364 -11.28 19.43 -9.64
N GLN C 365 -11.64 18.16 -9.75
CA GLN C 365 -12.40 17.51 -8.68
C GLN C 365 -11.63 17.50 -7.37
N GLN C 366 -10.38 17.04 -7.43
CA GLN C 366 -9.55 16.88 -6.26
C GLN C 366 -9.30 18.23 -5.62
N MET C 367 -9.02 19.23 -6.44
CA MET C 367 -8.69 20.55 -5.96
C MET C 367 -9.89 21.19 -5.27
N PHE C 368 -11.06 21.09 -5.88
CA PHE C 368 -12.29 21.53 -5.25
C PHE C 368 -12.49 20.92 -3.85
N ILE C 369 -11.76 19.84 -3.54
CA ILE C 369 -11.87 19.21 -2.23
C ILE C 369 -10.87 19.76 -1.20
N TYR C 370 -9.57 19.57 -1.42
CA TYR C 370 -8.57 20.14 -0.50
C TYR C 370 -8.55 21.66 -0.58
N GLY C 371 -9.02 22.17 -1.70
CA GLY C 371 -9.14 23.59 -1.93
C GLY C 371 -10.17 24.20 -1.01
N LYS C 372 -11.39 23.68 -1.06
CA LYS C 372 -12.45 24.19 -0.21
C LYS C 372 -12.09 24.04 1.27
N GLU C 373 -11.36 22.98 1.58
CA GLU C 373 -10.82 22.74 2.93
C GLU C 373 -9.85 23.86 3.36
N ALA C 374 -8.86 24.15 2.51
CA ALA C 374 -7.90 25.21 2.79
C ALA C 374 -8.59 26.54 3.02
N GLN C 375 -9.55 26.86 2.15
CA GLN C 375 -10.32 28.09 2.27
C GLN C 375 -11.14 28.12 3.56
N GLU C 376 -11.96 27.10 3.80
CA GLU C 376 -12.75 27.04 5.03
C GLU C 376 -11.86 27.28 6.24
N GLU C 377 -10.71 26.62 6.26
CA GLU C 377 -9.71 26.79 7.31
C GLU C 377 -9.29 28.27 7.43
N SER C 378 -8.93 28.88 6.30
CA SER C 378 -8.38 30.23 6.30
C SER C 378 -9.42 31.26 6.71
N THR C 379 -10.60 31.15 6.10
CA THR C 379 -11.73 31.98 6.46
C THR C 379 -11.89 31.90 7.96
N GLN C 380 -11.84 30.68 8.47
CA GLN C 380 -12.12 30.42 9.88
C GLN C 380 -11.09 31.08 10.77
N ASN C 381 -9.82 30.99 10.37
CA ASN C 381 -8.78 31.62 11.16
C ASN C 381 -8.98 33.11 11.13
N GLU C 382 -9.38 33.61 9.96
CA GLU C 382 -9.65 35.03 9.77
C GLU C 382 -10.67 35.50 10.80
N ILE C 383 -11.81 34.81 10.88
CA ILE C 383 -12.84 35.20 11.82
C ILE C 383 -12.33 35.25 13.26
N GLU C 384 -11.56 34.24 13.65
CA GLU C 384 -11.11 34.10 15.04
C GLU C 384 -10.17 35.21 15.49
N MET C 385 -9.24 35.60 14.62
CA MET C 385 -8.18 36.54 14.97
C MET C 385 -8.67 37.97 15.22
N PHE C 386 -9.71 38.36 14.50
CA PHE C 386 -10.25 39.71 14.59
C PHE C 386 -11.40 39.82 15.57
N LYS C 387 -11.82 38.68 16.11
CA LYS C 387 -12.76 38.65 17.24
C LYS C 387 -12.19 39.57 18.32
N PRO C 388 -13.06 40.42 18.93
CA PRO C 388 -12.62 41.45 19.88
C PRO C 388 -11.39 41.06 20.72
N ASP C 389 -11.52 39.96 21.44
CA ASP C 389 -10.52 39.52 22.43
C ASP C 389 -9.79 38.26 21.95
N PHE C 390 -8.73 38.47 21.20
CA PHE C 390 -7.94 37.36 20.64
C PHE C 390 -6.52 37.37 21.18
N THR C 391 -6.02 36.18 21.51
CA THR C 391 -4.59 35.96 21.71
C THR C 391 -4.15 34.73 20.93
N PHE C 392 -2.95 34.81 20.34
CA PHE C 392 -2.33 33.67 19.67
C PHE C 392 -2.02 32.53 20.66
N GLN C 393 -2.33 32.76 21.94
CA GLN C 393 -2.20 31.75 22.98
C GLN C 393 -3.53 31.50 23.66
N SER D 25 28.77 -35.65 -23.32
CA SER D 25 28.87 -35.71 -21.82
C SER D 25 27.88 -36.71 -21.21
N ASP D 26 28.40 -37.68 -20.45
CA ASP D 26 27.59 -38.59 -19.64
C ASP D 26 28.00 -38.39 -18.18
N LYS D 27 28.40 -37.17 -17.88
CA LYS D 27 29.10 -36.88 -16.65
C LYS D 27 28.31 -35.85 -15.83
N ASN D 28 28.97 -35.22 -14.84
CA ASN D 28 28.34 -34.15 -14.04
C ASN D 28 29.31 -33.11 -13.47
N VAL D 29 28.85 -31.87 -13.45
CA VAL D 29 29.67 -30.74 -12.98
C VAL D 29 29.33 -30.27 -11.57
N ALA D 30 30.32 -29.76 -10.85
CA ALA D 30 30.09 -29.26 -9.51
C ALA D 30 30.68 -27.87 -9.32
N ILE D 31 29.79 -26.87 -9.26
CA ILE D 31 30.24 -25.47 -9.12
C ILE D 31 30.28 -25.11 -7.67
N ILE D 32 31.44 -24.75 -7.17
CA ILE D 32 31.53 -24.38 -5.79
C ILE D 32 31.27 -22.85 -5.64
N GLY D 33 30.11 -22.49 -5.11
CA GLY D 33 29.85 -21.09 -4.84
C GLY D 33 28.60 -20.60 -5.55
N GLY D 34 27.63 -20.13 -4.76
CA GLY D 34 26.41 -19.61 -5.32
C GLY D 34 26.44 -18.11 -5.58
N GLY D 35 27.58 -17.66 -6.13
CA GLY D 35 27.78 -16.23 -6.48
C GLY D 35 27.02 -15.88 -7.74
N PRO D 36 26.93 -14.57 -8.07
CA PRO D 36 26.32 -14.24 -9.35
C PRO D 36 27.11 -14.96 -10.45
N VAL D 37 28.43 -15.03 -10.32
CA VAL D 37 29.18 -15.78 -11.33
C VAL D 37 28.91 -17.30 -11.35
N GLY D 38 28.86 -17.89 -10.16
CA GLY D 38 28.56 -19.33 -10.01
C GLY D 38 27.21 -19.73 -10.60
N LEU D 39 26.14 -19.10 -10.10
CA LEU D 39 24.76 -19.40 -10.48
C LEU D 39 24.51 -19.19 -11.97
N THR D 40 25.25 -18.24 -12.56
CA THR D 40 25.12 -18.02 -13.99
C THR D 40 25.71 -19.23 -14.68
N MET D 41 26.96 -19.56 -14.34
CA MET D 41 27.63 -20.74 -14.86
C MET D 41 26.66 -21.92 -14.84
N ALA D 42 26.00 -22.12 -13.71
CA ALA D 42 25.00 -23.16 -13.57
C ALA D 42 23.83 -23.10 -14.57
N LYS D 43 23.25 -21.92 -14.74
CA LYS D 43 22.17 -21.73 -15.71
C LYS D 43 22.59 -22.13 -17.12
N LEU D 44 23.66 -21.49 -17.60
CA LEU D 44 24.20 -21.72 -18.93
C LEU D 44 24.55 -23.17 -19.22
N LEU D 45 24.97 -23.90 -18.20
CA LEU D 45 25.21 -25.34 -18.34
C LEU D 45 23.89 -26.12 -18.36
N GLN D 46 23.01 -25.79 -17.42
CA GLN D 46 21.79 -26.58 -17.20
C GLN D 46 20.85 -26.53 -18.42
N GLN D 47 20.70 -25.33 -18.99
CA GLN D 47 19.90 -25.15 -20.20
C GLN D 47 20.49 -25.86 -21.43
N ASN D 48 21.69 -26.44 -21.29
CA ASN D 48 22.27 -27.26 -22.35
C ASN D 48 22.14 -28.73 -22.04
N GLY D 49 21.50 -29.05 -20.92
CA GLY D 49 21.29 -30.44 -20.54
C GLY D 49 22.29 -30.97 -19.54
N ILE D 50 23.54 -30.53 -19.65
CA ILE D 50 24.63 -30.85 -18.70
C ILE D 50 24.18 -30.90 -17.24
N ASP D 51 24.34 -32.07 -16.62
CA ASP D 51 24.00 -32.28 -15.21
C ASP D 51 24.97 -31.48 -14.31
N VAL D 52 24.42 -30.57 -13.50
CA VAL D 52 25.24 -29.62 -12.74
C VAL D 52 24.70 -29.44 -11.32
N SER D 53 25.58 -29.01 -10.42
CA SER D 53 25.20 -28.72 -9.05
C SER D 53 25.95 -27.51 -8.55
N VAL D 54 25.32 -26.78 -7.61
CA VAL D 54 25.93 -25.61 -7.03
C VAL D 54 25.98 -25.76 -5.51
N TYR D 55 27.20 -25.85 -5.00
CA TYR D 55 27.41 -25.97 -3.57
C TYR D 55 27.67 -24.61 -2.95
N GLU D 56 26.71 -24.14 -2.18
CA GLU D 56 26.82 -22.83 -1.59
C GLU D 56 26.97 -22.88 -0.07
N ARG D 57 27.94 -22.12 0.42
CA ARG D 57 28.22 -21.91 1.82
C ARG D 57 26.99 -21.38 2.62
N ASP D 58 26.30 -20.38 2.09
CA ASP D 58 25.23 -19.70 2.80
C ASP D 58 24.13 -20.60 3.31
N ASN D 59 23.60 -20.23 4.47
CA ASN D 59 22.78 -21.16 5.24
C ASN D 59 21.42 -21.47 4.64
N ASP D 60 20.87 -20.57 3.83
CA ASP D 60 19.62 -20.76 3.08
C ASP D 60 19.58 -19.72 1.94
N ARG D 61 18.54 -19.74 1.12
CA ARG D 61 18.51 -18.82 -0.05
C ARG D 61 18.24 -17.36 0.31
N GLU D 62 17.60 -17.14 1.47
CA GLU D 62 17.23 -15.78 1.94
C GLU D 62 18.31 -15.12 2.81
N ALA D 63 19.46 -15.77 2.93
CA ALA D 63 20.67 -15.16 3.50
C ALA D 63 21.00 -13.85 2.76
N ARG D 64 21.26 -12.80 3.55
CA ARG D 64 21.50 -11.43 3.01
C ARG D 64 22.91 -11.20 2.51
N ILE D 65 23.01 -10.75 1.28
CA ILE D 65 24.32 -10.54 0.66
C ILE D 65 24.81 -9.13 0.91
N PHE D 66 25.90 -9.03 1.68
CA PHE D 66 26.54 -7.74 1.91
C PHE D 66 27.31 -7.20 0.69
N GLY D 67 27.25 -5.88 0.50
CA GLY D 67 27.87 -5.27 -0.66
C GLY D 67 26.98 -4.26 -1.34
N GLY D 68 27.52 -3.59 -2.35
CA GLY D 68 26.78 -2.56 -3.06
C GLY D 68 25.82 -3.14 -4.06
N THR D 69 25.55 -2.39 -5.11
CA THR D 69 24.75 -2.94 -6.16
C THR D 69 25.73 -3.31 -7.27
N LEU D 70 25.26 -4.08 -8.25
CA LEU D 70 26.05 -4.44 -9.40
C LEU D 70 25.45 -3.84 -10.65
N ASP D 71 26.28 -3.56 -11.64
CA ASP D 71 25.79 -3.07 -12.91
C ASP D 71 26.37 -3.96 -13.98
N LEU D 72 25.51 -4.53 -14.81
CA LEU D 72 26.00 -5.36 -15.89
C LEU D 72 26.18 -4.52 -17.18
N HIS D 73 27.43 -4.43 -17.64
CA HIS D 73 27.74 -3.70 -18.85
C HIS D 73 27.18 -4.38 -20.07
N LYS D 74 26.75 -3.57 -21.04
CA LYS D 74 26.06 -4.12 -22.21
C LYS D 74 26.97 -5.02 -23.08
N GLY D 75 28.28 -4.75 -23.10
CA GLY D 75 29.22 -5.60 -23.83
C GLY D 75 29.37 -7.02 -23.29
N SER D 76 29.23 -7.18 -21.97
CA SER D 76 29.74 -8.36 -21.28
C SER D 76 28.72 -9.01 -20.36
N GLY D 77 28.60 -8.48 -19.14
CA GLY D 77 27.72 -9.03 -18.11
C GLY D 77 26.33 -9.23 -18.64
N GLN D 78 25.84 -8.23 -19.36
CA GLN D 78 24.54 -8.30 -20.02
C GLN D 78 24.44 -9.46 -21.00
N GLU D 79 25.49 -9.70 -21.78
CA GLU D 79 25.46 -10.79 -22.77
C GLU D 79 25.13 -12.14 -22.14
N ALA D 80 25.69 -12.40 -20.96
CA ALA D 80 25.45 -13.67 -20.30
C ALA D 80 23.97 -13.78 -19.94
N MET D 81 23.40 -12.68 -19.44
CA MET D 81 21.98 -12.66 -19.08
C MET D 81 21.11 -12.92 -20.30
N LYS D 82 21.40 -12.22 -21.40
CA LYS D 82 20.83 -12.52 -22.71
C LYS D 82 20.83 -14.03 -22.97
N LYS D 83 22.00 -14.66 -22.86
CA LYS D 83 22.13 -16.09 -23.20
C LYS D 83 21.37 -16.97 -22.22
N ALA D 84 20.98 -16.43 -21.08
CA ALA D 84 20.17 -17.19 -20.13
C ALA D 84 18.70 -16.78 -20.14
N GLY D 85 18.36 -15.85 -21.04
CA GLY D 85 16.97 -15.40 -21.22
C GLY D 85 16.51 -14.51 -20.09
N LEU D 86 17.49 -13.99 -19.35
CA LEU D 86 17.26 -13.27 -18.11
C LEU D 86 17.51 -11.78 -18.25
N LEU D 87 18.03 -11.38 -19.41
CA LEU D 87 18.30 -9.97 -19.68
C LEU D 87 17.11 -9.09 -19.32
N GLN D 88 15.93 -9.48 -19.82
CA GLN D 88 14.73 -8.72 -19.55
C GLN D 88 14.47 -8.56 -18.06
N THR D 89 14.34 -9.69 -17.38
CA THR D 89 14.13 -9.76 -15.94
C THR D 89 15.12 -8.86 -15.19
N TYR D 90 16.37 -8.85 -15.65
CA TYR D 90 17.43 -8.03 -15.07
C TYR D 90 17.05 -6.54 -15.10
N TYR D 91 16.63 -6.03 -16.26
CA TYR D 91 16.20 -4.65 -16.35
C TYR D 91 15.07 -4.40 -15.37
N ASP D 92 14.04 -5.25 -15.45
CA ASP D 92 12.83 -5.15 -14.63
C ASP D 92 13.12 -4.76 -13.20
N LEU D 93 14.24 -5.26 -12.68
CA LEU D 93 14.61 -5.08 -11.26
C LEU D 93 15.71 -4.06 -11.05
N ALA D 94 16.60 -3.97 -12.04
CA ALA D 94 17.69 -3.01 -12.06
C ALA D 94 17.15 -1.59 -12.07
N LEU D 95 17.92 -0.67 -11.50
CA LEU D 95 17.53 0.73 -11.52
C LEU D 95 18.64 1.63 -12.13
N PRO D 96 18.39 2.21 -13.32
CA PRO D 96 19.25 3.22 -13.89
C PRO D 96 19.54 4.33 -12.88
N MET D 97 20.80 4.74 -12.76
CA MET D 97 21.18 5.73 -11.75
C MET D 97 22.18 6.79 -12.21
N GLY D 98 21.81 8.05 -12.00
CA GLY D 98 22.70 9.18 -12.21
C GLY D 98 23.82 9.23 -11.19
N VAL D 99 24.82 10.07 -11.44
CA VAL D 99 26.03 10.14 -10.63
C VAL D 99 26.38 11.58 -10.32
N ASN D 100 26.33 11.95 -9.04
CA ASN D 100 26.79 13.26 -8.62
C ASN D 100 28.23 13.18 -8.15
N ILE D 101 29.05 14.18 -8.50
CA ILE D 101 30.42 14.24 -7.99
C ILE D 101 30.52 15.42 -7.02
N ALA D 102 31.32 15.27 -5.97
CA ALA D 102 31.24 16.21 -4.83
C ALA D 102 32.58 16.68 -4.24
N ASP D 103 32.59 17.93 -3.80
CA ASP D 103 33.63 18.47 -2.95
C ASP D 103 33.30 18.00 -1.55
N ALA D 104 34.20 18.21 -0.59
CA ALA D 104 33.86 17.98 0.79
C ALA D 104 32.76 18.97 1.21
N ALA D 105 32.84 20.21 0.75
CA ALA D 105 31.78 21.16 1.00
C ALA D 105 30.45 20.69 0.38
N GLY D 106 30.32 20.84 -0.94
CA GLY D 106 29.06 20.56 -1.62
C GLY D 106 29.25 20.07 -3.04
N ASN D 107 28.26 20.31 -3.89
CA ASN D 107 28.17 19.68 -5.21
C ASN D 107 29.20 20.19 -6.23
N ILE D 108 29.53 19.37 -7.22
CA ILE D 108 30.48 19.74 -8.28
C ILE D 108 29.94 19.40 -9.68
N LEU D 109 29.63 18.14 -9.95
CA LEU D 109 29.02 17.74 -11.21
C LEU D 109 27.84 16.79 -10.97
N SER D 110 26.71 17.12 -11.57
CA SER D 110 25.57 16.22 -11.64
C SER D 110 25.59 15.59 -13.03
N THR D 111 25.02 14.41 -13.15
CA THR D 111 24.90 13.72 -14.42
C THR D 111 23.66 12.89 -14.22
N LYS D 112 22.60 13.17 -14.98
CA LYS D 112 21.44 12.28 -14.95
C LYS D 112 21.60 11.22 -16.04
N ASN D 113 20.64 10.29 -16.09
CA ASN D 113 20.64 9.27 -17.12
C ASN D 113 19.75 9.68 -18.28
N VAL D 114 20.36 9.90 -19.43
CA VAL D 114 19.61 10.24 -20.65
C VAL D 114 18.87 8.95 -21.07
N LYS D 115 17.60 9.09 -21.42
CA LYS D 115 16.75 7.96 -21.79
C LYS D 115 17.29 7.11 -22.95
N PRO D 116 17.98 7.75 -23.93
CA PRO D 116 18.76 6.98 -24.91
C PRO D 116 19.68 5.88 -24.34
N GLU D 117 19.98 5.92 -23.05
CA GLU D 117 21.02 5.05 -22.52
C GLU D 117 20.67 4.33 -21.23
N ASN D 118 19.52 4.64 -20.64
CA ASN D 118 19.14 4.08 -19.33
C ASN D 118 19.02 2.55 -19.26
N ARG D 119 18.96 1.89 -20.41
CA ARG D 119 18.87 0.44 -20.44
C ARG D 119 20.22 -0.19 -20.71
N PHE D 120 21.28 0.60 -20.68
CA PHE D 120 22.62 0.01 -20.88
C PHE D 120 23.63 0.28 -19.77
N ASP D 121 24.46 -0.73 -19.49
CA ASP D 121 25.68 -0.59 -18.67
C ASP D 121 25.55 0.21 -17.35
N ASN D 122 24.34 0.63 -17.05
CA ASN D 122 24.08 1.47 -15.90
C ASN D 122 23.27 0.72 -14.85
N PRO D 123 22.22 -0.03 -15.28
CA PRO D 123 21.11 -0.40 -14.38
C PRO D 123 21.59 -1.15 -13.13
N GLU D 124 21.59 -0.43 -12.00
CA GLU D 124 22.13 -0.91 -10.74
C GLU D 124 21.15 -1.86 -10.03
N ILE D 125 21.56 -3.12 -9.85
CA ILE D 125 20.72 -4.18 -9.30
C ILE D 125 21.22 -4.64 -7.96
N ASN D 126 20.30 -4.91 -7.05
CA ASN D 126 20.64 -5.37 -5.70
C ASN D 126 21.17 -6.81 -5.70
N ARG D 127 22.28 -7.04 -4.99
CA ARG D 127 22.93 -8.34 -5.09
C ARG D 127 21.99 -9.53 -4.89
N ASN D 128 21.18 -9.47 -3.84
CA ASN D 128 20.11 -10.44 -3.60
C ASN D 128 19.10 -10.65 -4.75
N ASP D 129 18.50 -9.54 -5.20
CA ASP D 129 17.65 -9.55 -6.40
C ASP D 129 18.28 -10.34 -7.56
N LEU D 130 19.57 -10.14 -7.82
CA LEU D 130 20.21 -10.89 -8.92
C LEU D 130 20.22 -12.39 -8.65
N ARG D 131 20.54 -12.74 -7.41
CA ARG D 131 20.56 -14.13 -7.03
C ARG D 131 19.15 -14.70 -7.13
N ALA D 132 18.16 -13.90 -6.75
CA ALA D 132 16.78 -14.34 -6.84
C ALA D 132 16.50 -14.70 -8.29
N ILE D 133 16.78 -13.76 -9.20
CA ILE D 133 16.60 -13.97 -10.64
C ILE D 133 17.30 -15.25 -11.14
N LEU D 134 18.53 -15.47 -10.68
CA LEU D 134 19.27 -16.63 -11.10
C LEU D 134 18.69 -17.91 -10.50
N LEU D 135 18.39 -17.93 -9.21
CA LEU D 135 17.84 -19.13 -8.57
C LEU D 135 16.56 -19.63 -9.21
N ASN D 136 15.69 -18.70 -9.59
CA ASN D 136 14.50 -19.00 -10.39
C ASN D 136 14.82 -19.69 -11.69
N SER D 137 15.83 -19.21 -12.40
CA SER D 137 16.19 -19.75 -13.70
C SER D 137 16.63 -21.22 -13.66
N LEU D 138 17.19 -21.66 -12.53
CA LEU D 138 17.69 -23.04 -12.36
C LEU D 138 16.56 -24.00 -11.99
N GLU D 139 16.68 -25.28 -12.39
CA GLU D 139 15.76 -26.33 -11.90
C GLU D 139 15.85 -26.39 -10.40
N ASN D 140 14.84 -26.99 -9.77
CA ASN D 140 14.82 -27.10 -8.31
C ASN D 140 15.97 -28.00 -7.82
N ASP D 141 16.49 -27.73 -6.62
CA ASP D 141 17.54 -28.55 -6.01
C ASP D 141 18.84 -28.56 -6.83
N THR D 142 19.00 -27.54 -7.67
CA THR D 142 20.27 -27.35 -8.34
C THR D 142 21.27 -26.81 -7.35
N VAL D 143 20.83 -25.96 -6.44
CA VAL D 143 21.74 -25.42 -5.44
C VAL D 143 21.53 -26.17 -4.14
N ILE D 144 22.62 -26.71 -3.63
CA ILE D 144 22.59 -27.36 -2.34
C ILE D 144 23.13 -26.29 -1.36
N TRP D 145 22.27 -25.86 -0.42
CA TRP D 145 22.63 -24.81 0.58
C TRP D 145 23.33 -25.42 1.78
N ASP D 146 23.98 -24.57 2.56
CA ASP D 146 24.80 -24.98 3.70
C ASP D 146 25.84 -26.05 3.33
N ARG D 147 26.62 -25.74 2.31
CA ARG D 147 27.65 -26.63 1.86
C ARG D 147 28.93 -25.81 1.80
N LYS D 148 29.82 -26.00 2.76
CA LYS D 148 31.01 -25.17 2.78
C LYS D 148 32.21 -25.99 2.37
N LEU D 149 32.64 -25.86 1.12
CA LEU D 149 33.66 -26.77 0.61
C LEU D 149 34.91 -26.57 1.44
N VAL D 150 35.32 -27.57 2.22
CA VAL D 150 36.52 -27.45 3.05
C VAL D 150 37.74 -28.05 2.38
N MET D 151 37.52 -29.03 1.51
CA MET D 151 38.62 -29.80 0.95
C MET D 151 38.26 -30.48 -0.35
N LEU D 152 39.25 -30.59 -1.21
CA LEU D 152 39.04 -31.09 -2.53
C LEU D 152 40.09 -32.14 -2.76
N GLU D 153 39.68 -33.33 -3.19
CA GLU D 153 40.61 -34.43 -3.36
C GLU D 153 40.27 -35.37 -4.55
N PRO D 154 41.24 -35.58 -5.46
CA PRO D 154 40.95 -36.30 -6.70
C PRO D 154 41.14 -37.80 -6.62
N GLY D 155 40.08 -38.55 -6.92
CA GLY D 155 40.18 -39.99 -6.93
C GLY D 155 40.43 -40.52 -8.34
N LYS D 156 40.11 -41.80 -8.52
CA LYS D 156 40.25 -42.54 -9.80
C LYS D 156 39.77 -41.78 -11.05
N LYS D 157 38.48 -41.46 -11.07
CA LYS D 157 37.81 -40.81 -12.20
C LYS D 157 36.99 -39.61 -11.70
N LYS D 158 36.77 -39.54 -10.39
CA LYS D 158 35.97 -38.48 -9.79
C LYS D 158 36.74 -37.71 -8.71
N TRP D 159 36.55 -36.39 -8.66
CA TRP D 159 36.93 -35.59 -7.50
C TRP D 159 36.07 -35.98 -6.30
N THR D 160 36.65 -35.94 -5.11
CA THR D 160 35.84 -36.06 -3.90
C THR D 160 35.75 -34.70 -3.19
N LEU D 161 34.52 -34.20 -3.09
CA LEU D 161 34.25 -32.89 -2.51
C LEU D 161 33.82 -32.99 -1.05
N THR D 162 34.60 -32.40 -0.15
CA THR D 162 34.39 -32.48 1.30
C THR D 162 33.77 -31.24 1.87
N PHE D 163 32.60 -31.38 2.51
CA PHE D 163 31.90 -30.19 3.07
C PHE D 163 31.83 -30.27 4.55
N GLU D 164 31.89 -29.11 5.21
CA GLU D 164 31.91 -29.08 6.65
C GLU D 164 30.64 -29.75 7.09
N ASN D 165 30.76 -30.65 8.05
CA ASN D 165 29.62 -31.28 8.67
C ASN D 165 28.46 -31.61 7.73
N LYS D 166 28.75 -32.07 6.51
CA LYS D 166 27.73 -32.60 5.59
C LYS D 166 28.32 -33.77 4.80
N PRO D 167 27.49 -34.59 4.14
CA PRO D 167 28.06 -35.68 3.36
C PRO D 167 28.88 -35.15 2.21
N SER D 168 29.95 -35.85 1.88
CA SER D 168 30.73 -35.61 0.70
C SER D 168 29.92 -35.97 -0.52
N GLU D 169 30.32 -35.40 -1.66
CA GLU D 169 29.73 -35.71 -2.95
C GLU D 169 30.89 -35.86 -3.93
N THR D 170 30.59 -36.32 -5.14
CA THR D 170 31.65 -36.47 -6.14
C THR D 170 31.22 -35.89 -7.48
N ALA D 171 32.19 -35.54 -8.32
CA ALA D 171 31.92 -35.12 -9.72
C ALA D 171 33.11 -35.28 -10.71
N ASP D 172 32.81 -35.10 -11.98
CA ASP D 172 33.75 -35.34 -13.06
C ASP D 172 34.38 -34.07 -13.54
N LEU D 173 33.81 -32.94 -13.12
CA LEU D 173 34.40 -31.63 -13.34
C LEU D 173 34.04 -30.75 -12.16
N VAL D 174 35.05 -30.16 -11.50
CA VAL D 174 34.82 -29.11 -10.49
C VAL D 174 35.16 -27.76 -11.06
N ILE D 175 34.22 -26.83 -10.89
CA ILE D 175 34.41 -25.45 -11.26
C ILE D 175 34.34 -24.63 -9.99
N LEU D 176 35.51 -24.16 -9.55
CA LEU D 176 35.62 -23.25 -8.40
C LEU D 176 35.14 -21.96 -8.91
N ALA D 177 34.13 -21.43 -8.22
CA ALA D 177 33.49 -20.14 -8.54
C ALA D 177 33.07 -19.52 -7.23
N ASN D 178 34.01 -19.45 -6.29
CA ASN D 178 33.68 -19.29 -4.86
C ASN D 178 34.43 -18.14 -4.16
N GLY D 179 34.50 -16.99 -4.82
CA GLY D 179 35.08 -15.81 -4.17
C GLY D 179 36.58 -15.62 -4.37
N GLY D 180 37.01 -14.38 -4.19
CA GLY D 180 38.42 -14.03 -4.24
C GLY D 180 39.28 -14.68 -3.17
N MET D 181 38.66 -15.22 -2.12
CA MET D 181 39.45 -15.75 -1.04
C MET D 181 39.56 -17.27 -1.07
N SER D 182 39.21 -17.87 -2.21
CA SER D 182 39.13 -19.32 -2.31
C SER D 182 40.30 -20.00 -1.66
N LYS D 183 40.00 -20.93 -0.76
CA LYS D 183 40.99 -21.62 0.05
C LYS D 183 41.42 -22.87 -0.71
N VAL D 184 40.81 -23.11 -1.85
CA VAL D 184 40.88 -24.42 -2.48
C VAL D 184 41.35 -24.37 -3.96
N ARG D 185 42.25 -23.44 -4.24
CA ARG D 185 42.79 -23.24 -5.59
C ARG D 185 43.96 -24.16 -5.93
N LYS D 186 44.50 -24.91 -4.97
CA LYS D 186 45.85 -25.46 -5.13
C LYS D 186 46.04 -26.31 -6.41
N PHE D 187 45.02 -27.07 -6.76
CA PHE D 187 45.15 -27.93 -7.90
C PHE D 187 45.22 -27.19 -9.24
N VAL D 188 44.82 -25.92 -9.25
CA VAL D 188 44.84 -25.11 -10.47
C VAL D 188 46.10 -24.25 -10.56
N THR D 189 46.42 -23.56 -9.47
CA THR D 189 47.51 -22.61 -9.50
C THR D 189 48.06 -22.43 -8.11
N ASP D 190 49.32 -22.05 -8.08
CA ASP D 190 50.02 -21.79 -6.82
C ASP D 190 49.90 -20.32 -6.44
N THR D 191 49.50 -19.49 -7.40
CA THR D 191 49.34 -18.06 -7.18
C THR D 191 48.47 -17.87 -5.95
N GLU D 192 48.77 -16.81 -5.22
CA GLU D 192 48.01 -16.48 -4.04
C GLU D 192 47.67 -15.00 -4.06
N VAL D 193 46.63 -14.64 -3.33
CA VAL D 193 46.11 -13.32 -3.35
C VAL D 193 47.17 -12.34 -2.82
N GLU D 194 47.08 -11.07 -3.20
CA GLU D 194 47.96 -10.03 -2.62
C GLU D 194 47.16 -8.79 -2.28
N GLU D 195 47.57 -8.13 -1.21
CA GLU D 195 46.96 -6.87 -0.85
C GLU D 195 47.56 -5.84 -1.79
N THR D 196 46.73 -4.93 -2.29
CA THR D 196 47.22 -3.93 -3.22
C THR D 196 47.81 -2.73 -2.50
N GLY D 197 47.29 -2.42 -1.32
CA GLY D 197 47.87 -1.32 -0.56
C GLY D 197 46.85 -0.26 -0.23
N THR D 198 45.63 -0.43 -0.76
CA THR D 198 44.52 0.39 -0.31
C THR D 198 43.61 -0.46 0.58
N PHE D 199 42.67 0.22 1.24
CA PHE D 199 41.72 -0.42 2.15
C PHE D 199 40.34 0.22 1.93
N ASN D 200 39.29 -0.57 2.19
CA ASN D 200 37.92 -0.07 2.03
C ASN D 200 37.12 -0.30 3.30
N ILE D 201 36.34 0.69 3.68
CA ILE D 201 35.40 0.52 4.77
C ILE D 201 34.00 0.71 4.19
N GLN D 202 33.12 -0.26 4.44
CA GLN D 202 31.80 -0.32 3.78
C GLN D 202 30.70 -0.44 4.80
N ALA D 203 29.62 0.32 4.66
CA ALA D 203 28.57 0.21 5.64
C ALA D 203 27.18 0.38 5.03
N ASP D 204 26.15 -0.10 5.73
CA ASP D 204 24.79 0.29 5.36
C ASP D 204 24.11 1.21 6.36
N ILE D 205 23.27 2.09 5.82
CA ILE D 205 22.34 2.87 6.60
C ILE D 205 20.95 2.56 6.11
N HIS D 206 20.11 2.01 6.98
CA HIS D 206 18.70 1.87 6.67
C HIS D 206 17.95 3.15 6.96
N GLN D 207 16.84 3.37 6.26
CA GLN D 207 16.08 4.63 6.32
C GLN D 207 17.02 5.83 6.20
N PRO D 208 17.83 5.87 5.12
CA PRO D 208 18.85 6.92 5.01
C PRO D 208 18.26 8.29 5.24
N GLU D 209 17.06 8.52 4.70
CA GLU D 209 16.41 9.82 4.72
C GLU D 209 16.12 10.31 6.14
N ILE D 210 16.08 9.41 7.10
CA ILE D 210 15.89 9.81 8.51
C ILE D 210 17.23 9.92 9.22
N ASN D 211 18.08 8.92 9.02
CA ASN D 211 19.30 8.79 9.81
C ASN D 211 20.50 9.53 9.27
N CYS D 212 20.48 9.91 8.00
CA CYS D 212 21.47 10.86 7.46
C CYS D 212 20.84 11.75 6.39
N PRO D 213 19.94 12.65 6.82
CA PRO D 213 19.17 13.44 5.88
C PRO D 213 20.14 14.25 5.02
N GLY D 214 21.04 14.97 5.69
CA GLY D 214 22.06 15.79 5.02
C GLY D 214 22.73 15.03 3.89
N PHE D 215 23.24 13.85 4.20
CA PHE D 215 23.90 13.08 3.17
C PHE D 215 22.93 12.55 2.12
N PHE D 216 21.75 12.11 2.56
CA PHE D 216 20.79 11.57 1.61
C PHE D 216 20.51 12.56 0.51
N GLN D 217 20.32 13.82 0.89
CA GLN D 217 19.90 14.88 -0.05
C GLN D 217 20.97 15.34 -1.00
N LEU D 218 22.22 15.27 -0.58
CA LEU D 218 23.34 15.49 -1.48
C LEU D 218 23.35 14.48 -2.61
N CYS D 219 22.96 13.24 -2.31
CA CYS D 219 22.89 12.19 -3.32
C CYS D 219 21.76 12.43 -4.30
N ASN D 220 20.61 12.89 -3.80
CA ASN D 220 19.47 13.25 -4.63
C ASN D 220 19.13 12.13 -5.62
N GLY D 221 18.99 10.91 -5.09
CA GLY D 221 18.57 9.72 -5.85
C GLY D 221 19.62 9.25 -6.83
N ASN D 222 20.83 9.72 -6.61
CA ASN D 222 21.94 9.48 -7.52
C ASN D 222 23.12 9.00 -6.72
N ARG D 223 23.93 8.13 -7.31
CA ARG D 223 25.19 7.70 -6.68
C ARG D 223 26.03 8.93 -6.42
N LEU D 224 27.04 8.79 -5.57
CA LEU D 224 27.87 9.94 -5.21
C LEU D 224 29.31 9.51 -5.00
N MET D 225 30.24 10.24 -5.60
CA MET D 225 31.66 9.99 -5.37
C MET D 225 32.33 11.32 -5.05
N ALA D 226 33.11 11.33 -3.97
CA ALA D 226 33.79 12.52 -3.53
C ALA D 226 35.19 12.13 -3.13
N SER D 227 36.17 12.97 -3.43
CA SER D 227 37.56 12.67 -3.08
C SER D 227 38.23 13.87 -2.40
N HIS D 228 39.04 13.61 -1.37
CA HIS D 228 39.73 14.66 -0.64
C HIS D 228 40.91 14.17 0.20
N GLN D 229 42.12 14.48 -0.29
CA GLN D 229 43.40 14.20 0.38
C GLN D 229 43.65 12.70 0.52
N GLY D 230 43.58 11.99 -0.60
CA GLY D 230 43.76 10.54 -0.60
C GLY D 230 42.77 9.80 0.28
N ASN D 231 41.56 10.34 0.39
CA ASN D 231 40.41 9.66 1.03
C ASN D 231 39.22 9.66 0.09
N LEU D 232 38.73 8.49 -0.28
CA LEU D 232 37.60 8.43 -1.22
C LEU D 232 36.30 7.95 -0.57
N LEU D 233 35.22 8.66 -0.84
CA LEU D 233 33.91 8.26 -0.38
C LEU D 233 33.01 8.03 -1.56
N PHE D 234 32.40 6.85 -1.61
CA PHE D 234 31.43 6.57 -2.65
C PHE D 234 30.15 6.27 -1.91
N ALA D 235 29.00 6.49 -2.55
CA ALA D 235 27.71 6.11 -1.97
C ALA D 235 26.65 5.81 -3.02
N ASN D 236 25.85 4.78 -2.76
CA ASN D 236 24.61 4.63 -3.47
C ASN D 236 23.50 4.87 -2.45
N PRO D 237 22.56 5.77 -2.77
CA PRO D 237 21.62 6.19 -1.71
C PRO D 237 20.38 5.35 -1.71
N ASN D 238 20.25 4.49 -2.71
CA ASN D 238 19.04 3.70 -2.86
C ASN D 238 19.37 2.28 -3.35
N ASN D 239 19.88 1.46 -2.42
CA ASN D 239 20.11 0.03 -2.67
C ASN D 239 19.00 -0.70 -1.94
N ASN D 240 17.92 -0.97 -2.66
CA ASN D 240 16.70 -1.50 -2.06
C ASN D 240 16.33 -0.74 -0.78
N GLY D 241 16.29 0.57 -0.90
CA GLY D 241 15.90 1.44 0.19
C GLY D 241 16.92 1.61 1.29
N ALA D 242 18.13 1.14 1.08
CA ALA D 242 19.18 1.40 2.07
C ALA D 242 20.40 1.98 1.41
N LEU D 243 20.99 2.95 2.09
CA LEU D 243 22.20 3.60 1.66
C LEU D 243 23.43 2.74 1.93
N HIS D 244 24.20 2.46 0.90
CA HIS D 244 25.43 1.74 1.04
C HIS D 244 26.54 2.67 0.68
N PHE D 245 27.45 2.94 1.62
CA PHE D 245 28.62 3.75 1.27
C PHE D 245 29.95 3.01 1.39
N GLY D 246 30.97 3.49 0.68
CA GLY D 246 32.35 3.04 0.85
C GLY D 246 33.32 4.19 1.07
N ILE D 247 34.25 4.03 2.01
CA ILE D 247 35.39 4.96 2.20
C ILE D 247 36.68 4.25 1.85
N SER D 248 37.60 4.93 1.17
CA SER D 248 38.84 4.27 0.70
C SER D 248 40.08 5.13 0.83
N PHE D 249 41.19 4.44 1.05
CA PHE D 249 42.45 5.09 1.36
C PHE D 249 43.57 4.08 1.18
N LYS D 250 44.79 4.59 0.90
CA LYS D 250 46.00 3.77 1.01
C LYS D 250 46.07 3.23 2.43
N THR D 251 46.38 1.95 2.57
CA THR D 251 46.49 1.34 3.90
C THR D 251 47.52 2.13 4.71
N PRO D 252 47.12 2.60 5.90
CA PRO D 252 48.01 3.27 6.83
C PRO D 252 49.22 2.41 7.17
N ASP D 253 50.39 3.04 7.07
CA ASP D 253 51.65 2.35 7.30
C ASP D 253 51.62 1.60 8.63
N GLU D 254 50.89 2.14 9.59
CA GLU D 254 50.76 1.54 10.92
C GLU D 254 50.17 0.11 10.95
N TRP D 255 49.16 -0.15 10.11
CA TRP D 255 48.41 -1.42 10.15
C TRP D 255 49.21 -2.68 9.72
N GLN D 260 45.59 -1.95 13.37
CA GLN D 260 45.30 -1.45 14.71
C GLN D 260 43.98 -0.62 14.81
N VAL D 261 42.95 -1.02 14.05
CA VAL D 261 41.56 -0.58 14.25
C VAL D 261 40.68 -1.84 14.39
N ASP D 262 39.83 -1.86 15.42
CA ASP D 262 39.00 -3.04 15.68
C ASP D 262 37.66 -2.90 15.00
N PHE D 263 37.44 -3.73 13.98
CA PHE D 263 36.20 -3.67 13.22
C PHE D 263 35.06 -4.31 13.95
N GLN D 264 35.34 -4.76 15.17
CA GLN D 264 34.31 -5.28 16.07
C GLN D 264 33.75 -4.20 16.97
N ASN D 265 34.62 -3.38 17.53
CA ASN D 265 34.19 -2.20 18.28
C ASN D 265 33.92 -1.00 17.34
N ARG D 266 32.65 -0.68 17.13
CA ARG D 266 32.26 0.40 16.22
C ARG D 266 32.85 1.72 16.63
N ASN D 267 33.01 1.91 17.95
CA ASN D 267 33.60 3.14 18.51
C ASN D 267 35.01 3.31 17.98
N SER D 268 35.76 2.22 17.98
CA SER D 268 37.12 2.21 17.45
C SER D 268 37.17 2.58 15.97
N VAL D 269 36.19 2.14 15.19
CA VAL D 269 36.20 2.48 13.76
C VAL D 269 35.83 3.94 13.60
N VAL D 270 34.74 4.37 14.27
CA VAL D 270 34.23 5.74 14.19
C VAL D 270 35.32 6.75 14.54
N ASP D 271 36.06 6.47 15.61
CA ASP D 271 37.17 7.34 16.03
C ASP D 271 38.28 7.51 15.00
N PHE D 272 38.61 6.45 14.27
CA PHE D 272 39.58 6.54 13.19
C PHE D 272 39.05 7.36 12.01
N LEU D 273 37.80 7.12 11.62
CA LEU D 273 37.22 7.77 10.45
C LEU D 273 36.98 9.26 10.68
N LEU D 274 36.70 9.61 11.93
CA LEU D 274 36.52 11.01 12.29
C LEU D 274 37.84 11.80 12.31
N LYS D 275 38.94 11.16 12.72
CA LYS D 275 40.29 11.74 12.64
C LYS D 275 40.69 11.96 11.19
N GLU D 276 40.43 10.98 10.34
CA GLU D 276 40.70 11.08 8.91
C GLU D 276 39.79 12.08 8.20
N PHE D 277 38.54 12.17 8.65
CA PHE D 277 37.51 12.94 7.96
C PHE D 277 37.18 14.29 8.61
N SER D 278 38.01 14.71 9.56
CA SER D 278 37.80 15.97 10.28
C SER D 278 37.51 17.14 9.34
N ASP D 279 38.28 17.23 8.26
CA ASP D 279 38.15 18.28 7.25
C ASP D 279 36.78 18.41 6.58
N TRP D 280 36.10 17.27 6.40
CA TRP D 280 34.88 17.16 5.58
C TRP D 280 33.65 17.73 6.23
N ASP D 281 32.70 18.12 5.40
CA ASP D 281 31.45 18.76 5.84
C ASP D 281 30.71 18.01 6.93
N GLU D 282 29.91 18.76 7.70
CA GLU D 282 29.05 18.25 8.77
C GLU D 282 28.15 17.11 8.28
N ARG D 283 27.70 17.20 7.03
CA ARG D 283 26.85 16.20 6.41
C ARG D 283 27.46 14.77 6.32
N TYR D 284 28.73 14.67 5.93
CA TYR D 284 29.41 13.37 5.78
C TYR D 284 29.75 12.74 7.12
N LYS D 285 30.01 13.58 8.12
CA LYS D 285 30.34 13.10 9.45
C LYS D 285 29.14 12.45 10.13
N GLU D 286 27.95 12.93 9.78
CA GLU D 286 26.68 12.33 10.18
C GLU D 286 26.72 10.89 9.75
N LEU D 287 26.99 10.67 8.47
CA LEU D 287 27.09 9.35 7.87
C LEU D 287 27.91 8.37 8.71
N ILE D 288 29.14 8.76 9.05
CA ILE D 288 30.01 7.99 9.90
C ILE D 288 29.42 7.77 11.31
N HIS D 289 29.00 8.86 11.94
CA HIS D 289 28.48 8.84 13.30
C HIS D 289 27.15 8.08 13.40
N THR D 290 26.49 7.86 12.27
CA THR D 290 25.23 7.11 12.24
C THR D 290 25.38 5.62 11.98
N THR D 291 26.36 5.24 11.15
CA THR D 291 26.59 3.84 10.77
C THR D 291 26.66 2.99 12.01
N LEU D 292 25.89 1.90 12.01
CA LEU D 292 25.83 1.06 13.20
C LEU D 292 27.04 0.13 13.22
N SER D 293 27.37 -0.46 12.08
CA SER D 293 28.58 -1.27 12.02
C SER D 293 29.23 -1.24 10.64
N PHE D 294 30.55 -1.46 10.63
CA PHE D 294 31.40 -1.28 9.44
C PHE D 294 32.00 -2.60 9.00
N VAL D 295 32.32 -2.72 7.72
CA VAL D 295 33.01 -3.91 7.22
C VAL D 295 34.30 -3.49 6.55
N GLY D 296 35.42 -3.70 7.22
CA GLY D 296 36.70 -3.29 6.68
C GLY D 296 37.53 -4.38 6.05
N LEU D 297 37.52 -4.46 4.74
CA LEU D 297 38.40 -5.39 4.05
C LEU D 297 39.37 -4.69 3.10
N ALA D 298 40.64 -5.11 3.13
CA ALA D 298 41.66 -4.53 2.24
C ALA D 298 41.41 -4.85 0.77
N THR D 299 41.90 -3.99 -0.11
CA THR D 299 41.84 -4.27 -1.53
C THR D 299 42.84 -5.36 -1.87
N ARG D 300 42.38 -6.40 -2.56
CA ARG D 300 43.20 -7.54 -2.89
C ARG D 300 43.13 -7.82 -4.37
N ILE D 301 44.21 -8.37 -4.90
CA ILE D 301 44.27 -8.89 -6.26
C ILE D 301 44.75 -10.34 -6.26
N PHE D 302 44.14 -11.15 -7.13
CA PHE D 302 44.62 -12.49 -7.46
C PHE D 302 45.15 -12.49 -8.87
N PRO D 303 46.43 -12.11 -9.02
CA PRO D 303 47.00 -11.74 -10.30
C PRO D 303 47.10 -12.86 -11.32
N LEU D 304 46.77 -12.52 -12.55
CA LEU D 304 46.91 -13.43 -13.68
C LEU D 304 48.34 -13.35 -14.21
N GLU D 305 49.28 -13.71 -13.35
CA GLU D 305 50.72 -13.59 -13.60
C GLU D 305 51.32 -14.79 -14.34
N LYS D 306 51.37 -15.94 -13.68
CA LYS D 306 51.89 -17.18 -14.26
C LYS D 306 50.76 -17.91 -15.00
N PRO D 307 51.11 -18.67 -16.05
CA PRO D 307 50.14 -19.65 -16.54
C PRO D 307 49.80 -20.62 -15.42
N TRP D 308 48.58 -21.14 -15.43
CA TRP D 308 48.14 -22.08 -14.42
C TRP D 308 48.72 -23.48 -14.65
N LYS D 309 48.66 -24.33 -13.63
CA LYS D 309 49.17 -25.69 -13.73
C LYS D 309 48.65 -26.45 -14.94
N SER D 310 49.59 -26.92 -15.78
CA SER D 310 49.25 -27.62 -17.04
C SER D 310 49.26 -29.15 -16.93
N LYS D 311 49.53 -29.65 -15.72
CA LYS D 311 49.27 -31.05 -15.40
C LYS D 311 48.30 -31.07 -14.22
N ARG D 312 47.11 -31.63 -14.41
CA ARG D 312 46.09 -31.70 -13.36
C ARG D 312 45.45 -33.09 -13.27
N PRO D 313 45.32 -33.64 -12.04
CA PRO D 313 44.90 -35.02 -11.82
C PRO D 313 43.57 -35.35 -12.48
N LEU D 314 42.67 -34.37 -12.47
CA LEU D 314 41.38 -34.50 -13.09
C LEU D 314 41.02 -33.16 -13.72
N PRO D 315 39.83 -33.03 -14.31
CA PRO D 315 39.52 -31.72 -14.89
C PRO D 315 38.96 -30.75 -13.85
N ILE D 316 39.58 -29.56 -13.78
CA ILE D 316 39.24 -28.51 -12.79
C ILE D 316 39.53 -27.09 -13.35
N THR D 317 38.67 -26.13 -13.02
CA THR D 317 38.86 -24.76 -13.48
C THR D 317 38.28 -23.73 -12.51
N MET D 318 38.42 -22.45 -12.88
CA MET D 318 37.95 -21.38 -12.01
C MET D 318 37.36 -20.24 -12.81
N ILE D 319 36.24 -19.74 -12.33
CA ILE D 319 35.61 -18.54 -12.88
C ILE D 319 35.26 -17.52 -11.77
N GLY D 320 34.92 -16.31 -12.19
CA GLY D 320 34.65 -15.18 -11.31
C GLY D 320 35.90 -14.74 -10.59
N ASP D 321 35.75 -14.44 -9.32
CA ASP D 321 36.84 -13.89 -8.53
C ASP D 321 37.82 -14.95 -8.13
N ALA D 322 37.39 -16.21 -8.11
CA ALA D 322 38.30 -17.33 -7.83
C ALA D 322 39.33 -17.41 -8.96
N ALA D 323 39.04 -16.78 -10.08
CA ALA D 323 39.96 -16.78 -11.17
C ALA D 323 40.80 -15.51 -11.17
N HIS D 324 40.18 -14.34 -11.07
CA HIS D 324 40.91 -13.09 -11.28
C HIS D 324 40.43 -11.91 -10.39
N LEU D 325 40.29 -12.17 -9.08
CA LEU D 325 39.95 -11.15 -8.09
C LEU D 325 40.75 -9.89 -8.35
N MET D 326 40.06 -8.75 -8.44
CA MET D 326 40.66 -7.49 -8.81
C MET D 326 40.01 -6.29 -8.10
N PRO D 327 40.76 -5.21 -7.85
CA PRO D 327 40.26 -4.04 -7.14
C PRO D 327 38.93 -3.53 -7.68
N PRO D 328 37.95 -3.28 -6.80
CA PRO D 328 36.57 -2.92 -7.12
C PRO D 328 36.40 -1.54 -7.76
N PHE D 329 37.51 -0.93 -8.18
CA PHE D 329 37.53 0.47 -8.60
C PHE D 329 37.20 0.69 -10.07
N ALA D 330 36.59 -0.30 -10.72
CA ALA D 330 36.36 -0.18 -12.18
C ALA D 330 35.07 -0.82 -12.69
N GLY D 331 34.31 -1.48 -11.81
CA GLY D 331 33.10 -2.19 -12.23
C GLY D 331 33.39 -3.42 -13.08
N GLN D 332 34.67 -3.69 -13.27
CA GLN D 332 35.09 -5.01 -13.63
C GLN D 332 34.95 -5.82 -12.34
N GLY D 333 34.77 -7.12 -12.51
CA GLY D 333 34.49 -7.98 -11.40
C GLY D 333 33.39 -8.88 -11.87
N VAL D 334 32.15 -8.49 -11.57
CA VAL D 334 31.02 -9.34 -11.87
C VAL D 334 30.95 -9.54 -13.36
N ASN D 335 31.32 -8.50 -14.10
CA ASN D 335 31.18 -8.49 -15.56
C ASN D 335 32.14 -9.46 -16.22
N SER D 336 33.43 -9.27 -15.98
CA SER D 336 34.44 -10.21 -16.46
C SER D 336 34.08 -11.63 -16.03
N GLY D 337 33.56 -11.76 -14.81
CA GLY D 337 33.20 -13.07 -14.25
C GLY D 337 32.03 -13.75 -14.94
N LEU D 338 31.07 -12.95 -15.39
CA LEU D 338 29.94 -13.47 -16.12
C LEU D 338 30.43 -13.89 -17.51
N VAL D 339 31.23 -13.05 -18.14
CA VAL D 339 31.88 -13.44 -19.39
C VAL D 339 32.56 -14.80 -19.23
N ASP D 340 33.20 -15.01 -18.09
CA ASP D 340 33.85 -16.26 -17.80
C ASP D 340 32.90 -17.41 -18.03
N ALA D 341 31.71 -17.29 -17.44
CA ALA D 341 30.71 -18.34 -17.54
C ALA D 341 30.28 -18.52 -18.96
N LEU D 342 30.04 -17.41 -19.65
CA LEU D 342 29.55 -17.45 -21.02
C LEU D 342 30.51 -18.24 -21.91
N ILE D 343 31.80 -18.04 -21.67
CA ILE D 343 32.83 -18.69 -22.48
C ILE D 343 33.02 -20.17 -22.12
N LEU D 344 33.30 -20.44 -20.85
CA LEU D 344 33.46 -21.82 -20.44
C LEU D 344 32.20 -22.63 -20.71
N SER D 345 31.02 -22.04 -20.52
CA SER D 345 29.78 -22.80 -20.74
C SER D 345 29.62 -23.18 -22.18
N ASP D 346 29.89 -22.23 -23.08
CA ASP D 346 29.84 -22.52 -24.49
C ASP D 346 30.80 -23.67 -24.77
N ASN D 347 32.05 -23.49 -24.39
CA ASN D 347 33.07 -24.50 -24.60
C ASN D 347 32.63 -25.88 -24.13
N LEU D 348 31.91 -25.92 -23.04
CA LEU D 348 31.50 -27.19 -22.47
C LEU D 348 30.25 -27.79 -23.11
N ALA D 349 29.73 -27.20 -24.18
CA ALA D 349 28.47 -27.70 -24.73
C ALA D 349 28.45 -27.86 -26.24
N ASP D 350 29.21 -27.01 -26.94
CA ASP D 350 29.15 -26.90 -28.40
C ASP D 350 29.59 -28.16 -29.14
N GLY D 351 30.52 -28.91 -28.52
CA GLY D 351 31.09 -30.10 -29.14
C GLY D 351 32.12 -29.76 -30.20
N LYS D 352 32.84 -28.66 -29.99
CA LYS D 352 33.90 -28.24 -30.91
C LYS D 352 35.28 -28.51 -30.26
N PHE D 353 35.28 -29.41 -29.28
CA PHE D 353 36.49 -29.81 -28.56
C PHE D 353 36.54 -31.32 -28.40
N ASN D 354 37.74 -31.88 -28.30
CA ASN D 354 37.92 -33.32 -28.29
C ASN D 354 37.89 -33.95 -26.88
N SER D 355 38.20 -33.16 -25.87
CA SER D 355 38.18 -33.61 -24.47
C SER D 355 37.89 -32.41 -23.56
N ILE D 356 37.37 -32.68 -22.36
CA ILE D 356 37.08 -31.64 -21.39
C ILE D 356 38.33 -30.79 -21.13
N GLU D 357 39.45 -31.47 -20.90
CA GLU D 357 40.75 -30.83 -20.74
C GLU D 357 40.94 -29.71 -21.77
N GLU D 358 40.77 -30.04 -23.05
CA GLU D 358 40.95 -29.07 -24.13
C GLU D 358 39.99 -27.91 -24.08
N ALA D 359 38.77 -28.14 -23.59
CA ALA D 359 37.71 -27.12 -23.59
C ALA D 359 37.96 -26.08 -22.53
N VAL D 360 38.40 -26.56 -21.36
CA VAL D 360 38.84 -25.73 -20.25
C VAL D 360 40.13 -25.02 -20.67
N LYS D 361 41.15 -25.78 -21.06
CA LYS D 361 42.43 -25.20 -21.45
C LYS D 361 42.27 -24.08 -22.47
N ASN D 362 41.16 -24.09 -23.20
CA ASN D 362 40.89 -23.04 -24.17
C ASN D 362 40.22 -21.81 -23.57
N TYR D 363 39.17 -22.03 -22.77
CA TYR D 363 38.52 -20.95 -22.01
C TYR D 363 39.59 -20.16 -21.24
N GLU D 364 40.48 -20.89 -20.57
CA GLU D 364 41.50 -20.27 -19.77
C GLU D 364 42.44 -19.35 -20.56
N GLN D 365 42.70 -19.69 -21.82
CA GLN D 365 43.49 -18.84 -22.71
C GLN D 365 42.83 -17.49 -22.90
N GLN D 366 41.54 -17.52 -23.24
CA GLN D 366 40.80 -16.29 -23.56
C GLN D 366 40.68 -15.43 -22.32
N MET D 367 40.41 -16.07 -21.17
CA MET D 367 40.24 -15.35 -19.91
C MET D 367 41.53 -14.67 -19.49
N PHE D 368 42.64 -15.39 -19.55
CA PHE D 368 43.94 -14.79 -19.29
C PHE D 368 44.21 -13.52 -20.13
N ILE D 369 43.41 -13.33 -21.18
CA ILE D 369 43.58 -12.15 -22.03
C ILE D 369 42.69 -10.98 -21.60
N TYR D 370 41.37 -11.12 -21.70
CA TYR D 370 40.50 -10.03 -21.24
C TYR D 370 40.58 -9.87 -19.74
N GLY D 371 41.01 -10.92 -19.07
CA GLY D 371 41.22 -10.90 -17.63
C GLY D 371 42.35 -10.00 -17.26
N LYS D 372 43.51 -10.24 -17.85
CA LYS D 372 44.67 -9.42 -17.56
C LYS D 372 44.37 -7.98 -17.91
N GLU D 373 43.62 -7.77 -18.99
CA GLU D 373 43.17 -6.46 -19.38
C GLU D 373 42.37 -5.77 -18.28
N ALA D 374 41.36 -6.48 -17.78
CA ALA D 374 40.48 -5.95 -16.73
C ALA D 374 41.27 -5.59 -15.50
N GLN D 375 42.24 -6.45 -15.16
CA GLN D 375 43.09 -6.22 -14.00
C GLN D 375 44.00 -5.02 -14.21
N GLU D 376 44.71 -5.01 -15.32
CA GLU D 376 45.58 -3.87 -15.60
C GLU D 376 44.78 -2.57 -15.48
N GLU D 377 43.58 -2.57 -16.05
CA GLU D 377 42.70 -1.42 -16.01
C GLU D 377 42.41 -1.01 -14.57
N SER D 378 42.02 -1.97 -13.74
CA SER D 378 41.57 -1.72 -12.37
C SER D 378 42.70 -1.25 -11.48
N THR D 379 43.83 -1.97 -11.57
CA THR D 379 45.06 -1.58 -10.90
C THR D 379 45.34 -0.14 -11.24
N GLN D 380 45.30 0.18 -12.54
CA GLN D 380 45.60 1.52 -13.04
C GLN D 380 44.68 2.59 -12.47
N ASN D 381 43.38 2.30 -12.42
CA ASN D 381 42.44 3.22 -11.83
C ASN D 381 42.72 3.40 -10.36
N GLU D 382 43.05 2.29 -9.71
CA GLU D 382 43.45 2.32 -8.32
C GLU D 382 44.56 3.34 -8.11
N ILE D 383 45.65 3.22 -8.86
CA ILE D 383 46.78 4.12 -8.67
C ILE D 383 46.38 5.58 -8.82
N GLU D 384 45.57 5.88 -9.83
CA GLU D 384 45.22 7.26 -10.16
C GLU D 384 44.40 7.96 -9.10
N MET D 385 43.43 7.24 -8.53
CA MET D 385 42.48 7.82 -7.59
C MET D 385 43.10 8.25 -6.26
N PHE D 386 44.09 7.50 -5.80
CA PHE D 386 44.74 7.76 -4.52
C PHE D 386 45.98 8.64 -4.64
N LYS D 387 46.36 8.96 -5.88
CA LYS D 387 47.38 9.98 -6.15
C LYS D 387 46.96 11.24 -5.41
N PRO D 388 47.91 11.92 -4.73
CA PRO D 388 47.64 13.04 -3.84
C PRO D 388 46.46 13.92 -4.27
N ASP D 389 46.54 14.45 -5.50
CA ASP D 389 45.59 15.43 -6.02
C ASP D 389 44.72 14.82 -7.14
N PHE D 390 43.60 14.22 -6.74
CA PHE D 390 42.71 13.55 -7.68
C PHE D 390 41.35 14.22 -7.67
N THR D 391 40.77 14.37 -8.86
CA THR D 391 39.34 14.65 -9.02
C THR D 391 38.75 13.73 -10.06
N PHE D 392 37.53 13.28 -9.81
CA PHE D 392 36.78 12.47 -10.78
C PHE D 392 36.48 13.30 -12.06
N GLN D 393 36.88 14.56 -12.05
CA GLN D 393 36.72 15.44 -13.22
C GLN D 393 38.07 15.97 -13.71
#